data_1XJN
#
_entry.id   1XJN
#
_cell.length_a   105.970
_cell.length_b   123.830
_cell.length_c   117.410
_cell.angle_alpha   90.00
_cell.angle_beta   104.02
_cell.angle_gamma   90.00
#
_symmetry.space_group_name_H-M   'P 1 21 1'
#
loop_
_entity.id
_entity.type
_entity.pdbx_description
1 polymer 'ribonucleotide reductase, B12-dependent'
2 non-polymer "CYTIDINE-5'-DIPHOSPHATE"
3 non-polymer "2'-DEOXYADENOSINE 5'-TRIPHOSPHATE"
4 non-polymer 'CHLORIDE ION'
5 water water
#
_entity_poly.entity_id   1
_entity_poly.type   'polypeptide(L)'
_entity_poly.pdbx_seq_one_letter_code
;MKLSDLISRWIDVEPSKNAQIILRDRYFMKDLDGNYLETKWEDVARRVARVVATAELLNPSYKKNEKLDRIKEWEDIFFR
VLKARLFIPNSPTLFNAGLGVKHDLLWKPIDQMTLEDYEEIYRSRNHLHMLSACFVVPVGDSIEEIFEAVKEYALITKVG
GGVGSNFSELRPKGSFVAGTHGKASGPVSFMHVFNSAISVVKQGSRRRGALMGILNINHPDIEEFIDAKKENTGEAVLNF
FNLSVGFPMDKKEILKLYEEDGELELSHPRSTIRKKVKIRELFRKIATNAWKSGDPGLAFLGEMNKYYPLYPHRKINSTN
PCGEIGLSDYEACNLGSIDVAKFYNNGFVDLEALQELVQIAVRFLDNVIDVNVFPIDKITKAVKESRRLGLGIMGFADLL
YKLEIPYNSQEARDFAANLMAFIALHAHRTSYELGKEKGNFPLLEISRYRTEDNFVPFAMGMSNYDDEIREVMKMTKEFR
RNVALLTIAPTGSISNIADTSSGLEPNFLLAYTRFVTKEDGTKEPLLYVNQVLREKLNPEILKRIEKELIEKGSLKDIPD
VPEKIKKVFVVALDIDPMDHLLMQDAFQRYVDNNISKTINMPQSATVDDVLNVYLEALRTNVRGITVYRDGSLQTQVLTK
ALKT
;
_entity_poly.pdbx_strand_id   A,B,C,D
#
# COMPACT_ATOMS: atom_id res chain seq x y z
N MET A 1 -1.60 10.89 74.30
CA MET A 1 -1.80 9.47 74.71
C MET A 1 -1.68 8.49 73.53
N LYS A 2 -1.36 7.24 73.82
CA LYS A 2 -1.23 6.25 72.78
C LYS A 2 -2.60 6.03 72.07
N LEU A 3 -2.65 5.88 70.75
CA LEU A 3 -3.93 5.58 70.05
C LEU A 3 -4.72 4.38 70.68
N SER A 4 -3.99 3.31 71.00
CA SER A 4 -4.29 2.22 71.97
C SER A 4 -5.33 2.59 72.98
N ASP A 5 -4.94 3.57 73.79
CA ASP A 5 -5.66 3.89 74.99
C ASP A 5 -6.86 4.77 74.71
N LEU A 6 -6.81 5.53 73.61
CA LEU A 6 -8.03 6.25 73.13
C LEU A 6 -9.02 5.24 72.52
N ILE A 7 -8.50 4.26 71.80
CA ILE A 7 -9.36 3.17 71.30
C ILE A 7 -10.17 2.55 72.45
N SER A 8 -9.47 2.23 73.54
CA SER A 8 -10.10 1.70 74.77
C SER A 8 -11.25 2.49 75.31
N ARG A 9 -11.15 3.82 75.24
CA ARG A 9 -12.17 4.67 75.79
C ARG A 9 -13.36 4.79 74.89
N TRP A 10 -13.25 4.31 73.65
CA TRP A 10 -14.37 4.41 72.70
C TRP A 10 -14.92 3.08 72.18
N ILE A 11 -14.17 2.00 72.32
CA ILE A 11 -14.51 0.77 71.60
C ILE A 11 -15.79 0.08 72.10
N ASP A 12 -16.12 0.31 73.36
CA ASP A 12 -17.30 -0.28 73.97
C ASP A 12 -18.42 0.74 74.03
N VAL A 13 -18.21 1.91 73.44
CA VAL A 13 -19.28 2.92 73.42
C VAL A 13 -20.11 2.67 72.20
N GLU A 14 -21.37 2.24 72.42
CA GLU A 14 -22.29 1.91 71.35
C GLU A 14 -22.88 3.17 70.68
N PRO A 15 -23.24 3.08 69.40
CA PRO A 15 -23.94 4.23 68.78
C PRO A 15 -25.26 4.54 69.47
N SER A 16 -25.63 5.82 69.48
CA SER A 16 -26.90 6.23 69.98
C SER A 16 -28.05 5.56 69.24
N LYS A 17 -29.25 5.58 69.82
CA LYS A 17 -30.43 4.99 69.18
C LYS A 17 -30.73 5.63 67.83
N ASN A 18 -30.42 6.92 67.70
CA ASN A 18 -30.52 7.62 66.42
C ASN A 18 -29.59 7.07 65.33
N ALA A 19 -28.33 6.86 65.67
CA ALA A 19 -27.39 6.27 64.75
C ALA A 19 -27.83 4.83 64.39
N GLN A 20 -28.31 4.08 65.39
CA GLN A 20 -28.76 2.71 65.11
C GLN A 20 -29.90 2.61 64.10
N ILE A 21 -30.85 3.55 64.11
CA ILE A 21 -31.92 3.60 63.10
C ILE A 21 -31.41 3.78 61.69
N ILE A 22 -30.42 4.65 61.55
CA ILE A 22 -29.77 4.95 60.27
C ILE A 22 -29.08 3.68 59.78
N LEU A 23 -28.39 3.01 60.69
CA LEU A 23 -27.65 1.80 60.40
C LEU A 23 -28.50 0.62 59.93
N ARG A 24 -29.59 0.34 60.62
CA ARG A 24 -30.46 -0.74 60.14
C ARG A 24 -31.26 -0.39 58.89
N ASP A 25 -31.75 0.84 58.80
CA ASP A 25 -32.31 1.36 57.56
C ASP A 25 -31.42 1.17 56.37
N ARG A 26 -30.12 1.44 56.52
CA ARG A 26 -29.33 1.68 55.32
C ARG A 26 -28.06 0.87 55.17
N TYR A 27 -27.41 0.54 56.29
CA TYR A 27 -26.03 0.04 56.31
C TYR A 27 -25.85 -1.45 56.55
N PHE A 28 -26.60 -2.01 57.51
CA PHE A 28 -26.61 -3.46 57.82
C PHE A 28 -26.98 -4.27 56.61
N MET A 29 -26.13 -5.23 56.28
CA MET A 29 -26.32 -6.00 55.09
C MET A 29 -27.51 -6.93 55.30
N LYS A 30 -28.19 -7.27 54.23
CA LYS A 30 -29.40 -8.11 54.30
C LYS A 30 -29.33 -9.45 53.48
N LEU A 32 -31.84 -11.86 51.80
CA LEU A 32 -32.72 -12.63 50.88
C LEU A 32 -33.72 -13.56 51.61
N ASP A 33 -35.01 -13.22 51.64
CA ASP A 33 -35.58 -12.07 50.92
C ASP A 33 -35.69 -10.93 51.93
N GLY A 34 -34.54 -10.33 52.26
CA GLY A 34 -34.50 -9.15 53.13
C GLY A 34 -34.28 -9.44 54.61
N ASN A 35 -33.52 -10.50 54.91
CA ASN A 35 -33.11 -10.82 56.27
C ASN A 35 -31.74 -10.24 56.62
N TYR A 36 -31.63 -9.64 57.81
CA TYR A 36 -30.36 -9.05 58.33
C TYR A 36 -29.23 -10.04 58.53
N LEU A 37 -28.13 -9.82 57.82
CA LEU A 37 -26.88 -10.51 58.09
C LEU A 37 -26.02 -9.75 59.15
N GLU A 38 -26.44 -8.53 59.48
CA GLU A 38 -25.71 -7.68 60.41
C GLU A 38 -26.72 -7.00 61.27
N THR A 39 -26.47 -6.91 62.56
CA THR A 39 -27.45 -6.27 63.50
C THR A 39 -26.79 -5.23 64.42
N LYS A 40 -25.46 -5.16 64.39
CA LYS A 40 -24.73 -4.21 65.19
C LYS A 40 -23.67 -3.55 64.33
N TRP A 41 -23.34 -2.29 64.65
CA TRP A 41 -22.23 -1.60 64.05
C TRP A 41 -20.89 -2.37 64.06
N GLU A 42 -20.62 -3.09 65.15
CA GLU A 42 -19.53 -4.06 65.21
C GLU A 42 -19.48 -4.95 63.98
N ASP A 43 -20.64 -5.40 63.50
CA ASP A 43 -20.77 -6.23 62.31
C ASP A 43 -20.28 -5.53 61.04
N VAL A 44 -20.77 -4.31 60.80
CA VAL A 44 -20.25 -3.44 59.73
C VAL A 44 -18.73 -3.30 59.85
N ALA A 45 -18.24 -2.90 61.03
CA ALA A 45 -16.81 -2.63 61.21
C ALA A 45 -16.00 -3.86 60.81
N ARG A 46 -16.50 -5.05 61.19
CA ARG A 46 -15.78 -6.31 60.95
C ARG A 46 -15.62 -6.61 59.44
N ARG A 47 -16.77 -6.66 58.76
CA ARG A 47 -16.82 -6.89 57.31
C ARG A 47 -15.94 -5.89 56.54
N VAL A 48 -16.07 -4.60 56.85
CA VAL A 48 -15.25 -3.57 56.18
C VAL A 48 -13.73 -3.71 56.51
N ALA A 49 -13.39 -3.84 57.80
CA ALA A 49 -12.02 -4.12 58.25
C ALA A 49 -11.37 -5.27 57.49
N ARG A 50 -12.04 -6.42 57.48
CA ARG A 50 -11.55 -7.64 56.82
C ARG A 50 -11.32 -7.48 55.33
N VAL A 51 -12.24 -6.81 54.64
CA VAL A 51 -12.16 -6.54 53.19
C VAL A 51 -11.09 -5.51 52.79
N VAL A 52 -10.98 -4.42 53.56
CA VAL A 52 -9.91 -3.45 53.28
C VAL A 52 -8.54 -4.07 53.62
N ALA A 53 -8.48 -4.86 54.68
CA ALA A 53 -7.27 -5.52 55.04
C ALA A 53 -6.82 -6.50 53.94
N THR A 54 -7.76 -7.23 53.29
CA THR A 54 -7.33 -8.16 52.24
C THR A 54 -6.48 -7.52 51.14
N ALA A 55 -6.41 -6.20 51.06
CA ALA A 55 -5.53 -5.53 50.07
C ALA A 55 -4.04 -5.75 50.38
N GLU A 56 -3.74 -6.18 51.61
CA GLU A 56 -2.36 -6.43 52.01
C GLU A 56 -1.79 -7.69 51.33
N LEU A 57 -2.66 -8.48 50.70
CA LEU A 57 -2.27 -9.56 49.77
C LEU A 57 -1.39 -9.08 48.63
N LEU A 58 -1.56 -7.83 48.27
CA LEU A 58 -0.92 -7.27 47.10
C LEU A 58 0.38 -6.58 47.43
N ASN A 59 0.74 -6.58 48.72
CA ASN A 59 1.90 -5.87 49.23
C ASN A 59 3.21 -6.55 48.81
N PRO A 60 3.98 -5.89 47.93
CA PRO A 60 5.21 -6.53 47.46
C PRO A 60 6.27 -6.66 48.56
N SER A 61 6.13 -5.91 49.65
CA SER A 61 7.16 -5.93 50.66
C SER A 61 6.94 -7.03 51.72
N TYR A 62 5.82 -7.75 51.61
CA TYR A 62 5.54 -8.89 52.47
C TYR A 62 5.90 -10.22 51.77
N LYS A 63 6.60 -11.08 52.52
CA LYS A 63 6.91 -12.44 52.06
C LYS A 63 5.77 -13.38 52.42
N LYS A 64 5.59 -14.45 51.64
CA LYS A 64 4.40 -15.36 51.70
C LYS A 64 4.06 -15.87 53.11
N ASN A 65 5.07 -16.40 53.79
CA ASN A 65 5.06 -16.55 55.24
C ASN A 65 4.98 -15.16 55.82
N GLU A 66 4.18 -14.93 56.86
CA GLU A 66 4.00 -13.57 57.43
C GLU A 66 2.77 -12.85 56.86
N LYS A 67 2.46 -13.04 55.58
CA LYS A 67 1.28 -12.42 54.97
C LYS A 67 -0.02 -12.54 55.75
N LEU A 68 -0.36 -13.72 56.23
CA LEU A 68 -1.53 -13.94 57.09
C LEU A 68 -1.40 -13.15 58.40
N ASP A 69 -0.20 -13.16 58.99
CA ASP A 69 0.08 -12.42 60.24
C ASP A 69 -0.16 -10.95 59.97
N ARG A 70 0.53 -10.44 58.97
CA ARG A 70 0.48 -9.06 58.56
C ARG A 70 -0.94 -8.60 58.23
N ILE A 71 -1.72 -9.43 57.54
CA ILE A 71 -3.09 -9.09 57.14
C ILE A 71 -4.00 -8.99 58.36
N LYS A 72 -3.89 -9.95 59.27
CA LYS A 72 -4.74 -9.99 60.47
C LYS A 72 -4.46 -8.80 61.35
N GLU A 73 -3.21 -8.36 61.35
CA GLU A 73 -2.81 -7.21 62.16
C GLU A 73 -3.56 -5.95 61.66
N TRP A 74 -3.50 -5.73 60.35
CA TRP A 74 -4.25 -4.66 59.72
C TRP A 74 -5.75 -4.82 59.85
N GLU A 75 -6.32 -6.01 59.70
CA GLU A 75 -7.75 -6.18 59.97
C GLU A 75 -8.13 -5.68 61.38
N ASP A 76 -7.36 -6.11 62.38
CA ASP A 76 -7.67 -5.79 63.78
C ASP A 76 -7.57 -4.30 64.09
N ILE A 77 -6.54 -3.60 63.62
CA ILE A 77 -6.48 -2.13 63.85
C ILE A 77 -7.64 -1.41 63.11
N PHE A 78 -7.80 -1.77 61.84
CA PHE A 78 -8.88 -1.25 61.01
C PHE A 78 -10.17 -1.43 61.76
N PHE A 79 -10.39 -2.63 62.26
CA PHE A 79 -11.62 -2.93 62.96
C PHE A 79 -11.73 -2.09 64.23
N ARG A 80 -10.60 -1.92 64.91
CA ARG A 80 -10.60 -1.18 66.16
C ARG A 80 -10.90 0.28 66.03
N VAL A 81 -10.28 0.95 65.05
CA VAL A 81 -10.60 2.38 64.75
C VAL A 81 -12.00 2.58 64.20
N LEU A 82 -12.44 1.62 63.37
CA LEU A 82 -13.80 1.59 62.88
C LEU A 82 -14.81 1.37 63.96
N LYS A 83 -14.74 0.27 64.71
CA LYS A 83 -15.71 0.05 65.79
C LYS A 83 -15.81 1.21 66.82
N ALA A 84 -14.67 1.76 67.22
CA ALA A 84 -14.54 2.94 68.11
C ALA A 84 -15.13 4.23 67.54
N ARG A 85 -15.29 4.27 66.21
CA ARG A 85 -15.81 5.42 65.43
C ARG A 85 -14.89 6.67 65.46
N LEU A 86 -13.60 6.43 65.46
CA LEU A 86 -12.60 7.51 65.42
C LEU A 86 -12.38 7.91 63.92
N PHE A 87 -12.62 6.96 63.03
CA PHE A 87 -12.49 7.15 61.59
C PHE A 87 -13.54 6.31 60.92
N ILE A 88 -14.25 6.89 59.93
CA ILE A 88 -15.25 6.15 59.16
C ILE A 88 -15.09 6.49 57.69
N PRO A 89 -14.97 5.45 56.82
CA PRO A 89 -14.94 5.75 55.36
C PRO A 89 -16.27 6.25 54.75
N ASN A 90 -16.21 6.83 53.57
CA ASN A 90 -17.45 7.23 52.90
C ASN A 90 -18.51 6.07 52.85
N SER A 91 -19.79 6.39 52.90
CA SER A 91 -20.87 5.39 52.80
C SER A 91 -20.70 4.19 51.83
N PRO A 92 -20.35 4.42 50.54
CA PRO A 92 -20.18 3.27 49.63
C PRO A 92 -19.23 2.16 50.15
N THR A 93 -18.21 2.52 50.90
CA THR A 93 -17.38 1.50 51.54
C THR A 93 -18.16 0.70 52.56
N LEU A 94 -18.97 1.38 53.37
CA LEU A 94 -19.82 0.72 54.32
C LEU A 94 -20.90 -0.15 53.62
N PHE A 95 -21.57 0.39 52.61
CA PHE A 95 -22.60 -0.34 51.87
C PHE A 95 -22.09 -1.61 51.19
N ASN A 96 -20.98 -1.49 50.46
CA ASN A 96 -20.67 -2.42 49.39
C ASN A 96 -19.52 -3.36 49.63
N ALA A 97 -18.75 -3.13 50.70
CA ALA A 97 -17.62 -3.96 51.01
C ALA A 97 -18.09 -5.40 51.26
N GLY A 98 -17.50 -6.31 50.51
CA GLY A 98 -17.79 -7.73 50.65
C GLY A 98 -18.91 -8.21 49.76
N LEU A 99 -19.37 -7.40 48.79
CA LEU A 99 -20.47 -7.83 47.95
C LEU A 99 -19.94 -8.84 46.98
N GLY A 100 -20.58 -10.00 46.92
CA GLY A 100 -20.12 -11.09 46.07
C GLY A 100 -19.39 -12.17 46.83
N VAL A 101 -18.97 -11.87 48.07
CA VAL A 101 -18.20 -12.76 48.94
C VAL A 101 -19.16 -13.65 49.72
N LYS A 102 -18.79 -14.94 49.91
CA LYS A 102 -19.67 -15.91 50.65
C LYS A 102 -19.89 -15.46 52.12
N HIS A 103 -21.13 -15.39 52.59
CA HIS A 103 -21.37 -14.91 53.97
C HIS A 103 -20.62 -15.65 55.08
N ASP A 104 -20.16 -16.87 54.82
CA ASP A 104 -19.41 -17.50 55.89
C ASP A 104 -18.05 -16.84 56.17
N LEU A 105 -17.58 -15.97 55.27
CA LEU A 105 -16.21 -15.39 55.37
C LEU A 105 -16.10 -13.95 55.89
N LEU A 106 -17.18 -13.18 55.83
CA LEU A 106 -17.13 -11.76 56.13
C LEU A 106 -17.16 -11.43 57.64
N TRP A 107 -17.73 -12.33 58.45
CA TRP A 107 -17.86 -12.09 59.89
C TRP A 107 -17.15 -13.14 60.75
N LYS A 108 -16.75 -14.23 60.14
CA LYS A 108 -15.96 -15.28 60.76
C LYS A 108 -14.90 -14.76 61.77
N PRO A 109 -14.83 -15.39 62.97
CA PRO A 109 -13.73 -15.00 63.88
C PRO A 109 -12.35 -14.98 63.21
N ILE A 110 -11.62 -13.91 63.46
CA ILE A 110 -10.30 -13.76 62.85
C ILE A 110 -9.37 -14.95 63.13
N ASP A 111 -9.62 -15.66 64.26
CA ASP A 111 -9.01 -16.95 64.70
C ASP A 111 -9.00 -17.98 63.60
N GLN A 112 -10.11 -18.08 62.91
CA GLN A 112 -10.35 -19.12 61.93
C GLN A 112 -10.02 -18.63 60.54
N MET A 113 -9.53 -17.40 60.39
CA MET A 113 -9.13 -16.94 59.06
C MET A 113 -7.80 -17.56 58.62
N THR A 114 -7.84 -18.28 57.50
CA THR A 114 -6.62 -18.79 56.85
C THR A 114 -6.17 -17.83 55.76
N LEU A 115 -4.97 -18.00 55.22
CA LEU A 115 -4.52 -17.18 54.08
C LEU A 115 -5.32 -17.45 52.79
N GLU A 116 -5.85 -18.65 52.62
CA GLU A 116 -6.68 -18.88 51.45
C GLU A 116 -8.10 -18.32 51.63
N ASP A 117 -8.48 -17.98 52.86
CA ASP A 117 -9.73 -17.27 53.11
C ASP A 117 -9.67 -15.80 52.63
N TYR A 118 -8.55 -15.12 52.86
CA TYR A 118 -8.31 -13.79 52.30
C TYR A 118 -8.18 -13.81 50.79
N GLU A 119 -7.57 -14.85 50.26
CA GLU A 119 -7.44 -14.99 48.83
C GLU A 119 -8.80 -15.18 48.20
N GLU A 120 -9.65 -15.96 48.86
CA GLU A 120 -11.03 -16.13 48.43
C GLU A 120 -11.81 -14.83 48.53
N ILE A 121 -11.59 -14.04 49.61
CA ILE A 121 -12.19 -12.72 49.65
C ILE A 121 -11.74 -11.87 48.46
N TYR A 122 -10.43 -11.82 48.19
CA TYR A 122 -9.98 -10.97 47.10
C TYR A 122 -10.65 -11.31 45.75
N ARG A 123 -10.78 -12.58 45.44
CA ARG A 123 -11.23 -12.96 44.06
C ARG A 123 -12.73 -13.06 43.91
N SER A 124 -13.47 -13.10 45.02
CA SER A 124 -14.94 -13.10 44.94
C SER A 124 -15.70 -11.75 44.94
N ARG A 125 -14.95 -10.65 44.91
CA ARG A 125 -15.56 -9.28 44.89
C ARG A 125 -16.25 -9.08 43.54
N ASN A 126 -17.55 -8.87 43.56
CA ASN A 126 -18.33 -8.81 42.32
C ASN A 126 -18.33 -7.39 41.68
N HIS A 127 -19.09 -7.25 40.59
CA HIS A 127 -19.16 -6.07 39.77
C HIS A 127 -19.83 -4.86 40.49
N LEU A 128 -20.50 -5.13 41.59
CA LEU A 128 -21.11 -4.14 42.48
C LEU A 128 -20.23 -3.70 43.69
N HIS A 129 -18.98 -4.19 43.80
CA HIS A 129 -18.14 -3.90 44.97
C HIS A 129 -17.48 -2.54 44.79
N MET A 130 -18.29 -1.47 44.81
CA MET A 130 -17.82 -0.12 44.50
C MET A 130 -17.76 0.64 45.82
N LEU A 131 -16.54 1.00 46.20
CA LEU A 131 -16.30 1.57 47.53
C LEU A 131 -16.01 3.04 47.65
N SER A 132 -16.18 3.80 46.56
CA SER A 132 -15.77 5.22 46.40
C SER A 132 -16.91 6.16 46.12
N ALA A 133 -16.95 7.34 46.71
CA ALA A 133 -18.13 8.21 46.52
C ALA A 133 -18.14 9.14 45.31
N CYS A 134 -16.97 9.50 44.75
CA CYS A 134 -16.80 10.74 43.93
C CYS A 134 -16.29 10.44 42.55
N PHE A 135 -16.97 10.91 41.50
CA PHE A 135 -16.55 10.61 40.09
C PHE A 135 -16.76 11.86 39.25
N VAL A 136 -15.94 11.96 38.20
CA VAL A 136 -16.14 12.92 37.10
C VAL A 136 -16.01 12.16 35.79
N VAL A 137 -16.96 12.39 34.91
CA VAL A 137 -16.83 11.96 33.52
C VAL A 137 -16.94 13.15 32.56
N PRO A 138 -16.23 13.07 31.40
CA PRO A 138 -16.42 14.11 30.35
C PRO A 138 -17.73 13.94 29.55
N VAL A 139 -18.21 15.03 28.95
CA VAL A 139 -19.38 15.06 28.02
C VAL A 139 -18.94 15.79 26.74
N GLY A 140 -18.33 15.01 25.84
CA GLY A 140 -17.87 15.44 24.50
C GLY A 140 -19.01 15.93 23.59
N ASP A 141 -18.65 16.77 22.62
CA ASP A 141 -19.56 17.43 21.71
C ASP A 141 -20.03 16.55 20.53
N SER A 142 -20.65 15.39 20.84
CA SER A 142 -21.24 14.53 19.80
C SER A 142 -22.35 13.76 20.46
N ILE A 143 -23.37 13.37 19.67
CA ILE A 143 -24.48 12.57 20.18
C ILE A 143 -23.93 11.25 20.80
N GLU A 144 -22.98 10.62 20.11
CA GLU A 144 -22.28 9.42 20.65
C GLU A 144 -21.75 9.62 22.05
N GLU A 145 -21.00 10.71 22.26
CA GLU A 145 -20.28 10.90 23.53
C GLU A 145 -21.22 11.38 24.64
N ILE A 146 -22.22 12.16 24.28
CA ILE A 146 -23.24 12.60 25.21
C ILE A 146 -23.97 11.41 25.79
N PHE A 147 -24.35 10.47 24.93
CA PHE A 147 -25.23 9.38 25.37
C PHE A 147 -24.44 8.23 26.02
N GLU A 148 -23.15 8.11 25.68
CA GLU A 148 -22.22 7.25 26.43
C GLU A 148 -22.07 7.79 27.84
N ALA A 149 -22.16 9.11 27.97
CA ALA A 149 -22.01 9.73 29.25
C ALA A 149 -23.26 9.59 30.13
N VAL A 150 -24.46 9.74 29.56
CA VAL A 150 -25.70 9.36 30.22
C VAL A 150 -25.66 7.90 30.68
N LYS A 151 -25.30 6.96 29.79
CA LYS A 151 -25.04 5.59 30.26
C LYS A 151 -24.10 5.54 31.46
N GLU A 152 -22.92 6.16 31.36
CA GLU A 152 -21.96 6.28 32.48
C GLU A 152 -22.50 6.82 33.77
N TYR A 153 -23.30 7.89 33.71
CA TYR A 153 -24.02 8.37 34.87
C TYR A 153 -24.87 7.27 35.50
N ALA A 154 -25.68 6.61 34.70
CA ALA A 154 -26.58 5.56 35.22
C ALA A 154 -25.75 4.41 35.83
N LEU A 155 -24.67 4.00 35.17
CA LEU A 155 -23.81 2.91 35.73
C LEU A 155 -23.13 3.33 37.06
N ILE A 156 -22.64 4.56 37.12
CA ILE A 156 -22.00 5.06 38.33
C ILE A 156 -23.01 5.16 39.45
N THR A 157 -24.17 5.70 39.16
CA THR A 157 -25.23 5.88 40.14
C THR A 157 -25.75 4.59 40.69
N LYS A 158 -26.11 3.70 39.79
CA LYS A 158 -26.51 2.34 40.15
C LYS A 158 -25.56 1.78 41.25
N VAL A 159 -24.27 1.98 41.12
CA VAL A 159 -23.32 1.30 42.05
C VAL A 159 -23.07 2.12 43.32
N GLY A 160 -23.68 3.32 43.42
CA GLY A 160 -23.51 4.14 44.63
C GLY A 160 -22.49 5.27 44.51
N GLY A 161 -22.10 5.68 43.30
CA GLY A 161 -21.26 6.89 43.09
C GLY A 161 -22.08 8.18 42.91
N GLY A 162 -21.50 9.32 43.29
CA GLY A 162 -22.03 10.63 42.90
C GLY A 162 -21.09 11.17 41.80
N VAL A 163 -21.67 11.68 40.72
CA VAL A 163 -20.92 12.05 39.54
C VAL A 163 -21.21 13.47 39.11
N GLY A 164 -20.17 14.09 38.57
CA GLY A 164 -20.30 15.43 37.97
C GLY A 164 -19.63 15.56 36.61
N SER A 165 -20.05 16.56 35.87
CA SER A 165 -19.43 16.92 34.58
C SER A 165 -19.46 18.42 34.33
N ASN A 166 -18.50 18.83 33.53
CA ASN A 166 -18.49 20.15 32.94
C ASN A 166 -19.13 19.94 31.57
N PHE A 167 -20.23 20.64 31.31
CA PHE A 167 -20.93 20.53 30.07
C PHE A 167 -20.49 21.55 29.02
N SER A 168 -19.37 22.24 29.24
CA SER A 168 -19.00 23.36 28.36
C SER A 168 -18.55 22.91 26.97
N GLU A 169 -18.22 21.62 26.80
CA GLU A 169 -17.83 21.17 25.45
C GLU A 169 -19.05 21.24 24.49
N LEU A 170 -20.26 21.09 25.01
CA LEU A 170 -21.44 21.11 24.19
C LEU A 170 -21.66 22.47 23.55
N ARG A 171 -21.70 22.49 22.22
CA ARG A 171 -21.89 23.75 21.46
C ARG A 171 -23.21 24.37 21.84
N PRO A 172 -23.30 25.73 21.82
CA PRO A 172 -24.50 26.45 22.25
C PRO A 172 -25.74 26.06 21.47
N LYS A 173 -26.89 26.23 22.10
CA LYS A 173 -28.21 26.04 21.50
C LYS A 173 -28.27 26.77 20.19
N GLY A 174 -28.89 26.16 19.17
CA GLY A 174 -29.10 26.86 17.90
C GLY A 174 -27.84 27.03 17.09
N SER A 175 -26.77 26.30 17.46
CA SER A 175 -25.53 26.17 16.66
C SER A 175 -25.71 25.23 15.47
N PHE A 176 -24.93 25.46 14.42
CA PHE A 176 -24.88 24.64 13.19
C PHE A 176 -24.40 23.21 13.45
N VAL A 177 -25.19 22.23 13.00
CA VAL A 177 -24.82 20.80 13.04
C VAL A 177 -24.81 20.21 11.61
N ALA A 178 -23.70 19.60 11.19
CA ALA A 178 -23.63 18.80 9.94
C ALA A 178 -24.92 17.98 9.56
N GLY A 179 -25.87 17.82 10.51
CA GLY A 179 -27.28 17.36 10.29
C GLY A 179 -27.97 17.92 9.03
N THR A 180 -29.30 18.04 8.92
CA THR A 180 -30.40 18.24 9.89
C THR A 180 -30.77 19.73 9.98
N GLY A 182 -32.74 21.00 11.98
CA GLY A 182 -32.27 20.68 13.33
C GLY A 182 -31.63 21.88 14.02
N LYS A 183 -30.31 21.78 14.26
CA LYS A 183 -29.49 22.72 15.08
C LYS A 183 -29.41 22.34 16.57
N ALA A 184 -28.23 22.52 17.15
CA ALA A 184 -27.84 21.91 18.41
C ALA A 184 -28.76 22.27 19.54
N SER A 185 -29.19 21.29 20.32
CA SER A 185 -30.05 21.61 21.47
C SER A 185 -29.35 22.52 22.49
N GLY A 186 -28.02 22.40 22.61
CA GLY A 186 -27.28 23.14 23.65
C GLY A 186 -27.19 22.36 24.96
N PRO A 187 -26.21 22.69 25.83
CA PRO A 187 -25.98 21.88 27.06
C PRO A 187 -27.20 21.79 27.97
N VAL A 188 -27.91 22.89 28.19
CA VAL A 188 -28.96 22.88 29.19
C VAL A 188 -30.00 21.86 28.83
N SER A 189 -30.35 21.79 27.56
CA SER A 189 -31.37 20.86 27.19
C SER A 189 -30.85 19.36 27.18
N PHE A 190 -29.57 19.15 26.89
CA PHE A 190 -29.04 17.81 27.05
C PHE A 190 -28.96 17.44 28.52
N MET A 191 -28.69 18.41 29.43
CA MET A 191 -28.63 18.10 30.85
C MET A 191 -29.92 17.45 31.40
N HIS A 192 -31.06 17.72 30.74
CA HIS A 192 -32.35 17.11 31.09
C HIS A 192 -32.32 15.60 30.89
N VAL A 193 -31.63 15.12 29.86
CA VAL A 193 -31.50 13.65 29.71
C VAL A 193 -30.81 13.00 30.88
N PHE A 194 -29.70 13.62 31.37
CA PHE A 194 -28.94 13.14 32.54
C PHE A 194 -29.84 13.18 33.82
N ASN A 195 -30.62 14.25 33.97
CA ASN A 195 -31.57 14.35 35.07
C ASN A 195 -32.63 13.26 34.99
N SER A 196 -33.20 13.10 33.81
CA SER A 196 -34.18 12.07 33.58
C SER A 196 -33.64 10.67 33.90
N ALA A 197 -32.39 10.43 33.58
CA ALA A 197 -31.76 9.14 33.88
C ALA A 197 -31.59 8.86 35.39
N ILE A 198 -31.15 9.85 36.17
CA ILE A 198 -30.93 9.64 37.62
C ILE A 198 -32.29 9.52 38.33
N SER A 199 -33.32 10.13 37.76
CA SER A 199 -34.66 10.04 38.28
C SER A 199 -35.21 8.60 38.34
N VAL A 200 -34.69 7.70 37.50
CA VAL A 200 -35.10 6.29 37.46
C VAL A 200 -34.07 5.33 38.01
N VAL A 201 -32.90 5.83 38.37
CA VAL A 201 -31.87 4.98 38.96
C VAL A 201 -31.78 5.38 40.41
N LYS A 202 -32.57 4.69 41.23
CA LYS A 202 -32.81 5.04 42.61
C LYS A 202 -31.78 4.39 43.55
N GLN A 203 -30.78 5.18 43.97
CA GLN A 203 -29.78 4.77 45.01
C GLN A 203 -30.46 4.67 46.39
N GLY A 204 -30.93 3.47 46.74
CA GLY A 204 -31.73 3.22 47.94
C GLY A 204 -33.20 3.51 47.71
N GLY A 209 -28.67 16.18 46.81
CA GLY A 209 -28.52 16.94 45.53
C GLY A 209 -27.96 16.14 44.33
N ALA A 210 -27.24 15.03 44.58
CA ALA A 210 -26.98 13.93 43.62
C ALA A 210 -25.97 14.04 42.44
N LEU A 211 -26.10 15.07 41.62
CA LEU A 211 -25.17 15.25 40.47
C LEU A 211 -24.64 16.65 40.48
N MET A 212 -23.44 16.84 39.92
CA MET A 212 -22.87 18.15 39.77
C MET A 212 -22.81 18.40 38.27
N GLY A 213 -23.37 19.53 37.89
CA GLY A 213 -23.23 20.00 36.53
C GLY A 213 -22.66 21.41 36.52
N ILE A 214 -21.57 21.59 35.80
CA ILE A 214 -20.81 22.85 35.69
C ILE A 214 -20.87 23.37 34.22
N LEU A 215 -21.08 24.67 34.04
CA LEU A 215 -20.89 25.31 32.75
C LEU A 215 -20.04 26.54 33.02
N ASN A 216 -19.04 26.73 32.17
CA ASN A 216 -18.05 27.78 32.32
C ASN A 216 -18.61 29.15 31.98
N ILE A 217 -18.01 30.13 32.64
CA ILE A 217 -18.51 31.51 32.66
C ILE A 217 -18.55 32.13 31.25
N ASN A 218 -17.68 31.68 30.35
CA ASN A 218 -17.69 32.22 29.00
C ASN A 218 -18.41 31.41 27.95
N HIS A 219 -19.18 30.41 28.36
CA HIS A 219 -20.04 29.67 27.45
C HIS A 219 -21.23 30.57 27.01
N PRO A 220 -21.52 30.65 25.70
CA PRO A 220 -22.66 31.56 25.28
C PRO A 220 -24.03 31.26 25.93
N ASP A 221 -24.26 30.04 26.41
CA ASP A 221 -25.52 29.64 27.09
C ASP A 221 -25.56 29.86 28.63
N ILE A 222 -24.45 30.39 29.18
CA ILE A 222 -24.31 30.63 30.62
C ILE A 222 -25.56 31.23 31.31
N GLU A 223 -26.18 32.25 30.72
CA GLU A 223 -27.34 32.90 31.33
C GLU A 223 -28.53 31.96 31.49
N GLU A 224 -28.81 31.20 30.44
CA GLU A 224 -29.75 30.10 30.51
C GLU A 224 -29.36 29.10 31.65
N PHE A 225 -28.08 28.68 31.69
CA PHE A 225 -27.58 27.78 32.70
C PHE A 225 -27.79 28.35 34.12
N ILE A 226 -27.40 29.60 34.36
CA ILE A 226 -27.61 30.27 35.65
C ILE A 226 -29.06 30.19 36.12
N ASP A 227 -30.01 30.39 35.21
CA ASP A 227 -31.47 30.37 35.48
C ASP A 227 -32.13 29.01 35.23
N ALA A 228 -31.35 27.96 35.00
CA ALA A 228 -31.91 26.66 34.64
C ALA A 228 -32.74 26.03 35.76
N LYS A 229 -32.41 26.27 37.03
CA LYS A 229 -33.20 25.75 38.17
C LYS A 229 -34.07 26.85 38.80
N LYS A 230 -35.34 26.89 38.36
CA LYS A 230 -36.19 28.08 38.48
C LYS A 230 -37.61 27.76 38.05
N VAL A 237 -36.57 21.93 37.64
CA VAL A 237 -36.34 20.50 37.43
C VAL A 237 -35.67 20.28 36.06
N LEU A 238 -34.43 19.81 35.88
CA LEU A 238 -33.16 19.68 36.69
C LEU A 238 -32.99 19.50 38.18
N ASN A 239 -33.96 18.85 38.81
CA ASN A 239 -34.06 18.80 40.24
C ASN A 239 -32.97 17.93 40.85
N PHE A 240 -32.40 17.00 40.11
CA PHE A 240 -31.30 16.19 40.65
C PHE A 240 -29.89 16.76 40.54
N PHE A 241 -29.73 17.93 39.89
CA PHE A 241 -28.44 18.53 39.69
C PHE A 241 -28.16 19.55 40.75
N ASN A 242 -26.94 19.56 41.30
CA ASN A 242 -26.38 20.81 41.81
C ASN A 242 -25.69 21.50 40.63
N LEU A 243 -25.77 22.80 40.52
CA LEU A 243 -25.14 23.51 39.39
C LEU A 243 -24.12 24.44 39.96
N SER A 244 -22.97 24.54 39.28
CA SER A 244 -21.96 25.55 39.56
C SER A 244 -21.48 26.22 38.29
N VAL A 245 -21.10 27.47 38.41
CA VAL A 245 -20.55 28.21 37.31
C VAL A 245 -19.04 28.02 37.35
N GLY A 246 -18.45 27.68 36.22
CA GLY A 246 -17.07 27.26 36.20
C GLY A 246 -16.16 28.43 35.81
N PHE A 247 -15.07 28.58 36.55
CA PHE A 247 -14.06 29.58 36.23
C PHE A 247 -12.73 28.87 35.97
N PRO A 248 -12.48 28.48 34.73
CA PRO A 248 -11.25 27.78 34.43
C PRO A 248 -10.04 28.74 34.37
N MET A 249 -10.30 30.04 34.24
CA MET A 249 -9.23 31.04 34.33
C MET A 249 -8.86 31.32 35.77
N ASP A 250 -7.87 32.17 35.94
CA ASP A 250 -7.37 32.53 37.25
C ASP A 250 -8.36 33.51 37.93
N LYS A 251 -8.63 33.20 39.19
CA LYS A 251 -9.43 34.01 40.08
C LYS A 251 -9.07 35.51 39.98
N LYS A 252 -7.77 35.82 40.02
CA LYS A 252 -7.28 37.21 39.97
C LYS A 252 -7.79 38.01 38.79
N GLU A 253 -7.86 37.31 37.66
CA GLU A 253 -8.26 37.79 36.36
C GLU A 253 -9.70 38.24 36.47
N ILE A 254 -10.55 37.36 37.01
CA ILE A 254 -11.97 37.62 37.12
C ILE A 254 -12.14 38.75 38.13
N LEU A 255 -11.39 38.73 39.24
CA LEU A 255 -11.49 39.84 40.20
C LEU A 255 -11.26 41.23 39.57
N LYS A 256 -10.14 41.37 38.87
CA LYS A 256 -9.75 42.59 38.14
C LYS A 256 -10.81 43.02 37.14
N LEU A 257 -11.26 42.10 36.28
CA LEU A 257 -12.32 42.42 35.31
C LEU A 257 -13.52 43.01 36.07
N TYR A 258 -13.83 42.42 37.22
CA TYR A 258 -14.96 42.88 38.01
C TYR A 258 -14.77 44.31 38.55
N GLU A 259 -13.62 44.49 39.20
CA GLU A 259 -13.16 45.77 39.73
C GLU A 259 -13.13 46.92 38.72
N GLU A 260 -12.68 46.67 37.48
CA GLU A 260 -12.76 47.67 36.39
C GLU A 260 -14.11 47.78 35.67
N ASP A 261 -15.06 46.95 36.08
CA ASP A 261 -16.35 46.85 35.43
C ASP A 261 -16.25 46.40 33.98
N GLY A 262 -15.37 45.45 33.71
CA GLY A 262 -15.11 45.07 32.34
C GLY A 262 -16.17 44.17 31.68
N GLU A 263 -15.85 43.78 30.46
CA GLU A 263 -16.70 42.88 29.75
C GLU A 263 -16.02 41.57 29.42
N LEU A 264 -16.83 40.55 29.27
CA LEU A 264 -16.33 39.23 29.04
C LEU A 264 -16.99 38.78 27.73
N GLU A 265 -16.21 38.20 26.83
CA GLU A 265 -16.77 37.66 25.63
C GLU A 265 -17.19 36.22 25.82
N LEU A 266 -18.44 35.95 25.50
CA LEU A 266 -18.98 34.58 25.48
C LEU A 266 -18.82 34.00 24.10
N SER A 267 -18.12 32.88 23.99
CA SER A 267 -17.87 32.25 22.69
C SER A 267 -17.59 30.74 22.86
N HIS A 268 -17.46 30.01 21.73
CA HIS A 268 -17.30 28.57 21.75
C HIS A 268 -16.58 28.05 20.51
N PRO A 269 -15.60 27.14 20.69
CA PRO A 269 -14.80 26.58 19.57
C PRO A 269 -15.60 26.16 18.36
N ARG A 270 -16.81 25.63 18.58
CA ARG A 270 -17.61 25.01 17.50
C ARG A 270 -18.93 25.72 17.27
N SER A 271 -19.02 26.99 17.64
CA SER A 271 -20.11 27.85 17.21
C SER A 271 -19.66 29.24 16.68
N THR A 272 -20.50 29.87 15.86
CA THR A 272 -20.25 31.26 15.45
C THR A 272 -20.79 32.26 16.50
N ILE A 273 -21.74 31.79 17.30
CA ILE A 273 -22.44 32.53 18.39
C ILE A 273 -21.45 33.23 19.36
N ARG A 274 -21.47 34.56 19.43
CA ARG A 274 -20.68 35.30 20.43
C ARG A 274 -21.45 36.56 20.92
N LYS A 275 -21.26 36.90 22.20
CA LYS A 275 -21.96 38.02 22.89
C LYS A 275 -20.92 38.59 23.85
N LYS A 276 -21.05 39.86 24.16
CA LYS A 276 -20.26 40.49 25.18
C LYS A 276 -21.22 40.85 26.31
N VAL A 277 -20.86 40.41 27.52
CA VAL A 277 -21.65 40.75 28.71
C VAL A 277 -20.77 41.41 29.75
N LYS A 278 -21.32 42.36 30.47
CA LYS A 278 -20.63 42.88 31.65
C LYS A 278 -20.46 41.80 32.71
N ILE A 279 -19.26 41.70 33.29
CA ILE A 279 -19.01 40.64 34.27
C ILE A 279 -19.86 40.89 35.54
N ARG A 280 -20.06 42.15 35.92
CA ARG A 280 -20.90 42.50 37.09
C ARG A 280 -22.36 42.09 36.92
N GLU A 281 -22.94 42.26 35.71
CA GLU A 281 -24.30 41.79 35.42
C GLU A 281 -24.48 40.31 35.47
N LEU A 282 -23.50 39.57 34.96
CA LEU A 282 -23.48 38.14 35.05
C LEU A 282 -23.38 37.71 36.51
N PHE A 283 -22.42 38.29 37.24
CA PHE A 283 -22.25 38.00 38.64
C PHE A 283 -23.55 38.24 39.40
N ARG A 284 -24.25 39.34 39.07
CA ARG A 284 -25.43 39.73 39.80
C ARG A 284 -26.59 38.76 39.51
N LYS A 285 -26.67 38.29 38.26
CA LYS A 285 -27.53 37.18 37.84
C LYS A 285 -27.34 35.92 38.68
N ILE A 286 -26.09 35.47 38.76
CA ILE A 286 -25.74 34.36 39.63
C ILE A 286 -26.18 34.58 41.06
N ALA A 287 -25.81 35.73 41.63
CA ALA A 287 -26.08 36.05 43.04
C ALA A 287 -27.59 36.12 43.36
N THR A 288 -28.35 36.75 42.48
CA THR A 288 -29.82 36.76 42.53
C THR A 288 -30.45 35.37 42.55
N ASN A 289 -30.02 34.51 41.64
CA ASN A 289 -30.47 33.12 41.69
C ASN A 289 -30.10 32.37 42.96
N ALA A 290 -28.85 32.49 43.36
CA ALA A 290 -28.37 31.80 44.54
C ALA A 290 -29.04 32.39 45.78
N TRP A 291 -29.36 33.69 45.75
CA TRP A 291 -30.09 34.31 46.87
C TRP A 291 -31.49 33.67 47.03
N LYS A 292 -32.12 33.38 45.90
CA LYS A 292 -33.47 32.86 45.81
C LYS A 292 -33.53 31.38 46.07
N SER A 293 -32.53 30.62 45.61
CA SER A 293 -32.66 29.16 45.60
C SER A 293 -31.44 28.34 46.01
N GLY A 294 -30.34 28.97 46.35
CA GLY A 294 -29.13 28.21 46.58
C GLY A 294 -28.28 27.75 45.40
N ASP A 295 -28.74 27.91 44.16
CA ASP A 295 -27.94 27.58 42.96
C ASP A 295 -27.92 28.77 42.05
N PRO A 296 -26.87 28.94 41.20
CA PRO A 296 -25.73 28.01 41.14
C PRO A 296 -24.60 28.47 42.05
N GLY A 297 -23.65 27.57 42.34
CA GLY A 297 -22.47 27.93 43.07
C GLY A 297 -21.44 28.39 42.10
N LEU A 298 -20.21 28.58 42.62
CA LEU A 298 -19.02 28.97 41.87
C LEU A 298 -17.97 27.85 41.98
N ALA A 299 -17.35 27.47 40.85
CA ALA A 299 -16.31 26.46 40.85
C ALA A 299 -15.12 27.14 40.20
N PHE A 300 -14.07 27.38 41.00
CA PHE A 300 -12.84 28.03 40.56
C PHE A 300 -11.85 26.97 40.10
N LEU A 301 -12.10 26.45 38.91
CA LEU A 301 -11.36 25.31 38.36
C LEU A 301 -9.92 25.64 38.10
N GLY A 302 -9.66 26.89 37.71
CA GLY A 302 -8.27 27.43 37.54
C GLY A 302 -7.49 27.35 38.82
N GLU A 303 -8.11 27.74 39.92
CA GLU A 303 -7.48 27.56 41.27
C GLU A 303 -7.17 26.08 41.63
N MET A 304 -7.97 25.15 41.13
CA MET A 304 -7.80 23.75 41.40
C MET A 304 -6.63 23.23 40.58
N ASN A 305 -6.59 23.59 39.30
CA ASN A 305 -5.44 23.23 38.44
C ASN A 305 -4.09 23.82 38.85
N LYS A 306 -4.13 24.99 39.42
CA LYS A 306 -3.00 25.63 40.06
C LYS A 306 -2.34 24.70 41.05
N TYR A 307 -3.12 23.96 41.82
CA TYR A 307 -2.56 23.08 42.79
C TYR A 307 -2.60 21.62 42.43
N TYR A 308 -2.97 21.30 41.19
CA TYR A 308 -3.10 19.91 40.73
C TYR A 308 -1.74 19.35 40.29
N PRO A 309 -1.15 18.33 40.99
CA PRO A 309 0.22 17.91 40.60
C PRO A 309 0.46 17.53 39.09
N LEU A 310 -0.63 17.26 38.34
CA LEU A 310 -0.53 16.68 36.99
C LEU A 310 -0.87 17.63 35.87
N TYR A 311 -1.32 18.83 36.26
CA TYR A 311 -1.61 19.88 35.32
C TYR A 311 -0.29 20.43 34.71
N PRO A 312 -0.29 20.69 33.38
CA PRO A 312 -1.35 20.47 32.36
C PRO A 312 -1.44 19.12 31.63
N HIS A 313 -0.64 18.12 31.97
CA HIS A 313 -0.70 16.83 31.27
C HIS A 313 -2.05 16.21 31.56
N ARG A 314 -2.68 16.72 32.63
CA ARG A 314 -4.05 16.42 32.97
C ARG A 314 -4.67 17.65 33.56
N LYS A 315 -5.99 17.65 33.61
CA LYS A 315 -6.69 18.86 33.86
C LYS A 315 -8.00 18.53 34.58
N ILE A 316 -8.36 19.38 35.54
CA ILE A 316 -9.60 19.30 36.28
C ILE A 316 -10.60 20.23 35.64
N ASN A 317 -11.71 19.66 35.20
CA ASN A 317 -12.80 20.33 34.54
C ASN A 317 -14.06 20.41 35.39
N SER A 318 -14.22 19.52 36.36
CA SER A 318 -15.42 19.42 37.15
C SER A 318 -15.06 18.90 38.55
N THR A 319 -16.02 19.03 39.46
CA THR A 319 -16.00 18.33 40.75
C THR A 319 -17.08 17.25 40.79
N ASN A 320 -17.04 16.41 41.81
CA ASN A 320 -18.16 15.60 42.20
C ASN A 320 -19.30 16.51 42.73
N PRO A 321 -20.50 15.94 42.99
CA PRO A 321 -21.73 16.68 43.45
C PRO A 321 -21.68 17.67 44.62
N CYS A 322 -20.93 17.37 45.69
CA CYS A 322 -20.78 18.31 46.78
C CYS A 322 -19.52 19.23 46.68
N GLY A 323 -18.80 19.15 45.56
CA GLY A 323 -17.71 20.04 45.23
C GLY A 323 -16.33 19.89 45.88
N GLU A 324 -16.20 18.96 46.83
CA GLU A 324 -14.97 18.76 47.59
C GLU A 324 -13.84 18.01 46.87
N ILE A 325 -14.12 17.34 45.76
CA ILE A 325 -13.01 16.75 44.97
C ILE A 325 -13.04 17.29 43.57
N GLY A 326 -11.90 17.79 43.14
CA GLY A 326 -11.71 18.20 41.75
C GLY A 326 -11.04 17.03 41.07
N LEU A 327 -11.64 16.56 40.00
CA LEU A 327 -11.21 15.32 39.45
C LEU A 327 -10.92 15.50 37.95
N SER A 328 -9.91 14.80 37.41
CA SER A 328 -9.67 14.90 35.99
C SER A 328 -10.71 13.92 35.37
N ASP A 329 -10.79 13.88 34.04
CA ASP A 329 -11.77 13.02 33.31
C ASP A 329 -11.67 11.55 33.64
N TYR A 330 -12.81 10.93 34.01
CA TYR A 330 -12.88 9.51 34.47
C TYR A 330 -12.19 9.21 35.81
N GLU A 331 -11.73 10.23 36.49
CA GLU A 331 -11.06 9.95 37.77
C GLU A 331 -12.14 9.70 38.84
N ALA A 332 -11.78 8.89 39.84
CA ALA A 332 -12.64 8.76 41.02
C ALA A 332 -11.85 8.91 42.31
N CYS A 333 -12.56 9.09 43.42
CA CYS A 333 -11.92 9.33 44.70
C CYS A 333 -12.73 8.68 45.81
N ASN A 334 -12.08 7.90 46.66
CA ASN A 334 -12.71 7.41 47.90
C ASN A 334 -12.29 8.29 49.11
N LEU A 335 -13.27 8.61 49.96
CA LEU A 335 -13.16 9.48 51.13
C LEU A 335 -13.28 8.71 52.44
N GLY A 336 -12.78 9.34 53.51
CA GLY A 336 -12.97 8.86 54.88
C GLY A 336 -12.57 9.99 55.85
N SER A 337 -13.18 10.00 57.05
CA SER A 337 -13.10 11.12 57.99
C SER A 337 -12.80 10.67 59.39
N ILE A 338 -11.97 11.47 60.05
CA ILE A 338 -11.57 11.27 61.44
C ILE A 338 -12.49 12.16 62.29
N ASP A 339 -13.04 11.59 63.38
CA ASP A 339 -13.83 12.40 64.31
C ASP A 339 -12.87 13.10 65.27
N VAL A 340 -12.53 14.35 64.96
CA VAL A 340 -11.54 15.06 65.81
C VAL A 340 -12.10 15.34 67.21
N ALA A 341 -13.44 15.39 67.37
CA ALA A 341 -14.02 15.64 68.72
C ALA A 341 -13.57 14.58 69.73
N LYS A 342 -13.32 13.37 69.25
CA LYS A 342 -12.89 12.26 70.11
C LYS A 342 -11.46 12.44 70.55
N PHE A 343 -10.79 13.50 70.08
CA PHE A 343 -9.33 13.70 70.25
C PHE A 343 -9.02 14.76 71.34
N TYR A 344 -10.10 15.28 71.90
CA TYR A 344 -9.98 16.23 72.94
C TYR A 344 -9.49 15.51 74.19
N ASN A 345 -8.53 16.17 74.84
CA ASN A 345 -7.95 15.66 76.09
C ASN A 345 -7.39 16.82 76.88
N ASN A 346 -8.17 17.20 77.92
CA ASN A 346 -7.77 18.17 78.96
C ASN A 346 -7.30 19.50 78.39
N GLY A 347 -8.16 20.16 77.62
CA GLY A 347 -7.85 21.46 77.05
C GLY A 347 -7.02 21.47 75.78
N PHE A 348 -6.56 20.29 75.37
CA PHE A 348 -5.77 20.14 74.15
C PHE A 348 -6.35 19.10 73.17
N VAL A 349 -5.99 19.20 71.89
CA VAL A 349 -6.22 18.12 70.92
C VAL A 349 -5.02 17.19 71.08
N ASP A 350 -5.25 15.90 71.29
CA ASP A 350 -4.16 14.95 71.52
C ASP A 350 -3.48 14.56 70.19
N LEU A 351 -2.37 15.21 69.90
CA LEU A 351 -1.67 15.07 68.64
C LEU A 351 -0.94 13.73 68.50
N GLU A 352 -0.52 13.12 69.61
CA GLU A 352 0.15 11.83 69.53
C GLU A 352 -0.76 10.75 68.97
N ALA A 353 -2.02 10.77 69.40
CA ALA A 353 -2.98 9.78 68.94
C ALA A 353 -3.51 10.17 67.56
N LEU A 354 -3.65 11.46 67.31
CA LEU A 354 -4.09 11.92 65.98
C LEU A 354 -3.09 11.57 64.93
N GLN A 355 -1.82 11.66 65.24
CA GLN A 355 -0.79 11.28 64.24
C GLN A 355 -0.89 9.80 63.81
N GLU A 356 -0.94 8.88 64.78
CA GLU A 356 -1.13 7.47 64.57
C GLU A 356 -2.39 7.19 63.75
N LEU A 357 -3.50 7.86 64.07
CA LEU A 357 -4.75 7.65 63.28
C LEU A 357 -4.63 8.11 61.81
N VAL A 358 -4.02 9.26 61.58
CA VAL A 358 -3.83 9.77 60.21
C VAL A 358 -3.06 8.73 59.39
N GLN A 359 -2.05 8.13 60.04
CA GLN A 359 -1.25 7.06 59.45
C GLN A 359 -2.07 5.84 59.08
N ILE A 360 -2.90 5.39 60.01
CA ILE A 360 -3.75 4.24 59.79
C ILE A 360 -4.76 4.50 58.70
N ALA A 361 -5.39 5.69 58.77
CA ALA A 361 -6.47 6.09 57.87
C ALA A 361 -6.01 6.24 56.40
N VAL A 362 -4.84 6.85 56.18
CA VAL A 362 -4.24 6.90 54.85
C VAL A 362 -3.98 5.50 54.29
N ARG A 363 -3.45 4.58 55.11
CA ARG A 363 -3.28 3.22 54.64
C ARG A 363 -4.63 2.56 54.30
N PHE A 364 -5.60 2.76 55.18
CA PHE A 364 -6.94 2.24 54.97
C PHE A 364 -7.49 2.72 53.66
N LEU A 365 -7.43 4.04 53.42
CA LEU A 365 -8.00 4.62 52.22
C LEU A 365 -7.28 4.19 50.95
N ASP A 366 -5.98 3.92 51.07
CA ASP A 366 -5.18 3.53 49.92
C ASP A 366 -5.37 2.04 49.54
N ASN A 367 -5.66 1.21 50.54
CA ASN A 367 -5.98 -0.20 50.42
C ASN A 367 -7.37 -0.34 49.77
N VAL A 368 -8.28 0.61 50.03
CA VAL A 368 -9.61 0.58 49.42
C VAL A 368 -9.51 0.59 47.88
N ILE A 369 -8.62 1.39 47.34
CA ILE A 369 -8.40 1.37 45.90
C ILE A 369 -8.17 -0.07 45.36
N ASP A 370 -7.43 -0.87 46.13
CA ASP A 370 -7.01 -2.19 45.69
C ASP A 370 -8.16 -3.18 45.70
N VAL A 371 -9.24 -2.90 46.46
CA VAL A 371 -10.37 -3.85 46.59
C VAL A 371 -11.68 -3.30 46.00
N ASN A 372 -11.54 -2.14 45.38
CA ASN A 372 -12.60 -1.42 44.73
C ASN A 372 -12.85 -2.03 43.36
N VAL A 373 -14.09 -1.96 42.86
CA VAL A 373 -14.37 -2.37 41.49
C VAL A 373 -15.23 -1.29 40.88
N PHE A 374 -14.81 -0.71 39.76
CA PHE A 374 -15.62 0.33 39.05
C PHE A 374 -16.42 -0.21 37.83
N PRO A 375 -17.54 0.47 37.43
CA PRO A 375 -18.20 -0.18 36.29
C PRO A 375 -17.63 0.22 34.90
N ILE A 376 -16.54 1.01 34.86
CA ILE A 376 -16.07 1.54 33.59
C ILE A 376 -14.57 1.39 33.66
N ASP A 377 -14.01 0.83 32.58
CA ASP A 377 -12.60 0.55 32.51
C ASP A 377 -11.72 1.79 32.54
N LYS A 378 -12.19 2.87 31.94
CA LYS A 378 -11.42 4.12 31.97
C LYS A 378 -11.23 4.68 33.41
N ILE A 379 -12.21 4.44 34.27
CA ILE A 379 -12.18 4.89 35.67
C ILE A 379 -11.18 4.07 36.50
N THR A 380 -11.26 2.76 36.34
CA THR A 380 -10.26 1.83 36.89
C THR A 380 -8.85 2.26 36.58
N LYS A 381 -8.58 2.69 35.35
CA LYS A 381 -7.26 3.10 34.92
C LYS A 381 -6.85 4.46 35.50
N ALA A 382 -7.74 5.43 35.35
CA ALA A 382 -7.56 6.78 35.81
C ALA A 382 -7.16 6.79 37.27
N VAL A 383 -7.77 5.94 38.08
CA VAL A 383 -7.53 5.72 39.53
C VAL A 383 -6.23 4.95 39.90
N LYS A 384 -6.01 3.81 39.26
CA LYS A 384 -4.75 3.06 39.32
C LYS A 384 -3.53 3.98 39.12
N GLU A 385 -3.66 4.93 38.19
CA GLU A 385 -2.56 5.78 37.81
C GLU A 385 -2.25 6.94 38.75
N SER A 386 -3.29 7.50 39.39
CA SER A 386 -3.15 8.67 40.30
C SER A 386 -3.26 8.32 41.80
N ARG A 387 -4.18 7.42 42.15
CA ARG A 387 -4.42 6.98 43.56
C ARG A 387 -4.74 8.14 44.50
N ARG A 388 -5.63 8.99 44.01
CA ARG A 388 -6.12 10.14 44.77
C ARG A 388 -6.93 9.67 45.95
N LEU A 389 -6.57 10.15 47.17
CA LEU A 389 -7.35 9.90 48.39
C LEU A 389 -8.05 11.18 48.84
N GLY A 390 -9.11 11.01 49.64
CA GLY A 390 -9.80 12.14 50.31
C GLY A 390 -9.96 11.93 51.82
N LEU A 391 -8.85 11.98 52.58
CA LEU A 391 -8.91 12.03 54.06
C LEU A 391 -9.36 13.42 54.62
N GLY A 392 -10.42 13.41 55.46
CA GLY A 392 -10.90 14.65 56.09
C GLY A 392 -11.24 14.44 57.54
N ILE A 393 -12.03 15.37 58.06
CA ILE A 393 -12.40 15.36 59.46
C ILE A 393 -13.87 15.62 59.60
N MET A 394 -14.40 15.17 60.75
CA MET A 394 -15.77 15.53 61.18
C MET A 394 -15.67 15.85 62.66
N GLY A 395 -16.72 16.33 63.29
CA GLY A 395 -16.67 16.59 64.76
C GLY A 395 -15.94 17.87 65.15
N PHE A 396 -15.60 18.69 64.16
CA PHE A 396 -14.77 19.86 64.37
C PHE A 396 -15.48 20.90 65.21
N ALA A 397 -16.78 21.17 64.94
CA ALA A 397 -17.52 22.15 65.72
C ALA A 397 -17.62 21.69 67.19
N ASP A 398 -17.80 20.39 67.38
CA ASP A 398 -17.87 19.89 68.68
C ASP A 398 -16.52 19.98 69.38
N LEU A 399 -15.44 19.80 68.64
CA LEU A 399 -14.10 19.88 69.23
C LEU A 399 -13.94 21.31 69.75
N LEU A 400 -14.46 22.31 69.01
CA LEU A 400 -14.31 23.72 69.40
C LEU A 400 -15.05 23.98 70.70
N TYR A 401 -16.25 23.45 70.81
CA TYR A 401 -17.07 23.57 72.02
C TYR A 401 -16.29 23.06 73.22
N LYS A 402 -15.74 21.86 73.09
CA LYS A 402 -14.91 21.27 74.14
C LYS A 402 -13.71 22.16 74.51
N LEU A 403 -13.11 22.78 73.51
CA LEU A 403 -11.93 23.60 73.79
C LEU A 403 -12.37 25.00 74.21
N GLU A 404 -13.68 25.24 74.20
CA GLU A 404 -14.21 26.58 74.56
C GLU A 404 -13.77 27.65 73.56
N ILE A 405 -13.84 27.36 72.27
CA ILE A 405 -13.36 28.27 71.27
C ILE A 405 -14.56 28.59 70.41
N PRO A 406 -14.93 29.87 70.36
CA PRO A 406 -15.99 30.32 69.39
C PRO A 406 -15.67 30.07 67.90
N TYR A 407 -16.59 29.47 67.16
CA TYR A 407 -16.29 29.09 65.80
C TYR A 407 -16.00 30.37 64.97
N ASN A 408 -16.80 31.43 65.22
CA ASN A 408 -16.70 32.73 64.57
C ASN A 408 -15.66 33.65 65.26
N SER A 409 -14.38 33.28 65.22
CA SER A 409 -13.27 34.01 65.91
C SER A 409 -12.01 33.71 65.13
N GLN A 410 -11.04 34.61 65.17
CA GLN A 410 -9.75 34.34 64.63
C GLN A 410 -9.08 33.20 65.33
N GLU A 411 -9.35 33.04 66.63
CA GLU A 411 -8.78 31.89 67.39
C GLU A 411 -9.11 30.50 66.78
N ALA A 412 -10.39 30.27 66.48
CA ALA A 412 -10.90 29.05 65.80
C ALA A 412 -10.26 28.79 64.46
N ARG A 413 -10.12 29.85 63.66
CA ARG A 413 -9.56 29.73 62.32
C ARG A 413 -8.05 29.47 62.36
N ASP A 414 -7.33 30.08 63.30
CA ASP A 414 -5.90 29.74 63.47
C ASP A 414 -5.72 28.35 63.96
N PHE A 415 -6.58 27.94 64.90
CA PHE A 415 -6.55 26.56 65.39
C PHE A 415 -6.86 25.55 64.23
N ALA A 416 -7.92 25.83 63.49
CA ALA A 416 -8.31 25.11 62.24
C ALA A 416 -7.14 24.92 61.29
N ALA A 417 -6.44 26.00 61.00
CA ALA A 417 -5.28 25.93 60.09
C ALA A 417 -4.15 25.10 60.69
N ASN A 418 -3.85 25.25 61.99
CA ASN A 418 -2.82 24.39 62.58
C ASN A 418 -3.22 22.93 62.61
N LEU A 419 -4.43 22.64 63.08
CA LEU A 419 -4.96 21.28 63.01
C LEU A 419 -4.86 20.66 61.59
N MET A 420 -5.39 21.32 60.57
CA MET A 420 -5.31 20.79 59.18
C MET A 420 -3.85 20.63 58.70
N ALA A 421 -3.00 21.61 59.00
CA ALA A 421 -1.60 21.52 58.61
C ALA A 421 -0.91 20.28 59.25
N PHE A 422 -1.10 20.07 60.53
CA PHE A 422 -0.63 18.88 61.20
C PHE A 422 -1.02 17.62 60.45
N ILE A 423 -2.32 17.52 60.14
CA ILE A 423 -2.93 16.36 59.42
C ILE A 423 -2.37 16.22 58.02
N ALA A 424 -2.32 17.33 57.26
CA ALA A 424 -1.69 17.34 55.93
C ALA A 424 -0.27 16.81 55.97
N LEU A 425 0.52 17.29 56.97
CA LEU A 425 1.93 16.83 57.18
C LEU A 425 2.06 15.34 57.34
N HIS A 426 1.30 14.81 58.29
CA HIS A 426 1.38 13.39 58.60
C HIS A 426 0.67 12.51 57.55
N ALA A 427 -0.35 13.06 56.90
CA ALA A 427 -0.95 12.39 55.71
C ALA A 427 0.03 12.21 54.54
N HIS A 428 0.70 13.28 54.14
CA HIS A 428 1.69 13.18 53.08
C HIS A 428 2.96 12.40 53.46
N ARG A 429 3.35 12.41 54.74
CA ARG A 429 4.47 11.56 55.17
C ARG A 429 4.06 10.11 55.16
N THR A 430 2.79 9.82 55.40
CA THR A 430 2.35 8.45 55.26
C THR A 430 2.37 8.06 53.76
N SER A 431 1.93 8.94 52.88
CA SER A 431 2.03 8.64 51.46
C SER A 431 3.46 8.36 50.93
N TYR A 432 4.43 9.20 51.36
CA TYR A 432 5.87 9.00 51.18
C TYR A 432 6.22 7.54 51.46
N GLU A 433 5.91 7.12 52.68
CA GLU A 433 6.20 5.79 53.19
C GLU A 433 5.50 4.68 52.45
N LEU A 434 4.29 4.92 52.02
CA LEU A 434 3.57 3.86 51.32
C LEU A 434 4.16 3.70 49.95
N GLY A 435 4.70 4.78 49.39
CA GLY A 435 5.31 4.71 48.09
C GLY A 435 6.58 3.90 48.14
N LYS A 436 7.30 4.05 49.24
CA LYS A 436 8.51 3.23 49.51
C LYS A 436 8.16 1.76 49.67
N GLU A 437 7.23 1.43 50.55
CA GLU A 437 6.87 0.02 50.83
C GLU A 437 6.12 -0.70 49.71
N LYS A 438 5.27 0.01 48.98
CA LYS A 438 4.35 -0.63 48.06
C LYS A 438 4.53 -0.19 46.61
N GLY A 439 5.30 0.88 46.41
CA GLY A 439 5.47 1.48 45.09
C GLY A 439 4.72 2.79 44.90
N ASN A 440 5.28 3.64 44.04
CA ASN A 440 4.76 4.98 43.75
C ASN A 440 3.53 4.98 42.85
N PHE A 441 2.64 6.00 42.94
CA PHE A 441 1.55 6.12 41.94
C PHE A 441 2.21 6.20 40.56
N PRO A 442 1.68 5.45 39.56
CA PRO A 442 2.36 5.45 38.27
C PRO A 442 2.71 6.84 37.70
N LEU A 443 1.95 7.87 38.04
CA LEU A 443 2.20 9.14 37.36
C LEU A 443 3.11 10.08 38.13
N LEU A 444 3.81 9.57 39.13
CA LEU A 444 4.72 10.38 39.92
C LEU A 444 5.72 11.11 39.03
N GLU A 445 6.33 10.34 38.11
CA GLU A 445 7.39 10.84 37.25
C GLU A 445 7.01 12.07 36.43
N ILE A 446 5.76 12.18 35.98
CA ILE A 446 5.31 13.33 35.17
C ILE A 446 4.56 14.45 35.95
N SER A 447 4.60 14.34 37.28
CA SER A 447 3.87 15.24 38.19
C SER A 447 4.82 16.30 38.64
N ARG A 448 4.27 17.32 39.30
CA ARG A 448 5.03 18.47 39.75
C ARG A 448 5.84 18.16 41.00
N TYR A 449 5.49 17.08 41.68
CA TYR A 449 6.31 16.56 42.74
C TYR A 449 7.72 16.16 42.23
N ARG A 450 7.81 15.73 40.95
CA ARG A 450 9.12 15.45 40.33
C ARG A 450 9.65 16.64 39.58
N THR A 451 8.89 17.13 38.62
CA THR A 451 9.41 18.06 37.65
C THR A 451 9.62 19.47 38.20
N GLU A 452 9.19 19.69 39.44
CA GLU A 452 9.37 20.98 40.05
C GLU A 452 10.23 20.90 41.27
N ASP A 453 10.56 22.08 41.76
CA ASP A 453 11.18 22.26 43.05
C ASP A 453 10.19 23.10 43.82
N ASN A 454 10.01 22.79 45.09
CA ASN A 454 9.18 23.62 45.95
C ASN A 454 7.68 23.61 45.64
N PHE A 455 7.21 22.63 44.86
CA PHE A 455 5.76 22.48 44.58
C PHE A 455 5.04 22.04 45.86
N VAL A 456 4.02 22.81 46.26
CA VAL A 456 3.14 22.41 47.38
C VAL A 456 1.70 22.50 46.86
N PRO A 457 0.90 21.42 47.08
CA PRO A 457 -0.46 21.31 46.56
C PRO A 457 -1.50 22.08 47.32
N PHE A 458 -1.12 23.14 48.03
CA PHE A 458 -2.06 24.04 48.76
C PHE A 458 -1.34 25.28 49.23
N ALA A 459 -2.11 26.34 49.54
CA ALA A 459 -1.57 27.70 49.78
C ALA A 459 -0.68 27.87 51.05
N MET A 460 -1.03 27.18 52.14
CA MET A 460 -0.42 27.38 53.43
C MET A 460 -0.53 28.83 53.88
N GLY A 461 0.43 29.29 54.69
CA GLY A 461 0.50 30.69 55.05
C GLY A 461 -0.18 30.98 56.37
N MET A 462 -0.60 29.95 57.14
CA MET A 462 -1.22 30.16 58.44
C MET A 462 -0.84 29.11 59.47
N SER A 463 0.42 28.69 59.53
CA SER A 463 0.77 27.64 60.52
C SER A 463 2.31 27.54 60.69
N ASN A 464 2.72 27.17 61.91
CA ASN A 464 4.10 26.82 62.24
C ASN A 464 4.63 25.64 61.45
N TYR A 465 3.72 24.74 61.03
CA TYR A 465 4.16 23.51 60.31
C TYR A 465 4.64 23.71 58.87
N ASP A 466 4.50 24.90 58.28
CA ASP A 466 4.76 25.13 56.84
C ASP A 466 6.12 24.63 56.30
N ASP A 467 7.19 24.86 57.07
CA ASP A 467 8.52 24.39 56.67
C ASP A 467 8.62 22.90 56.65
N GLU A 468 8.05 22.23 57.64
CA GLU A 468 8.12 20.79 57.68
C GLU A 468 7.31 20.27 56.50
N ILE A 469 6.19 20.94 56.18
CA ILE A 469 5.37 20.50 55.06
C ILE A 469 6.18 20.68 53.75
N ARG A 470 6.88 21.81 53.59
CA ARG A 470 7.80 21.97 52.45
C ARG A 470 8.80 20.83 52.42
N GLU A 471 9.38 20.46 53.56
CA GLU A 471 10.32 19.32 53.60
C GLU A 471 9.68 18.07 53.09
N VAL A 472 8.46 17.78 53.52
CA VAL A 472 7.79 16.54 53.12
C VAL A 472 7.56 16.50 51.62
N MET A 473 6.94 17.53 51.09
CA MET A 473 6.71 17.60 49.66
C MET A 473 7.97 17.33 48.83
N LYS A 474 9.14 17.82 49.30
CA LYS A 474 10.47 17.62 48.63
C LYS A 474 10.91 16.18 48.65
N MET A 475 10.81 15.56 49.82
CA MET A 475 11.01 14.13 50.00
C MET A 475 10.14 13.27 49.05
N THR A 476 8.91 13.71 48.80
CA THR A 476 8.01 12.91 47.97
C THR A 476 8.31 13.01 46.47
N LYS A 477 9.26 13.87 46.07
CA LYS A 477 9.91 13.80 44.74
C LYS A 477 10.32 12.35 44.43
N GLU A 478 10.85 11.65 45.45
CA GLU A 478 11.35 10.28 45.38
C GLU A 478 10.31 9.15 45.58
N PHE A 479 9.52 9.28 46.65
CA PHE A 479 8.55 8.28 47.03
C PHE A 479 7.22 8.97 47.36
N ARG A 480 6.15 8.44 46.79
CA ARG A 480 4.81 9.00 46.90
C ARG A 480 3.77 8.01 46.38
N ARG A 481 2.91 7.53 47.28
CA ARG A 481 1.84 6.65 46.90
C ARG A 481 0.64 7.33 46.14
N ASN A 482 0.37 8.63 46.39
CA ASN A 482 -0.92 9.24 46.02
C ASN A 482 -0.78 10.64 45.45
N VAL A 483 -1.57 10.97 44.42
CA VAL A 483 -1.43 12.30 43.87
C VAL A 483 -1.80 13.40 44.90
N ALA A 484 -2.78 13.10 45.74
CA ALA A 484 -3.38 14.03 46.71
C ALA A 484 -4.13 13.21 47.73
N LEU A 485 -4.25 13.75 48.94
CA LEU A 485 -4.71 12.96 50.11
C LEU A 485 -5.88 13.52 50.92
N LEU A 486 -6.19 14.82 50.80
CA LEU A 486 -7.03 15.43 51.82
C LEU A 486 -8.26 16.08 51.25
N THR A 487 -9.35 16.07 52.03
CA THR A 487 -10.54 16.82 51.62
C THR A 487 -11.30 17.10 52.88
N ILE A 488 -12.33 17.95 52.82
CA ILE A 488 -13.28 17.96 53.93
C ILE A 488 -14.63 17.74 53.28
N ALA A 489 -15.25 16.61 53.56
CA ALA A 489 -16.57 16.25 52.99
C ALA A 489 -17.73 16.74 53.86
N PRO A 490 -18.98 16.72 53.30
CA PRO A 490 -20.13 17.07 54.20
C PRO A 490 -20.35 16.07 55.34
N THR A 491 -20.01 14.79 55.13
CA THR A 491 -20.18 13.70 56.13
C THR A 491 -21.66 13.63 56.65
N GLY A 492 -22.61 13.95 55.79
CA GLY A 492 -24.02 13.92 56.16
C GLY A 492 -24.46 12.66 56.90
N SER A 493 -23.98 11.50 56.49
CA SER A 493 -24.36 10.26 57.10
C SER A 493 -23.34 9.66 58.03
N ILE A 494 -22.06 9.83 57.74
CA ILE A 494 -21.07 9.20 58.63
C ILE A 494 -20.90 10.03 59.87
N SER A 495 -21.24 11.32 59.81
CA SER A 495 -21.19 12.05 61.05
C SER A 495 -22.31 11.66 62.02
N ASN A 496 -23.51 11.36 61.48
CA ASN A 496 -24.59 10.73 62.31
C ASN A 496 -24.22 9.35 62.89
N ILE A 497 -23.71 8.42 62.08
CA ILE A 497 -23.20 7.19 62.66
C ILE A 497 -22.21 7.43 63.82
N ALA A 498 -21.35 8.44 63.66
CA ALA A 498 -20.29 8.70 64.65
C ALA A 498 -20.74 9.56 65.83
N ASP A 499 -21.97 10.03 65.82
CA ASP A 499 -22.50 10.93 66.85
C ASP A 499 -21.69 12.22 67.03
N THR A 500 -21.43 12.91 65.93
CA THR A 500 -20.61 14.11 66.02
C THR A 500 -21.04 15.17 65.01
N SER A 501 -20.56 16.40 65.17
CA SER A 501 -20.85 17.46 64.18
C SER A 501 -20.32 17.06 62.77
N SER A 502 -20.89 17.66 61.71
CA SER A 502 -20.55 17.27 60.35
C SER A 502 -19.34 18.01 59.79
N GLY A 503 -18.32 17.28 59.27
CA GLY A 503 -17.27 17.94 58.49
C GLY A 503 -16.65 19.05 59.32
N LEU A 504 -16.38 20.18 58.66
CA LEU A 504 -15.94 21.37 59.34
C LEU A 504 -17.12 22.35 59.65
N GLU A 505 -18.36 21.92 59.39
CA GLU A 505 -19.56 22.80 59.57
C GLU A 505 -19.82 23.14 61.03
N PRO A 506 -20.31 24.35 61.34
CA PRO A 506 -20.80 24.52 62.71
C PRO A 506 -22.00 23.63 62.92
N ASN A 507 -22.39 23.34 64.17
CA ASN A 507 -23.66 22.68 64.37
C ASN A 507 -24.79 23.52 63.84
N PHE A 508 -25.74 22.91 63.14
CA PHE A 508 -26.81 23.72 62.61
C PHE A 508 -27.75 24.19 63.74
N LEU A 509 -27.93 23.31 64.72
CA LEU A 509 -28.81 23.52 65.85
C LEU A 509 -28.20 22.79 67.02
N LEU A 510 -28.34 23.36 68.22
CA LEU A 510 -28.00 22.76 69.53
C LEU A 510 -29.05 21.78 70.14
N ALA A 511 -30.32 22.01 69.83
CA ALA A 511 -31.41 21.23 70.35
C ALA A 511 -32.58 21.20 69.36
N TYR A 512 -33.19 20.02 69.25
CA TYR A 512 -34.43 19.82 68.49
C TYR A 512 -35.06 18.50 68.93
N THR A 513 -36.39 18.46 68.81
CA THR A 513 -37.14 17.24 69.09
C THR A 513 -37.13 16.37 67.83
N ARG A 514 -36.63 15.13 67.99
CA ARG A 514 -36.78 14.08 66.96
C ARG A 514 -37.86 13.02 67.34
N PHE A 515 -38.15 12.10 66.41
CA PHE A 515 -39.36 11.23 66.49
C PHE A 515 -39.10 9.73 66.22
N VAL A 516 -39.20 8.91 67.29
CA VAL A 516 -39.11 7.44 67.15
C VAL A 516 -40.47 6.85 66.73
N THR A 517 -40.44 5.88 65.82
CA THR A 517 -41.64 5.18 65.34
C THR A 517 -41.81 3.80 66.05
N LYS A 518 -42.77 3.70 66.98
CA LYS A 518 -42.67 2.64 68.03
C LYS A 518 -43.92 2.07 68.75
N GLU A 519 -44.94 1.48 68.09
CA GLU A 519 -44.83 0.50 67.01
C GLU A 519 -46.18 0.07 66.33
N ASP A 520 -47.35 0.71 66.56
CA ASP A 520 -47.72 1.56 67.68
C ASP A 520 -47.90 0.70 68.94
N GLU A 524 -43.60 9.30 68.69
CA GLU A 524 -42.99 9.67 69.97
C GLU A 524 -41.89 10.76 69.91
N PRO A 525 -42.14 11.92 70.55
CA PRO A 525 -41.19 13.04 70.59
C PRO A 525 -40.11 12.86 71.65
N LEU A 526 -38.83 12.85 71.23
CA LEU A 526 -37.70 12.76 72.17
C LEU A 526 -36.60 13.82 71.97
N LEU A 527 -36.69 14.88 72.78
CA LEU A 527 -35.68 15.96 72.84
C LEU A 527 -34.23 15.52 72.66
N TYR A 528 -33.54 16.13 71.69
CA TYR A 528 -32.10 15.97 71.57
C TYR A 528 -31.43 17.28 71.98
N VAL A 529 -30.39 17.16 72.77
CA VAL A 529 -29.55 18.28 73.11
C VAL A 529 -28.09 17.94 72.80
N ASN A 530 -27.42 18.85 72.09
CA ASN A 530 -26.00 18.68 71.86
C ASN A 530 -25.30 18.15 73.14
N GLN A 531 -24.59 17.04 73.00
CA GLN A 531 -24.00 16.37 74.14
C GLN A 531 -22.97 17.20 74.85
N VAL A 532 -22.17 17.94 74.08
CA VAL A 532 -21.16 18.81 74.73
C VAL A 532 -21.88 19.89 75.56
N LEU A 533 -22.94 20.45 74.98
CA LEU A 533 -23.72 21.48 75.65
C LEU A 533 -24.31 20.94 76.95
N ARG A 534 -24.84 19.71 76.85
CA ARG A 534 -25.43 18.95 77.96
C ARG A 534 -24.45 18.78 79.13
N GLU A 535 -23.19 18.44 78.81
CA GLU A 535 -22.15 18.27 79.80
C GLU A 535 -21.63 19.57 80.45
N LYS A 536 -21.85 20.71 79.78
CA LYS A 536 -21.25 22.00 80.20
C LYS A 536 -22.21 22.91 80.97
N LEU A 537 -23.43 23.02 80.50
CA LEU A 537 -24.41 23.89 81.10
C LEU A 537 -25.05 23.21 82.33
N ASN A 538 -25.05 23.94 83.43
CA ASN A 538 -25.86 23.62 84.61
C ASN A 538 -27.20 22.96 84.22
N PRO A 539 -27.45 21.71 84.64
CA PRO A 539 -28.63 20.98 84.14
C PRO A 539 -29.97 21.67 84.41
N GLU A 540 -30.01 22.54 85.40
CA GLU A 540 -31.23 23.24 85.73
C GLU A 540 -31.37 24.50 84.87
N ILE A 541 -30.25 25.15 84.53
CA ILE A 541 -30.29 26.16 83.47
C ILE A 541 -30.82 25.52 82.20
N LEU A 542 -30.36 24.30 81.87
CA LEU A 542 -30.86 23.59 80.68
C LEU A 542 -32.38 23.41 80.68
N LYS A 543 -32.94 22.96 81.79
CA LYS A 543 -34.36 22.61 81.82
C LYS A 543 -35.21 23.81 81.51
N ARG A 544 -34.87 24.95 82.11
CA ARG A 544 -35.65 26.16 81.91
C ARG A 544 -35.58 26.66 80.45
N ILE A 545 -34.35 26.95 79.99
CA ILE A 545 -34.12 27.48 78.66
C ILE A 545 -34.51 26.57 77.45
N GLU A 546 -34.48 25.25 77.60
CA GLU A 546 -34.81 24.30 76.50
C GLU A 546 -35.95 24.66 75.59
N LYS A 547 -37.08 25.06 76.18
CA LYS A 547 -38.25 25.49 75.43
C LYS A 547 -37.92 26.61 74.45
N GLU A 548 -37.33 27.68 74.96
CA GLU A 548 -36.95 28.83 74.17
C GLU A 548 -35.83 28.52 73.12
N LEU A 549 -34.85 27.68 73.49
CA LEU A 549 -33.76 27.30 72.60
C LEU A 549 -34.28 26.59 71.36
N ILE A 550 -35.24 25.71 71.54
CA ILE A 550 -35.90 25.05 70.41
C ILE A 550 -36.73 26.04 69.59
N GLU A 551 -37.42 27.00 70.20
CA GLU A 551 -38.22 27.91 69.39
C GLU A 551 -37.39 28.95 68.64
N LYS A 552 -36.36 29.48 69.31
CA LYS A 552 -35.46 30.51 68.76
C LYS A 552 -34.42 29.92 67.81
N GLY A 553 -34.04 28.66 68.02
CA GLY A 553 -32.94 28.03 67.27
C GLY A 553 -31.53 28.48 67.66
N SER A 554 -31.38 29.08 68.83
CA SER A 554 -30.12 29.68 69.23
C SER A 554 -30.24 30.08 70.71
N LEU A 555 -29.09 30.17 71.38
CA LEU A 555 -29.01 30.63 72.75
C LEU A 555 -28.86 32.16 72.82
N LYS A 556 -28.62 32.83 71.71
CA LYS A 556 -28.04 34.18 71.78
C LYS A 556 -28.93 35.26 72.44
N ASP A 557 -30.25 35.08 72.33
CA ASP A 557 -31.22 36.06 72.81
C ASP A 557 -31.92 35.52 74.04
N ILE A 558 -31.35 34.46 74.64
CA ILE A 558 -31.98 33.81 75.78
C ILE A 558 -31.40 34.46 77.03
N PRO A 559 -32.30 35.06 77.85
CA PRO A 559 -31.91 35.71 79.09
C PRO A 559 -31.66 34.63 80.13
N ASP A 560 -30.62 34.81 80.93
CA ASP A 560 -30.31 33.87 81.99
C ASP A 560 -29.36 32.76 81.56
N VAL A 561 -28.77 32.86 80.35
CA VAL A 561 -27.64 31.97 79.91
C VAL A 561 -26.27 32.69 80.03
N PRO A 562 -25.29 32.13 80.79
CA PRO A 562 -24.01 32.85 80.93
C PRO A 562 -23.39 33.16 79.59
N GLU A 563 -22.66 34.26 79.55
CA GLU A 563 -22.16 34.83 78.34
C GLU A 563 -21.05 34.00 77.67
N LYS A 564 -20.07 33.52 78.42
CA LYS A 564 -19.08 32.55 77.95
C LYS A 564 -19.68 31.31 77.23
N ILE A 565 -20.73 30.73 77.79
CA ILE A 565 -21.51 29.71 77.11
C ILE A 565 -22.30 30.55 76.16
N LYS A 566 -22.52 30.22 74.91
CA LYS A 566 -23.23 31.27 74.13
C LYS A 566 -22.31 31.91 73.16
N LYS A 567 -21.18 32.46 73.66
CA LYS A 567 -20.03 32.83 72.81
C LYS A 567 -19.45 31.56 72.23
N VAL A 568 -19.26 30.56 73.08
CA VAL A 568 -18.81 29.23 72.64
C VAL A 568 -19.81 28.42 71.76
N PHE A 569 -21.03 28.24 72.25
CA PHE A 569 -22.04 27.42 71.66
C PHE A 569 -22.86 28.17 70.65
N VAL A 570 -22.16 28.74 69.67
CA VAL A 570 -22.78 29.27 68.43
C VAL A 570 -23.23 28.17 67.42
N VAL A 571 -24.29 28.44 66.66
CA VAL A 571 -24.76 27.50 65.66
C VAL A 571 -24.58 28.20 64.33
N ALA A 572 -24.88 27.50 63.22
CA ALA A 572 -24.65 28.05 61.89
C ALA A 572 -25.12 29.51 61.66
N LEU A 573 -26.34 29.85 62.11
CA LEU A 573 -26.90 31.19 61.81
C LEU A 573 -26.49 32.30 62.79
N ASP A 574 -25.83 31.96 63.90
CA ASP A 574 -25.11 32.93 64.74
C ASP A 574 -23.82 33.45 64.07
N ILE A 575 -23.34 32.69 63.11
CA ILE A 575 -22.03 32.92 62.58
C ILE A 575 -22.26 33.62 61.27
N ASP A 576 -21.73 34.82 61.14
CA ASP A 576 -21.93 35.57 59.91
C ASP A 576 -21.24 35.02 58.67
N PRO A 577 -21.73 35.37 57.47
CA PRO A 577 -21.19 34.82 56.22
C PRO A 577 -19.69 34.95 56.05
N MET A 578 -19.12 36.08 56.42
CA MET A 578 -17.66 36.22 56.29
C MET A 578 -16.91 35.25 57.20
N ASP A 579 -17.48 34.96 58.36
CA ASP A 579 -16.85 34.05 59.33
C ASP A 579 -16.97 32.60 58.89
N HIS A 580 -18.05 32.26 58.18
CA HIS A 580 -18.09 30.98 57.46
C HIS A 580 -16.98 30.93 56.40
N LEU A 581 -17.01 31.88 55.47
CA LEU A 581 -16.03 31.96 54.40
C LEU A 581 -14.58 31.94 54.90
N LEU A 582 -14.27 32.66 55.96
CA LEU A 582 -12.88 32.61 56.43
C LEU A 582 -12.47 31.29 57.04
N MET A 583 -13.41 30.58 57.65
CA MET A 583 -13.13 29.26 58.13
C MET A 583 -12.81 28.34 56.95
N GLN A 584 -13.58 28.45 55.87
CA GLN A 584 -13.29 27.64 54.69
C GLN A 584 -11.89 27.98 54.14
N ASP A 585 -11.55 29.25 54.08
CA ASP A 585 -10.18 29.64 53.71
C ASP A 585 -9.06 28.99 54.59
N ALA A 586 -9.29 28.99 55.90
CA ALA A 586 -8.31 28.48 56.83
C ALA A 586 -8.01 27.00 56.53
N PHE A 587 -9.05 26.19 56.26
CA PHE A 587 -8.87 24.76 55.98
C PHE A 587 -8.21 24.51 54.59
N GLN A 588 -8.69 25.24 53.59
CA GLN A 588 -8.31 25.07 52.20
C GLN A 588 -6.80 25.32 51.99
N ARG A 589 -6.20 26.16 52.84
CA ARG A 589 -4.76 26.45 52.83
C ARG A 589 -3.93 25.19 53.09
N TYR A 590 -4.57 24.15 53.66
CA TYR A 590 -3.88 22.88 54.06
C TYR A 590 -4.57 21.59 53.55
N VAL A 591 -5.28 21.74 52.43
CA VAL A 591 -6.00 20.68 51.81
C VAL A 591 -5.70 20.79 50.30
N ASP A 592 -5.25 19.64 49.77
CA ASP A 592 -4.82 19.47 48.40
C ASP A 592 -5.96 19.25 47.42
N ASN A 593 -7.10 18.72 47.89
CA ASN A 593 -8.33 18.72 47.08
C ASN A 593 -9.14 19.96 47.52
N ASN A 594 -10.46 19.93 47.43
CA ASN A 594 -11.29 21.09 47.85
C ASN A 594 -12.06 20.89 49.13
N ILE A 595 -13.07 21.75 49.33
CA ILE A 595 -13.77 21.70 50.59
C ILE A 595 -15.27 21.86 50.49
N SER A 596 -16.00 20.97 51.13
CA SER A 596 -17.42 21.18 51.26
C SER A 596 -17.81 22.15 52.41
N LYS A 597 -18.24 23.38 52.08
CA LYS A 597 -18.70 24.40 53.06
C LYS A 597 -19.89 25.13 52.49
N THR A 598 -20.96 25.17 53.27
CA THR A 598 -22.11 25.98 52.95
C THR A 598 -21.91 27.30 53.64
N ILE A 599 -21.90 28.39 52.85
CA ILE A 599 -21.96 29.75 53.40
C ILE A 599 -23.43 30.14 53.73
N ASN A 600 -23.81 29.88 54.98
CA ASN A 600 -25.13 30.25 55.52
C ASN A 600 -25.31 31.72 55.59
N MET A 601 -26.45 32.20 55.13
CA MET A 601 -26.75 33.63 55.25
C MET A 601 -28.09 33.84 55.92
N PRO A 602 -28.25 34.95 56.67
CA PRO A 602 -29.50 35.13 57.40
C PRO A 602 -30.59 35.51 56.40
N GLN A 603 -31.82 35.21 56.74
CA GLN A 603 -32.94 35.55 55.88
C GLN A 603 -32.91 37.00 55.35
N SER A 604 -32.33 37.90 56.15
CA SER A 604 -32.26 39.34 55.91
C SER A 604 -31.11 39.82 55.00
N ALA A 605 -30.28 38.88 54.52
CA ALA A 605 -29.22 39.12 53.57
C ALA A 605 -29.83 39.50 52.23
N THR A 606 -29.15 40.40 51.51
CA THR A 606 -29.58 40.93 50.24
C THR A 606 -28.74 40.27 49.17
N VAL A 607 -29.06 40.49 47.89
CA VAL A 607 -28.21 40.03 46.79
C VAL A 607 -26.88 40.76 46.79
N ASP A 608 -26.86 42.03 47.19
CA ASP A 608 -25.55 42.70 47.48
C ASP A 608 -24.62 41.92 48.45
N ASP A 609 -25.17 41.42 49.58
CA ASP A 609 -24.41 40.66 50.60
C ASP A 609 -23.85 39.43 49.99
N VAL A 610 -24.64 38.76 49.16
CA VAL A 610 -24.18 37.55 48.42
C VAL A 610 -22.98 37.85 47.48
N LEU A 611 -23.07 38.93 46.73
CA LEU A 611 -22.00 39.42 45.85
C LEU A 611 -20.75 39.72 46.64
N ASN A 612 -20.93 40.31 47.81
CA ASN A 612 -19.81 40.60 48.66
C ASN A 612 -19.08 39.33 49.12
N VAL A 613 -19.84 38.26 49.34
CA VAL A 613 -19.25 36.96 49.67
C VAL A 613 -18.40 36.46 48.46
N TYR A 614 -18.96 36.48 47.27
CA TYR A 614 -18.26 36.08 46.05
C TYR A 614 -16.98 36.88 45.85
N LEU A 615 -17.07 38.19 46.04
CA LEU A 615 -15.91 39.05 45.96
C LEU A 615 -14.82 38.70 46.98
N GLU A 616 -15.21 38.45 48.23
CA GLU A 616 -14.22 38.09 49.23
C GLU A 616 -13.66 36.74 48.88
N ALA A 617 -14.51 35.90 48.30
CA ALA A 617 -14.14 34.56 47.93
C ALA A 617 -13.03 34.59 46.94
N LEU A 618 -13.10 35.52 46.01
CA LEU A 618 -12.01 35.69 44.97
C LEU A 618 -10.65 36.06 45.54
N ARG A 619 -10.62 36.70 46.70
CA ARG A 619 -9.39 37.19 47.33
C ARG A 619 -8.82 36.19 48.35
N THR A 620 -9.64 35.26 48.83
CA THR A 620 -9.13 34.26 49.77
C THR A 620 -8.66 33.07 48.95
N ASN A 621 -8.23 32.02 49.63
CA ASN A 621 -7.76 30.79 48.97
C ASN A 621 -8.80 29.70 48.67
N VAL A 622 -10.08 30.04 48.70
CA VAL A 622 -11.13 29.04 48.50
C VAL A 622 -11.15 28.64 47.03
N ARG A 623 -11.57 27.40 46.82
CA ARG A 623 -11.57 26.79 45.49
C ARG A 623 -12.96 26.71 44.89
N GLY A 624 -13.97 27.04 45.69
CA GLY A 624 -15.33 27.06 45.18
C GLY A 624 -16.20 27.67 46.28
N ILE A 625 -17.47 27.89 45.94
CA ILE A 625 -18.45 28.57 46.80
C ILE A 625 -19.86 27.99 46.64
N THR A 626 -20.45 27.70 47.80
CA THR A 626 -21.87 27.39 47.96
C THR A 626 -22.46 28.30 49.02
N VAL A 627 -23.56 28.96 48.67
CA VAL A 627 -24.27 29.81 49.63
C VAL A 627 -25.68 29.26 49.92
N TYR A 628 -26.07 29.27 51.19
CA TYR A 628 -27.47 28.95 51.48
C TYR A 628 -28.05 29.99 52.39
N ARG A 629 -29.00 30.74 51.84
CA ARG A 629 -29.70 31.79 52.57
C ARG A 629 -30.93 31.22 53.26
N ASP A 630 -30.88 31.27 54.57
CA ASP A 630 -31.99 30.82 55.41
C ASP A 630 -33.42 31.22 54.95
N GLY A 631 -34.32 30.24 54.83
CA GLY A 631 -35.70 30.50 54.46
C GLY A 631 -35.97 30.74 52.96
N SER A 632 -34.94 30.66 52.13
CA SER A 632 -35.07 30.96 50.68
C SER A 632 -35.83 29.84 49.95
N LEU A 633 -35.55 28.62 50.36
CA LEU A 633 -36.17 27.41 49.77
C LEU A 633 -37.09 26.69 50.80
N MET B 1 -49.98 -1.94 -21.23
CA MET B 1 -49.02 -1.22 -22.08
C MET B 1 -47.63 -1.32 -21.45
N LYS B 2 -46.60 -0.91 -22.19
CA LYS B 2 -45.25 -0.99 -21.68
C LYS B 2 -45.14 0.02 -20.54
N LEU B 3 -44.38 -0.34 -19.52
CA LEU B 3 -44.06 0.65 -18.49
C LEU B 3 -43.47 1.97 -19.09
N SER B 4 -42.59 1.85 -20.10
CA SER B 4 -41.99 3.04 -20.79
C SER B 4 -43.07 4.00 -21.26
N ASP B 5 -44.13 3.46 -21.87
CA ASP B 5 -45.25 4.32 -22.28
C ASP B 5 -46.04 4.92 -21.14
N LEU B 6 -46.29 4.12 -20.10
CA LEU B 6 -46.99 4.66 -18.91
C LEU B 6 -46.20 5.83 -18.26
N ILE B 7 -44.87 5.67 -18.22
CA ILE B 7 -43.95 6.72 -17.77
C ILE B 7 -44.15 8.06 -18.51
N SER B 8 -44.18 8.01 -19.86
CA SER B 8 -44.30 9.20 -20.74
C SER B 8 -45.55 10.01 -20.39
N ARG B 9 -46.62 9.29 -20.03
CA ARG B 9 -47.86 9.84 -19.51
C ARG B 9 -47.66 10.56 -18.15
N TRP B 10 -46.72 10.11 -17.33
CA TRP B 10 -46.60 10.73 -16.01
C TRP B 10 -45.32 11.57 -15.83
N ILE B 11 -44.29 11.31 -16.61
CA ILE B 11 -42.99 11.91 -16.40
C ILE B 11 -42.92 13.42 -16.33
N ASP B 12 -43.81 14.10 -17.06
CA ASP B 12 -43.83 15.58 -17.14
C ASP B 12 -45.06 16.20 -16.48
N VAL B 13 -45.82 15.40 -15.75
CA VAL B 13 -46.91 15.97 -14.90
C VAL B 13 -46.11 16.51 -13.74
N GLU B 14 -46.22 17.81 -13.47
CA GLU B 14 -45.37 18.42 -12.44
C GLU B 14 -45.98 18.21 -11.04
N PRO B 15 -45.14 18.02 -9.99
CA PRO B 15 -45.72 18.01 -8.66
C PRO B 15 -46.61 19.26 -8.45
N SER B 16 -47.74 19.09 -7.75
CA SER B 16 -48.60 20.21 -7.40
C SER B 16 -47.83 21.25 -6.55
N LYS B 17 -48.42 22.42 -6.36
CA LYS B 17 -47.83 23.47 -5.54
C LYS B 17 -47.75 23.03 -4.09
N ASN B 18 -48.78 22.31 -3.63
CA ASN B 18 -48.71 21.70 -2.30
C ASN B 18 -47.49 20.75 -2.15
N ALA B 19 -47.33 19.80 -3.08
CA ALA B 19 -46.18 18.90 -3.14
C ALA B 19 -44.85 19.62 -3.22
N GLN B 20 -44.75 20.63 -4.07
CA GLN B 20 -43.50 21.43 -4.22
C GLN B 20 -43.00 22.16 -2.93
N ILE B 21 -43.95 22.65 -2.12
CA ILE B 21 -43.69 23.27 -0.84
C ILE B 21 -43.10 22.29 0.18
N ILE B 22 -43.72 21.11 0.27
CA ILE B 22 -43.15 19.98 1.04
C ILE B 22 -41.69 19.75 0.62
N LEU B 23 -41.46 19.67 -0.70
CA LEU B 23 -40.16 19.36 -1.28
C LEU B 23 -39.10 20.42 -0.97
N ARG B 24 -39.47 21.68 -1.07
CA ARG B 24 -38.57 22.80 -0.86
C ARG B 24 -38.28 22.83 0.61
N ASP B 25 -39.34 22.66 1.38
CA ASP B 25 -39.28 22.63 2.85
C ASP B 25 -38.28 21.62 3.44
N ARG B 26 -38.29 20.35 2.99
CA ARG B 26 -37.40 19.34 3.62
C ARG B 26 -36.66 18.33 2.78
N TYR B 27 -36.88 18.34 1.46
CA TYR B 27 -36.25 17.34 0.53
C TYR B 27 -35.16 17.89 -0.40
N PHE B 28 -35.38 19.07 -1.02
CA PHE B 28 -34.36 19.70 -1.83
C PHE B 28 -33.10 19.93 -0.99
N MET B 29 -32.01 19.35 -1.44
CA MET B 29 -30.67 19.56 -0.88
C MET B 29 -30.30 21.07 -0.90
N LYS B 30 -29.67 21.54 0.16
CA LYS B 30 -29.12 22.91 0.23
C LYS B 30 -27.60 22.87 0.47
N ASP B 31 -26.90 23.97 0.17
CA ASP B 31 -25.45 24.06 0.49
C ASP B 31 -25.21 24.73 1.86
N LEU B 32 -23.93 24.96 2.19
CA LEU B 32 -23.58 25.47 3.54
C LEU B 32 -24.25 26.80 3.84
N ASP B 33 -24.53 27.56 2.78
CA ASP B 33 -25.15 28.86 2.90
C ASP B 33 -26.66 28.82 3.18
N GLY B 34 -27.25 27.62 3.04
CA GLY B 34 -28.72 27.46 3.00
C GLY B 34 -29.25 27.74 1.60
N ASN B 35 -28.35 27.90 0.63
CA ASN B 35 -28.76 27.96 -0.78
C ASN B 35 -29.08 26.58 -1.37
N TYR B 36 -30.14 26.53 -2.16
CA TYR B 36 -30.61 25.29 -2.76
C TYR B 36 -29.70 24.69 -3.84
N LEU B 37 -29.20 23.49 -3.59
CA LEU B 37 -28.59 22.64 -4.65
C LEU B 37 -29.62 22.00 -5.59
N GLU B 38 -30.81 21.73 -5.08
CA GLU B 38 -31.91 21.13 -5.86
C GLU B 38 -33.07 22.12 -5.84
N THR B 39 -33.70 22.33 -6.99
CA THR B 39 -34.84 23.24 -7.02
C THR B 39 -36.11 22.59 -7.57
N LYS B 40 -35.92 21.39 -8.14
CA LYS B 40 -36.94 20.62 -8.86
C LYS B 40 -36.92 19.15 -8.48
N TRP B 41 -38.11 18.52 -8.45
CA TRP B 41 -38.27 17.06 -8.24
C TRP B 41 -37.35 16.16 -9.08
N GLU B 42 -37.23 16.53 -10.35
CA GLU B 42 -36.26 15.97 -11.28
C GLU B 42 -34.85 15.87 -10.70
N ASP B 43 -34.44 16.82 -9.86
CA ASP B 43 -33.07 16.83 -9.32
C ASP B 43 -32.95 15.77 -8.26
N VAL B 44 -33.99 15.66 -7.43
CA VAL B 44 -34.03 14.53 -6.40
C VAL B 44 -34.03 13.17 -7.08
N ALA B 45 -34.87 13.02 -8.09
CA ALA B 45 -34.92 11.80 -8.91
C ALA B 45 -33.60 11.43 -9.56
N ARG B 46 -32.89 12.42 -10.13
CA ARG B 46 -31.51 12.21 -10.71
C ARG B 46 -30.58 11.79 -9.61
N ARG B 47 -30.55 12.59 -8.55
CA ARG B 47 -29.66 12.25 -7.41
C ARG B 47 -29.91 10.84 -6.85
N VAL B 48 -31.19 10.50 -6.61
CA VAL B 48 -31.51 9.22 -5.95
C VAL B 48 -31.24 8.04 -6.85
N ALA B 49 -31.63 8.17 -8.11
CA ALA B 49 -31.45 7.11 -9.10
C ALA B 49 -29.98 6.79 -9.28
N ARG B 50 -29.15 7.86 -9.41
CA ARG B 50 -27.69 7.74 -9.59
C ARG B 50 -27.07 7.05 -8.45
N VAL B 51 -27.38 7.51 -7.26
CA VAL B 51 -26.90 6.85 -6.03
C VAL B 51 -27.32 5.39 -5.91
N VAL B 52 -28.60 5.07 -6.18
CA VAL B 52 -29.04 3.67 -6.01
C VAL B 52 -28.53 2.70 -7.12
N ALA B 53 -28.36 3.25 -8.33
CA ALA B 53 -27.75 2.50 -9.40
C ALA B 53 -26.32 2.14 -9.08
N THR B 54 -25.59 3.00 -8.33
CA THR B 54 -24.17 2.70 -8.08
C THR B 54 -23.97 1.41 -7.31
N ALA B 55 -25.01 0.88 -6.65
CA ALA B 55 -24.94 -0.44 -5.98
C ALA B 55 -24.65 -1.56 -6.97
N GLU B 56 -24.97 -1.34 -8.24
CA GLU B 56 -24.65 -2.28 -9.32
C GLU B 56 -23.17 -2.55 -9.52
N LEU B 57 -22.29 -1.68 -8.98
CA LEU B 57 -20.84 -1.91 -8.93
C LEU B 57 -20.47 -3.23 -8.29
N LEU B 58 -21.27 -3.69 -7.32
CA LEU B 58 -20.98 -4.89 -6.56
C LEU B 58 -21.61 -6.13 -7.18
N ASN B 59 -22.19 -5.98 -8.37
CA ASN B 59 -22.90 -7.07 -9.07
C ASN B 59 -21.88 -8.10 -9.64
N PRO B 60 -21.85 -9.36 -9.09
CA PRO B 60 -20.81 -10.32 -9.50
C PRO B 60 -21.09 -10.97 -10.86
N SER B 61 -22.18 -10.60 -11.51
CA SER B 61 -22.49 -11.18 -12.80
C SER B 61 -22.18 -10.23 -13.96
N TYR B 62 -21.61 -9.07 -13.66
CA TYR B 62 -21.18 -8.15 -14.69
C TYR B 62 -19.65 -8.17 -14.82
N LYS B 63 -19.18 -8.28 -16.07
CA LYS B 63 -17.78 -7.97 -16.45
C LYS B 63 -17.34 -6.53 -15.93
N LYS B 64 -16.08 -6.07 -16.03
CA LYS B 64 -15.12 -6.20 -17.16
C LYS B 64 -15.69 -5.93 -18.58
N ASN B 65 -15.84 -4.64 -18.86
CA ASN B 65 -16.11 -4.15 -20.21
C ASN B 65 -17.62 -4.06 -20.41
N GLU B 66 -18.34 -4.13 -19.29
CA GLU B 66 -19.80 -4.22 -19.28
C GLU B 66 -20.45 -3.35 -18.19
N LYS B 67 -19.81 -3.26 -17.02
CA LYS B 67 -20.40 -2.59 -15.84
C LYS B 67 -20.92 -1.19 -16.03
N LEU B 68 -20.26 -0.36 -16.85
CA LEU B 68 -20.64 1.04 -17.00
C LEU B 68 -21.94 1.13 -17.73
N ASP B 69 -22.09 0.32 -18.78
CA ASP B 69 -23.32 0.30 -19.56
C ASP B 69 -24.52 -0.10 -18.67
N ARG B 70 -24.36 -1.17 -17.89
CA ARG B 70 -25.42 -1.74 -17.06
C ARG B 70 -25.84 -0.78 -15.94
N ILE B 71 -24.87 -0.07 -15.36
CA ILE B 71 -25.14 0.92 -14.35
C ILE B 71 -25.93 2.11 -14.90
N LYS B 72 -25.49 2.68 -16.02
CA LYS B 72 -26.24 3.78 -16.62
C LYS B 72 -27.63 3.35 -17.01
N GLU B 73 -27.77 2.10 -17.42
CA GLU B 73 -29.12 1.55 -17.70
C GLU B 73 -30.00 1.47 -16.47
N TRP B 74 -29.47 0.96 -15.36
CA TRP B 74 -30.27 1.00 -14.13
C TRP B 74 -30.58 2.42 -13.64
N GLU B 75 -29.56 3.28 -13.72
CA GLU B 75 -29.75 4.68 -13.33
C GLU B 75 -30.89 5.35 -14.12
N ASP B 76 -30.83 5.28 -15.45
CA ASP B 76 -31.91 5.67 -16.33
C ASP B 76 -33.28 5.07 -15.99
N ILE B 77 -33.37 3.75 -15.78
CA ILE B 77 -34.67 3.23 -15.43
C ILE B 77 -35.21 3.75 -14.07
N PHE B 78 -34.35 3.76 -13.03
CA PHE B 78 -34.67 4.31 -11.73
C PHE B 78 -35.08 5.79 -11.87
N PHE B 79 -34.37 6.55 -12.70
CA PHE B 79 -34.59 8.00 -12.78
C PHE B 79 -35.96 8.27 -13.32
N ARG B 80 -36.34 7.48 -14.29
CA ARG B 80 -37.61 7.71 -15.01
C ARG B 80 -38.84 7.33 -14.18
N VAL B 81 -38.83 6.17 -13.49
CA VAL B 81 -39.97 5.80 -12.58
C VAL B 81 -40.07 6.81 -11.38
N LEU B 82 -38.92 7.24 -10.85
CA LEU B 82 -38.88 8.31 -9.86
C LEU B 82 -39.48 9.64 -10.31
N LYS B 83 -39.00 10.15 -11.46
CA LYS B 83 -39.51 11.38 -12.03
C LYS B 83 -41.04 11.34 -12.25
N ALA B 84 -41.51 10.24 -12.86
CA ALA B 84 -42.90 9.99 -13.08
C ALA B 84 -43.72 9.87 -11.77
N ARG B 85 -43.02 9.54 -10.66
CA ARG B 85 -43.66 9.40 -9.34
C ARG B 85 -44.61 8.21 -9.38
N LEU B 86 -44.13 7.17 -10.05
CA LEU B 86 -44.78 5.87 -10.10
C LEU B 86 -44.36 5.01 -8.89
N PHE B 87 -43.13 5.21 -8.43
CA PHE B 87 -42.56 4.52 -7.28
C PHE B 87 -41.77 5.58 -6.55
N ILE B 88 -41.96 5.67 -5.24
CA ILE B 88 -41.12 6.49 -4.43
C ILE B 88 -40.59 5.69 -3.20
N PRO B 89 -39.26 5.79 -2.92
CA PRO B 89 -38.70 5.18 -1.66
C PRO B 89 -39.05 5.99 -0.40
N ASN B 90 -39.00 5.31 0.75
CA ASN B 90 -39.16 5.99 2.03
C ASN B 90 -38.29 7.26 2.09
N SER B 91 -38.76 8.25 2.85
CA SER B 91 -38.18 9.58 2.89
C SER B 91 -36.71 9.62 3.15
N PRO B 92 -36.22 8.80 4.10
CA PRO B 92 -34.80 9.01 4.35
C PRO B 92 -33.94 8.77 3.10
N THR B 93 -34.43 7.98 2.12
CA THR B 93 -33.66 7.68 0.91
C THR B 93 -33.56 9.01 0.12
N LEU B 94 -34.71 9.71 0.06
CA LEU B 94 -34.80 11.02 -0.50
C LEU B 94 -33.91 12.01 0.21
N PHE B 95 -33.92 12.04 1.55
CA PHE B 95 -33.21 13.05 2.27
C PHE B 95 -31.69 12.84 2.15
N ASN B 96 -31.24 11.60 2.24
CA ASN B 96 -29.85 11.27 2.61
C ASN B 96 -28.96 10.67 1.49
N ALA B 97 -29.57 10.22 0.42
CA ALA B 97 -28.84 9.67 -0.72
C ALA B 97 -27.90 10.76 -1.25
N GLY B 98 -26.63 10.36 -1.38
CA GLY B 98 -25.56 11.23 -1.92
C GLY B 98 -24.79 12.02 -0.87
N LEU B 99 -25.06 11.79 0.42
CA LEU B 99 -24.39 12.60 1.42
C LEU B 99 -22.94 12.17 1.52
N GLY B 100 -22.01 13.13 1.43
CA GLY B 100 -20.56 12.84 1.45
C GLY B 100 -19.93 13.00 0.06
N VAL B 101 -20.80 12.99 -0.97
CA VAL B 101 -20.41 12.88 -2.36
C VAL B 101 -20.23 14.28 -2.90
N LYS B 102 -19.26 14.52 -3.79
CA LYS B 102 -19.11 15.86 -4.39
C LYS B 102 -20.33 16.22 -5.21
N HIS B 103 -20.67 17.48 -5.20
CA HIS B 103 -21.86 17.94 -5.89
C HIS B 103 -21.78 17.83 -7.42
N ASP B 104 -20.58 17.95 -8.00
CA ASP B 104 -20.44 17.79 -9.45
C ASP B 104 -20.62 16.34 -9.94
N LEU B 105 -20.78 15.39 -9.04
CA LEU B 105 -20.97 14.03 -9.48
C LEU B 105 -22.43 13.67 -9.42
N LEU B 106 -23.21 14.42 -8.63
CA LEU B 106 -24.54 14.01 -8.17
C LEU B 106 -25.68 14.27 -9.19
N TRP B 107 -25.55 15.39 -9.90
CA TRP B 107 -26.55 15.83 -10.89
C TRP B 107 -26.00 15.88 -12.30
N LYS B 108 -24.81 15.32 -12.47
CA LYS B 108 -24.13 15.27 -13.76
C LYS B 108 -24.85 14.34 -14.77
N PRO B 109 -24.84 14.72 -16.07
CA PRO B 109 -25.62 13.96 -17.06
C PRO B 109 -25.24 12.47 -17.09
N ILE B 110 -26.24 11.60 -17.16
CA ILE B 110 -25.97 10.16 -17.20
C ILE B 110 -24.99 9.77 -18.29
N ASP B 111 -25.04 10.47 -19.42
CA ASP B 111 -24.24 10.10 -20.57
C ASP B 111 -22.76 10.55 -20.43
N GLN B 112 -22.48 11.47 -19.51
CA GLN B 112 -21.10 11.84 -19.27
C GLN B 112 -20.54 11.04 -18.10
N MET B 113 -21.29 10.02 -17.65
CA MET B 113 -20.88 9.21 -16.49
C MET B 113 -19.84 8.18 -16.88
N THR B 114 -18.75 8.11 -16.10
CA THR B 114 -17.65 7.21 -16.37
C THR B 114 -17.68 6.22 -15.20
N LEU B 115 -17.07 5.06 -15.37
CA LEU B 115 -17.02 4.06 -14.30
C LEU B 115 -16.36 4.58 -13.04
N GLU B 116 -15.33 5.39 -13.18
CA GLU B 116 -14.62 5.95 -12.02
C GLU B 116 -15.54 6.91 -11.30
N ASP B 117 -16.43 7.56 -12.03
CA ASP B 117 -17.40 8.44 -11.41
C ASP B 117 -18.32 7.65 -10.44
N TYR B 118 -18.80 6.46 -10.84
CA TYR B 118 -19.61 5.63 -9.95
C TYR B 118 -18.84 5.12 -8.73
N GLU B 119 -17.60 4.72 -8.97
CA GLU B 119 -16.68 4.25 -7.93
C GLU B 119 -16.42 5.29 -6.87
N GLU B 120 -16.43 6.55 -7.26
CA GLU B 120 -16.20 7.64 -6.34
C GLU B 120 -17.46 8.10 -5.59
N ILE B 121 -18.61 8.11 -6.25
CA ILE B 121 -19.88 8.19 -5.47
C ILE B 121 -19.92 7.12 -4.35
N TYR B 122 -19.62 5.86 -4.69
CA TYR B 122 -19.74 4.77 -3.77
C TYR B 122 -18.80 4.87 -2.58
N ARG B 123 -17.55 5.26 -2.83
CA ARG B 123 -16.52 5.35 -1.81
C ARG B 123 -16.76 6.55 -0.88
N SER B 124 -17.33 7.61 -1.42
CA SER B 124 -17.51 8.82 -0.66
C SER B 124 -18.90 8.98 0.08
N ARG B 125 -19.66 7.89 0.23
CA ARG B 125 -20.89 7.97 1.05
C ARG B 125 -20.49 8.11 2.52
N ASN B 126 -21.02 9.10 3.25
CA ASN B 126 -20.57 9.32 4.66
C ASN B 126 -21.45 8.67 5.77
N HIS B 127 -21.09 8.92 7.02
CA HIS B 127 -21.66 8.24 8.19
C HIS B 127 -23.15 8.63 8.29
N LEU B 128 -23.54 9.67 7.56
CA LEU B 128 -24.93 10.13 7.59
C LEU B 128 -25.77 9.59 6.40
N HIS B 129 -25.17 8.71 5.59
CA HIS B 129 -25.80 8.25 4.35
C HIS B 129 -26.84 7.14 4.64
N MET B 130 -27.88 7.49 5.41
CA MET B 130 -28.76 6.49 6.00
C MET B 130 -30.09 6.58 5.35
N LEU B 131 -30.47 5.47 4.74
CA LEU B 131 -31.46 5.41 3.71
C LEU B 131 -32.77 4.62 4.08
N SER B 132 -32.93 4.23 5.33
CA SER B 132 -34.02 3.34 5.81
C SER B 132 -34.83 3.96 6.91
N ALA B 133 -36.16 3.80 6.84
CA ALA B 133 -37.04 4.32 7.90
C ALA B 133 -37.20 3.48 9.20
N CYS B 134 -36.91 2.18 9.19
CA CYS B 134 -37.51 1.34 10.24
C CYS B 134 -36.47 0.56 10.95
N PHE B 135 -36.44 0.77 12.28
CA PHE B 135 -35.52 0.06 13.18
C PHE B 135 -36.23 -0.62 14.37
N VAL B 136 -35.65 -1.73 14.84
CA VAL B 136 -35.91 -2.37 16.15
C VAL B 136 -34.56 -2.71 16.88
N VAL B 137 -34.48 -2.30 18.17
CA VAL B 137 -33.41 -2.74 19.06
C VAL B 137 -33.97 -3.42 20.34
N PRO B 138 -33.21 -4.40 20.91
CA PRO B 138 -33.62 -4.99 22.19
C PRO B 138 -33.36 -4.01 23.31
N VAL B 139 -34.12 -4.14 24.38
CA VAL B 139 -33.82 -3.47 25.64
C VAL B 139 -33.72 -4.53 26.73
N GLY B 140 -32.51 -5.07 26.92
CA GLY B 140 -32.27 -6.07 27.98
C GLY B 140 -32.44 -5.64 29.45
N ASP B 141 -32.60 -6.63 30.33
CA ASP B 141 -32.93 -6.39 31.76
C ASP B 141 -31.68 -6.03 32.65
N SER B 142 -30.98 -4.94 32.31
CA SER B 142 -29.87 -4.42 33.10
C SER B 142 -29.67 -2.95 32.79
N ILE B 143 -29.27 -2.18 33.81
CA ILE B 143 -29.00 -0.75 33.59
C ILE B 143 -28.06 -0.56 32.40
N GLU B 144 -27.07 -1.44 32.27
CA GLU B 144 -26.13 -1.40 31.16
C GLU B 144 -26.81 -1.47 29.81
N GLU B 145 -27.69 -2.47 29.63
CA GLU B 145 -28.40 -2.71 28.39
C GLU B 145 -29.45 -1.64 28.13
N ILE B 146 -30.11 -1.20 29.20
CA ILE B 146 -31.14 -0.14 29.04
C ILE B 146 -30.53 1.10 28.43
N PHE B 147 -29.46 1.59 29.03
CA PHE B 147 -28.79 2.85 28.59
C PHE B 147 -27.92 2.71 27.34
N GLU B 148 -27.48 1.49 27.05
CA GLU B 148 -26.96 1.22 25.68
C GLU B 148 -28.08 1.38 24.61
N ALA B 149 -29.30 0.90 24.89
CA ALA B 149 -30.46 1.06 24.02
C ALA B 149 -30.86 2.51 23.91
N VAL B 150 -30.78 3.26 25.00
CA VAL B 150 -31.01 4.70 24.90
C VAL B 150 -30.01 5.41 23.97
N LYS B 151 -28.72 5.06 24.10
CA LYS B 151 -27.70 5.56 23.15
C LYS B 151 -28.10 5.27 21.69
N GLU B 152 -28.50 4.01 21.42
CA GLU B 152 -28.91 3.51 20.07
C GLU B 152 -30.12 4.31 19.52
N TYR B 153 -31.08 4.60 20.38
CA TYR B 153 -32.24 5.41 19.97
C TYR B 153 -31.79 6.74 19.43
N ALA B 154 -30.93 7.44 20.20
CA ALA B 154 -30.26 8.67 19.86
C ALA B 154 -29.57 8.68 18.48
N LEU B 155 -28.61 7.78 18.34
CA LEU B 155 -27.80 7.57 17.15
C LEU B 155 -28.70 7.28 15.94
N ILE B 156 -29.67 6.39 16.10
CA ILE B 156 -30.66 6.11 15.05
C ILE B 156 -31.54 7.31 14.71
N THR B 157 -31.92 8.08 15.70
CA THR B 157 -32.80 9.21 15.49
C THR B 157 -32.04 10.31 14.78
N LYS B 158 -30.82 10.55 15.23
CA LYS B 158 -29.92 11.51 14.62
C LYS B 158 -29.84 11.34 13.10
N VAL B 159 -29.58 10.13 12.61
CA VAL B 159 -29.42 9.90 11.15
C VAL B 159 -30.76 9.69 10.37
N GLY B 160 -31.90 9.76 11.07
CA GLY B 160 -33.21 9.84 10.42
C GLY B 160 -34.12 8.63 10.54
N GLY B 161 -33.77 7.65 11.37
CA GLY B 161 -34.57 6.41 11.50
C GLY B 161 -35.68 6.49 12.52
N GLY B 162 -36.73 5.67 12.35
CA GLY B 162 -37.73 5.41 13.40
C GLY B 162 -37.43 4.03 14.03
N VAL B 163 -37.40 3.99 15.37
CA VAL B 163 -37.04 2.78 16.14
C VAL B 163 -38.16 2.36 17.09
N GLY B 164 -38.25 1.05 17.29
CA GLY B 164 -39.24 0.47 18.16
C GLY B 164 -38.58 -0.48 19.12
N SER B 165 -39.22 -0.72 20.26
CA SER B 165 -38.75 -1.82 21.12
C SER B 165 -39.87 -2.51 21.89
N ASN B 166 -39.63 -3.76 22.19
CA ASN B 166 -40.39 -4.46 23.21
C ASN B 166 -39.66 -4.35 24.57
N PHE B 167 -40.37 -3.78 25.54
CA PHE B 167 -39.79 -3.49 26.87
C PHE B 167 -39.99 -4.64 27.87
N SER B 168 -40.74 -5.66 27.48
CA SER B 168 -41.08 -6.80 28.37
C SER B 168 -39.92 -7.52 29.08
N GLU B 169 -38.68 -7.44 28.59
CA GLU B 169 -37.59 -8.04 29.35
C GLU B 169 -37.30 -7.35 30.68
N LEU B 170 -37.67 -6.09 30.77
CA LEU B 170 -37.41 -5.37 31.99
C LEU B 170 -38.29 -5.91 33.11
N ARG B 171 -37.67 -6.19 34.25
CA ARG B 171 -38.39 -6.73 35.43
C ARG B 171 -39.39 -5.69 35.95
N PRO B 172 -40.55 -6.17 36.45
CA PRO B 172 -41.62 -5.28 36.90
C PRO B 172 -41.10 -4.31 37.94
N LYS B 173 -41.76 -3.17 38.01
CA LYS B 173 -41.54 -2.15 39.02
C LYS B 173 -41.63 -2.81 40.39
N GLY B 174 -40.65 -2.55 41.24
CA GLY B 174 -40.69 -3.03 42.60
C GLY B 174 -39.99 -4.34 42.78
N SER B 175 -39.51 -4.95 41.70
CA SER B 175 -38.67 -6.16 41.76
C SER B 175 -37.38 -6.00 42.57
N PHE B 176 -36.93 -7.10 43.18
CA PHE B 176 -35.66 -7.10 43.86
C PHE B 176 -34.54 -6.80 42.84
N VAL B 177 -33.61 -5.95 43.26
CA VAL B 177 -32.39 -5.68 42.50
C VAL B 177 -31.23 -5.97 43.42
N ALA B 178 -30.36 -6.88 42.99
CA ALA B 178 -29.16 -7.21 43.74
C ALA B 178 -28.30 -5.98 44.13
N GLY B 179 -27.89 -5.92 45.39
CA GLY B 179 -26.84 -5.01 45.82
C GLY B 179 -27.33 -3.63 46.18
N THR B 180 -28.63 -3.42 46.25
CA THR B 180 -29.19 -2.13 46.64
C THR B 180 -30.49 -2.35 47.42
N HIS B 181 -31.00 -1.25 47.99
CA HIS B 181 -32.23 -1.19 48.80
C HIS B 181 -33.37 -0.63 47.95
N GLY B 182 -33.01 0.01 46.83
CA GLY B 182 -33.98 0.42 45.81
C GLY B 182 -34.53 -0.75 45.00
N LYS B 183 -35.77 -0.61 44.59
CA LYS B 183 -36.44 -1.62 43.77
C LYS B 183 -36.28 -1.30 42.27
N ALA B 184 -36.50 -2.29 41.40
CA ALA B 184 -36.41 -2.11 39.95
C ALA B 184 -37.38 -1.01 39.61
N SER B 185 -36.98 -0.08 38.76
CA SER B 185 -37.95 0.99 38.34
C SER B 185 -39.11 0.52 37.44
N GLY B 186 -38.86 -0.54 36.66
CA GLY B 186 -39.91 -1.10 35.82
C GLY B 186 -39.96 -0.47 34.43
N PRO B 187 -40.54 -1.18 33.44
CA PRO B 187 -40.48 -0.73 32.05
C PRO B 187 -41.08 0.63 31.76
N VAL B 188 -42.27 0.92 32.25
CA VAL B 188 -42.92 2.20 31.94
C VAL B 188 -42.04 3.41 32.33
N SER B 189 -41.41 3.28 33.48
CA SER B 189 -40.64 4.36 34.05
C SER B 189 -39.33 4.51 33.24
N PHE B 190 -38.66 3.40 32.90
CA PHE B 190 -37.53 3.46 32.03
C PHE B 190 -37.84 4.01 30.57
N MET B 191 -39.01 3.70 29.99
CA MET B 191 -39.46 4.37 28.74
C MET B 191 -39.37 5.90 28.78
N HIS B 192 -39.45 6.47 29.98
CA HIS B 192 -39.40 7.90 30.15
C HIS B 192 -38.03 8.46 29.65
N VAL B 193 -36.97 7.68 29.89
CA VAL B 193 -35.64 8.10 29.52
C VAL B 193 -35.51 8.08 27.98
N PHE B 194 -36.14 7.09 27.31
CA PHE B 194 -36.14 7.04 25.85
C PHE B 194 -36.88 8.25 25.25
N ASN B 195 -38.01 8.60 25.86
CA ASN B 195 -38.76 9.71 25.40
C ASN B 195 -37.99 10.98 25.57
N SER B 196 -37.29 11.12 26.70
CA SER B 196 -36.57 12.36 26.98
C SER B 196 -35.31 12.51 26.09
N ALA B 197 -34.69 11.40 25.70
CA ALA B 197 -33.63 11.31 24.69
C ALA B 197 -34.05 11.85 23.32
N ILE B 198 -35.23 11.42 22.86
CA ILE B 198 -35.76 11.78 21.58
C ILE B 198 -36.30 13.21 21.62
N SER B 199 -36.75 13.70 22.80
CA SER B 199 -37.21 15.09 22.90
C SER B 199 -36.08 16.07 22.59
N VAL B 200 -34.85 15.61 22.56
CA VAL B 200 -33.70 16.50 22.51
C VAL B 200 -32.80 16.24 21.25
N VAL B 201 -33.08 15.14 20.54
CA VAL B 201 -32.42 14.79 19.30
C VAL B 201 -33.43 14.95 18.17
N LYS B 202 -33.28 16.02 17.38
CA LYS B 202 -34.15 16.23 16.16
C LYS B 202 -33.78 15.21 15.05
N GLN B 203 -34.79 14.71 14.32
CA GLN B 203 -34.58 13.60 13.38
C GLN B 203 -34.06 14.09 12.01
N ARG B 207 -36.98 16.02 11.78
CA ARG B 207 -38.39 16.44 11.71
C ARG B 207 -39.32 15.63 12.64
N ARG B 208 -38.75 15.26 13.79
CA ARG B 208 -39.36 14.43 14.87
C ARG B 208 -39.61 12.94 14.53
N GLY B 209 -39.18 12.06 15.44
CA GLY B 209 -39.53 10.64 15.40
C GLY B 209 -40.49 10.20 16.51
N ALA B 210 -41.64 9.62 16.15
CA ALA B 210 -42.43 8.86 17.13
C ALA B 210 -41.67 7.54 17.25
N LEU B 211 -41.89 6.83 18.34
CA LEU B 211 -41.16 5.61 18.65
C LEU B 211 -42.27 4.55 18.76
N MET B 212 -41.92 3.29 18.64
CA MET B 212 -42.80 2.22 19.10
C MET B 212 -42.32 1.69 20.43
N GLY B 213 -43.26 1.57 21.36
CA GLY B 213 -43.03 0.81 22.59
C GLY B 213 -44.08 -0.25 22.88
N ILE B 214 -43.61 -1.48 23.02
CA ILE B 214 -44.52 -2.62 23.19
C ILE B 214 -44.30 -3.20 24.58
N LEU B 215 -45.36 -3.61 25.27
CA LEU B 215 -45.19 -4.48 26.45
C LEU B 215 -46.15 -5.60 26.24
N ASN B 216 -45.70 -6.83 26.55
CA ASN B 216 -46.48 -8.05 26.35
C ASN B 216 -47.59 -8.10 27.36
N ILE B 217 -48.74 -8.60 26.91
CA ILE B 217 -49.99 -8.72 27.64
C ILE B 217 -49.82 -9.47 29.01
N ASN B 218 -48.84 -10.38 29.11
CA ASN B 218 -48.60 -11.20 30.32
C ASN B 218 -47.55 -10.62 31.30
N HIS B 219 -47.02 -9.42 31.02
CA HIS B 219 -46.13 -8.70 31.90
C HIS B 219 -46.94 -8.14 33.10
N PRO B 220 -46.43 -8.28 34.35
CA PRO B 220 -47.09 -7.74 35.56
C PRO B 220 -47.40 -6.23 35.56
N ASP B 221 -46.62 -5.42 34.83
CA ASP B 221 -46.94 -3.98 34.78
C ASP B 221 -47.91 -3.63 33.63
N ILE B 222 -48.43 -4.68 32.98
CA ILE B 222 -49.24 -4.49 31.77
C ILE B 222 -50.35 -3.45 31.98
N GLU B 223 -50.99 -3.41 33.15
CA GLU B 223 -52.11 -2.43 33.37
C GLU B 223 -51.67 -1.01 33.46
N GLU B 224 -50.47 -0.81 34.02
CA GLU B 224 -49.89 0.49 34.11
C GLU B 224 -49.53 0.95 32.71
N PHE B 225 -48.94 0.05 31.92
CA PHE B 225 -48.57 0.30 30.54
C PHE B 225 -49.77 0.80 29.69
N ILE B 226 -50.88 0.04 29.71
CA ILE B 226 -52.16 0.44 29.10
C ILE B 226 -52.63 1.87 29.47
N ASP B 227 -52.33 2.30 30.70
CA ASP B 227 -52.79 3.60 31.23
C ASP B 227 -51.76 4.69 31.09
N ALA B 228 -50.59 4.39 30.55
CA ALA B 228 -49.43 5.29 30.67
C ALA B 228 -49.65 6.66 30.05
N LYS B 229 -50.51 6.70 29.03
CA LYS B 229 -50.81 7.92 28.30
C LYS B 229 -52.13 8.46 28.87
N LYS B 230 -52.08 9.01 30.08
CA LYS B 230 -53.25 9.60 30.75
C LYS B 230 -54.37 8.55 30.99
N VAL B 237 -46.25 11.85 29.45
CA VAL B 237 -44.81 12.19 29.31
C VAL B 237 -44.06 11.07 28.56
N LEU B 238 -44.87 10.40 27.73
CA LEU B 238 -44.38 9.44 26.74
C LEU B 238 -44.87 9.95 25.39
N ASN B 239 -44.98 11.26 25.31
CA ASN B 239 -45.57 11.95 24.19
C ASN B 239 -44.97 11.54 22.84
N PHE B 240 -43.74 11.03 22.85
CA PHE B 240 -43.10 10.52 21.61
C PHE B 240 -43.43 9.09 21.20
N PHE B 241 -44.06 8.30 22.10
CA PHE B 241 -44.33 6.88 21.84
C PHE B 241 -45.72 6.61 21.28
N ASN B 242 -45.77 5.79 20.26
CA ASN B 242 -46.90 4.95 20.01
C ASN B 242 -46.64 3.72 20.90
N LEU B 243 -47.72 3.22 21.52
CA LEU B 243 -47.72 2.18 22.53
C LEU B 243 -48.66 1.05 22.06
N SER B 244 -48.16 -0.18 21.98
CA SER B 244 -48.95 -1.32 21.58
C SER B 244 -48.80 -2.45 22.59
N VAL B 245 -49.87 -3.20 22.81
CA VAL B 245 -49.81 -4.37 23.66
C VAL B 245 -49.30 -5.56 22.84
N GLY B 246 -48.29 -6.26 23.30
CA GLY B 246 -47.72 -7.40 22.54
C GLY B 246 -48.40 -8.71 22.85
N PHE B 247 -48.61 -9.53 21.82
CA PHE B 247 -49.27 -10.83 22.01
C PHE B 247 -48.43 -11.81 21.37
N PRO B 248 -47.45 -12.37 22.11
CA PRO B 248 -46.53 -13.33 21.52
C PRO B 248 -47.11 -14.73 21.29
N MET B 249 -48.24 -15.01 21.93
CA MET B 249 -48.90 -16.30 21.76
C MET B 249 -49.79 -16.28 20.48
N ASP B 250 -50.27 -17.43 20.04
CA ASP B 250 -51.14 -17.54 18.90
C ASP B 250 -52.42 -16.75 19.18
N LYS B 251 -52.92 -16.07 18.15
CA LYS B 251 -54.14 -15.29 18.25
C LYS B 251 -55.34 -16.19 18.59
N LYS B 252 -55.35 -17.42 18.07
CA LYS B 252 -56.37 -18.45 18.36
C LYS B 252 -56.46 -18.66 19.84
N GLU B 253 -55.30 -18.72 20.50
CA GLU B 253 -55.21 -19.06 21.92
C GLU B 253 -55.78 -17.95 22.74
N ILE B 254 -55.52 -16.71 22.34
CA ILE B 254 -56.05 -15.53 23.04
C ILE B 254 -57.54 -15.29 22.83
N LEU B 255 -57.99 -15.51 21.60
CA LEU B 255 -59.42 -15.47 21.28
C LEU B 255 -60.26 -16.51 22.12
N LYS B 256 -59.74 -17.74 22.21
CA LYS B 256 -60.33 -18.80 22.97
C LYS B 256 -60.42 -18.45 24.46
N LEU B 257 -59.27 -18.09 25.03
CA LEU B 257 -59.16 -17.69 26.40
C LEU B 257 -60.23 -16.68 26.70
N TYR B 258 -60.41 -15.75 25.76
CA TYR B 258 -61.39 -14.65 25.89
C TYR B 258 -62.80 -15.18 25.90
N GLU B 259 -63.16 -15.95 24.89
CA GLU B 259 -64.51 -16.50 24.73
C GLU B 259 -64.92 -17.42 25.91
N GLU B 260 -63.91 -18.16 26.44
CA GLU B 260 -64.05 -19.00 27.61
C GLU B 260 -63.93 -18.22 28.92
N ASP B 261 -63.80 -16.92 28.82
CA ASP B 261 -63.67 -16.02 29.98
C ASP B 261 -62.60 -16.47 30.95
N GLY B 262 -61.47 -16.95 30.40
CA GLY B 262 -60.31 -17.40 31.14
C GLY B 262 -59.41 -16.36 31.82
N GLU B 263 -58.32 -16.86 32.39
CA GLU B 263 -57.40 -16.03 33.12
C GLU B 263 -56.06 -16.03 32.52
N LEU B 264 -55.36 -14.91 32.72
CA LEU B 264 -53.99 -14.85 32.29
C LEU B 264 -53.11 -14.69 33.51
N GLU B 265 -52.12 -15.56 33.63
CA GLU B 265 -51.05 -15.38 34.59
C GLU B 265 -50.09 -14.25 34.16
N LEU B 266 -50.01 -13.18 34.94
CA LEU B 266 -49.01 -12.13 34.73
C LEU B 266 -47.75 -12.49 35.52
N SER B 267 -46.65 -12.75 34.85
CA SER B 267 -45.44 -13.10 35.54
C SER B 267 -44.17 -12.66 34.78
N HIS B 268 -43.04 -12.67 35.47
CA HIS B 268 -41.76 -12.31 34.86
C HIS B 268 -40.70 -13.24 35.45
N PRO B 269 -39.78 -13.74 34.60
CA PRO B 269 -38.75 -14.69 35.05
C PRO B 269 -37.71 -14.20 36.09
N ARG B 270 -37.66 -12.89 36.33
CA ARG B 270 -36.65 -12.29 37.22
C ARG B 270 -37.35 -11.45 38.28
N SER B 271 -38.58 -11.84 38.61
CA SER B 271 -39.36 -11.17 39.64
C SER B 271 -40.30 -12.16 40.37
N THR B 272 -40.62 -11.89 41.63
CA THR B 272 -41.61 -12.67 42.38
C THR B 272 -42.99 -12.02 42.26
N ILE B 273 -43.01 -10.81 41.70
CA ILE B 273 -44.28 -10.11 41.44
C ILE B 273 -45.07 -10.96 40.43
N ARG B 274 -46.24 -11.41 40.88
CA ARG B 274 -47.17 -12.25 40.15
C ARG B 274 -48.58 -11.76 40.39
N LYS B 275 -49.49 -12.15 39.50
CA LYS B 275 -50.90 -11.77 39.58
C LYS B 275 -51.63 -12.56 38.51
N LYS B 276 -52.93 -12.75 38.72
CA LYS B 276 -53.80 -13.38 37.72
C LYS B 276 -54.89 -12.39 37.39
N VAL B 277 -55.23 -12.23 36.11
CA VAL B 277 -56.22 -11.21 35.73
C VAL B 277 -57.16 -11.87 34.72
N LYS B 278 -58.44 -11.46 34.71
CA LYS B 278 -59.40 -11.99 33.69
C LYS B 278 -59.07 -11.34 32.33
N ILE B 279 -58.96 -12.12 31.25
CA ILE B 279 -58.51 -11.60 29.92
C ILE B 279 -59.53 -10.56 29.43
N ARG B 280 -60.81 -10.81 29.68
CA ARG B 280 -61.83 -9.88 29.26
C ARG B 280 -61.61 -8.50 29.92
N GLU B 281 -61.09 -8.50 31.12
CA GLU B 281 -60.93 -7.30 31.92
C GLU B 281 -59.73 -6.46 31.42
N LEU B 282 -58.62 -7.13 31.12
CA LEU B 282 -57.47 -6.54 30.45
C LEU B 282 -57.86 -6.01 29.09
N PHE B 283 -58.56 -6.79 28.29
CA PHE B 283 -59.09 -6.33 27.00
C PHE B 283 -60.00 -5.11 27.15
N ARG B 284 -60.90 -5.12 28.15
CA ARG B 284 -61.77 -3.94 28.42
C ARG B 284 -60.96 -2.66 28.73
N LYS B 285 -59.89 -2.77 29.51
CA LYS B 285 -59.01 -1.61 29.80
C LYS B 285 -58.30 -1.17 28.54
N ILE B 286 -57.77 -2.12 27.76
CA ILE B 286 -57.18 -1.76 26.50
C ILE B 286 -58.20 -0.99 25.66
N ALA B 287 -59.43 -1.50 25.62
CA ALA B 287 -60.45 -0.94 24.75
C ALA B 287 -60.92 0.44 25.21
N THR B 288 -60.98 0.66 26.52
CA THR B 288 -61.40 1.93 27.14
C THR B 288 -60.38 3.03 26.85
N ASN B 289 -59.11 2.67 27.00
CA ASN B 289 -58.04 3.60 26.68
C ASN B 289 -57.96 3.95 25.19
N ALA B 290 -58.09 2.97 24.29
CA ALA B 290 -58.16 3.26 22.85
C ALA B 290 -59.36 4.18 22.53
N TRP B 291 -60.53 3.86 23.09
CA TRP B 291 -61.74 4.68 22.92
C TRP B 291 -61.47 6.15 23.33
N LYS B 292 -60.79 6.35 24.47
CA LYS B 292 -60.44 7.69 24.95
C LYS B 292 -59.46 8.42 24.05
N SER B 293 -58.41 7.74 23.59
CA SER B 293 -57.23 8.43 23.10
C SER B 293 -56.54 7.78 21.92
N GLY B 294 -56.98 6.61 21.49
CA GLY B 294 -56.30 5.96 20.37
C GLY B 294 -55.20 4.99 20.71
N ASP B 295 -54.65 5.01 21.91
CA ASP B 295 -53.56 4.17 22.37
C ASP B 295 -54.08 3.35 23.57
N PRO B 296 -53.55 2.13 23.83
CA PRO B 296 -52.59 1.38 23.01
C PRO B 296 -53.26 0.58 21.91
N GLY B 297 -52.54 0.34 20.82
CA GLY B 297 -52.97 -0.60 19.78
C GLY B 297 -52.49 -1.97 20.18
N LEU B 298 -52.63 -2.95 19.29
CA LEU B 298 -52.27 -4.38 19.58
C LEU B 298 -51.37 -4.89 18.53
N ALA B 299 -50.36 -5.65 18.93
CA ALA B 299 -49.31 -6.17 18.04
C ALA B 299 -49.33 -7.67 18.23
N PHE B 300 -49.71 -8.37 17.17
CA PHE B 300 -49.84 -9.82 17.19
C PHE B 300 -48.52 -10.43 16.83
N LEU B 301 -47.61 -10.44 17.80
CA LEU B 301 -46.23 -10.88 17.51
C LEU B 301 -46.13 -12.35 17.11
N GLY B 302 -47.02 -13.19 17.70
CA GLY B 302 -47.09 -14.62 17.32
C GLY B 302 -47.48 -14.88 15.85
N GLU B 303 -48.52 -14.21 15.40
CA GLU B 303 -48.93 -14.18 14.02
C GLU B 303 -47.78 -13.73 13.09
N MET B 304 -47.03 -12.70 13.52
CA MET B 304 -45.83 -12.27 12.82
C MET B 304 -44.82 -13.40 12.78
N ASN B 305 -44.59 -14.06 13.93
CA ASN B 305 -43.57 -15.13 13.98
C ASN B 305 -43.95 -16.42 13.21
N LYS B 306 -45.26 -16.68 13.19
CA LYS B 306 -45.81 -17.76 12.41
C LYS B 306 -45.39 -17.66 10.96
N TYR B 307 -45.33 -16.44 10.42
CA TYR B 307 -44.96 -16.22 9.00
C TYR B 307 -43.53 -15.78 8.78
N TYR B 308 -42.73 -15.74 9.86
CA TYR B 308 -41.31 -15.36 9.88
C TYR B 308 -40.43 -16.51 9.39
N PRO B 309 -39.76 -16.37 8.23
CA PRO B 309 -38.92 -17.45 7.72
C PRO B 309 -37.71 -17.86 8.59
N LEU B 310 -37.30 -17.04 9.54
CA LEU B 310 -36.18 -17.41 10.38
C LEU B 310 -36.58 -17.75 11.81
N TYR B 311 -37.88 -17.79 12.07
CA TYR B 311 -38.37 -18.26 13.33
C TYR B 311 -38.28 -19.84 13.43
N PRO B 312 -37.97 -20.39 14.64
CA PRO B 312 -37.70 -19.78 15.94
C PRO B 312 -36.26 -19.43 16.19
N HIS B 313 -35.34 -19.66 15.26
CA HIS B 313 -33.98 -19.23 15.60
C HIS B 313 -33.88 -17.73 15.87
N ARG B 314 -34.37 -16.90 14.94
CA ARG B 314 -34.65 -15.48 15.22
C ARG B 314 -36.12 -15.27 15.55
N LYS B 315 -36.42 -14.25 16.35
CA LYS B 315 -37.80 -13.89 16.62
C LYS B 315 -38.09 -12.38 16.51
N ILE B 316 -39.33 -12.07 16.14
CA ILE B 316 -39.84 -10.68 16.04
C ILE B 316 -40.49 -10.41 17.39
N ASN B 317 -40.03 -9.33 18.02
CA ASN B 317 -40.45 -8.96 19.34
C ASN B 317 -41.06 -7.61 19.28
N SER B 318 -40.78 -6.87 18.20
CA SER B 318 -41.25 -5.47 18.05
C SER B 318 -41.51 -5.10 16.63
N THR B 319 -42.27 -4.00 16.46
CA THR B 319 -42.42 -3.33 15.18
C THR B 319 -41.63 -1.99 15.29
N ASN B 320 -41.49 -1.34 14.15
CA ASN B 320 -41.04 -0.01 14.04
C ASN B 320 -42.24 0.91 14.41
N PRO B 321 -42.01 2.23 14.49
CA PRO B 321 -43.04 3.12 15.01
C PRO B 321 -44.50 3.02 14.48
N CYS B 322 -44.76 2.77 13.18
CA CYS B 322 -46.19 2.69 12.72
C CYS B 322 -46.68 1.28 12.49
N GLY B 323 -45.84 0.32 12.82
CA GLY B 323 -46.26 -1.05 12.98
C GLY B 323 -46.19 -1.91 11.74
N GLU B 324 -45.84 -1.30 10.61
CA GLU B 324 -45.89 -2.03 9.31
C GLU B 324 -44.75 -3.06 9.08
N ILE B 325 -43.69 -2.99 9.88
CA ILE B 325 -42.65 -3.99 9.76
C ILE B 325 -42.37 -4.69 11.11
N GLY B 326 -42.49 -6.03 11.12
CA GLY B 326 -42.09 -6.79 12.29
C GLY B 326 -40.63 -7.08 12.07
N LEU B 327 -39.80 -6.71 13.04
CA LEU B 327 -38.36 -6.75 12.90
C LEU B 327 -37.74 -7.52 14.05
N SER B 328 -36.72 -8.32 13.74
CA SER B 328 -35.98 -9.03 14.75
C SER B 328 -34.90 -8.07 15.31
N ASP B 329 -34.19 -8.47 16.36
CA ASP B 329 -33.34 -7.50 17.11
C ASP B 329 -32.20 -6.93 16.26
N TYR B 330 -31.98 -5.63 16.35
CA TYR B 330 -31.02 -4.88 15.50
C TYR B 330 -31.34 -4.94 14.05
N GLU B 331 -32.55 -5.42 13.68
CA GLU B 331 -32.93 -5.44 12.24
C GLU B 331 -33.56 -4.14 11.81
N ALA B 332 -33.29 -3.76 10.56
CA ALA B 332 -33.86 -2.55 9.99
C ALA B 332 -34.36 -2.93 8.61
N CYS B 333 -35.07 -1.96 8.00
CA CYS B 333 -35.78 -2.22 6.80
C CYS B 333 -36.07 -0.92 6.02
N ASN B 334 -35.76 -0.95 4.73
CA ASN B 334 -36.11 0.12 3.87
C ASN B 334 -37.34 -0.21 3.01
N LEU B 335 -38.21 0.82 2.94
CA LEU B 335 -39.48 0.82 2.27
C LEU B 335 -39.50 1.62 0.96
N GLY B 336 -40.48 1.28 0.11
CA GLY B 336 -40.81 2.07 -1.08
C GLY B 336 -42.22 1.77 -1.47
N SER B 337 -42.91 2.72 -2.13
CA SER B 337 -44.30 2.51 -2.50
C SER B 337 -44.62 2.79 -3.96
N ILE B 338 -45.45 1.92 -4.55
CA ILE B 338 -46.01 2.14 -5.90
C ILE B 338 -47.33 2.97 -5.86
N ASP B 339 -47.41 4.03 -6.64
CA ASP B 339 -48.71 4.72 -6.72
C ASP B 339 -49.57 3.98 -7.71
N VAL B 340 -50.41 3.09 -7.20
CA VAL B 340 -51.24 2.24 -8.08
C VAL B 340 -52.25 3.05 -8.84
N ALA B 341 -52.56 4.25 -8.34
CA ALA B 341 -53.57 5.07 -8.98
C ALA B 341 -53.16 5.48 -10.42
N LYS B 342 -51.85 5.58 -10.64
CA LYS B 342 -51.27 5.90 -11.95
C LYS B 342 -51.29 4.67 -12.87
N PHE B 343 -51.83 3.52 -12.39
CA PHE B 343 -51.83 2.30 -13.23
C PHE B 343 -53.21 2.00 -13.79
N TYR B 344 -54.11 2.94 -13.56
CA TYR B 344 -55.40 2.83 -14.11
C TYR B 344 -55.36 3.11 -15.64
N ASN B 345 -56.09 2.32 -16.42
CA ASN B 345 -56.14 2.47 -17.86
C ASN B 345 -57.43 1.81 -18.30
N ASN B 346 -58.39 2.63 -18.71
CA ASN B 346 -59.61 2.10 -19.34
C ASN B 346 -60.48 1.14 -18.55
N GLY B 347 -60.79 1.45 -17.30
CA GLY B 347 -61.53 0.50 -16.48
C GLY B 347 -60.68 -0.64 -15.92
N PHE B 348 -59.38 -0.64 -16.17
CA PHE B 348 -58.55 -1.69 -15.58
C PHE B 348 -57.25 -1.19 -15.03
N VAL B 349 -56.62 -2.03 -14.22
CA VAL B 349 -55.27 -1.79 -13.76
C VAL B 349 -54.33 -2.37 -14.81
N ASP B 350 -53.32 -1.61 -15.23
CA ASP B 350 -52.46 -2.08 -16.29
C ASP B 350 -51.41 -3.00 -15.68
N LEU B 351 -51.74 -4.27 -15.63
CA LEU B 351 -50.90 -5.25 -15.00
C LEU B 351 -49.59 -5.48 -15.76
N GLU B 352 -49.61 -5.23 -17.07
CA GLU B 352 -48.39 -5.34 -17.86
C GLU B 352 -47.32 -4.35 -17.33
N ALA B 353 -47.71 -3.07 -17.21
CA ALA B 353 -46.85 -2.02 -16.70
C ALA B 353 -46.52 -2.31 -15.21
N LEU B 354 -47.52 -2.82 -14.44
CA LEU B 354 -47.34 -3.09 -12.99
C LEU B 354 -46.29 -4.14 -12.73
N GLN B 355 -46.39 -5.26 -13.42
CA GLN B 355 -45.38 -6.29 -13.24
C GLN B 355 -43.94 -5.75 -13.47
N GLU B 356 -43.70 -5.00 -14.55
CA GLU B 356 -42.41 -4.33 -14.77
C GLU B 356 -41.95 -3.36 -13.66
N LEU B 357 -42.84 -2.47 -13.18
CA LEU B 357 -42.48 -1.62 -12.03
C LEU B 357 -42.24 -2.45 -10.76
N VAL B 358 -43.02 -3.49 -10.52
CA VAL B 358 -42.72 -4.34 -9.35
C VAL B 358 -41.29 -4.92 -9.46
N GLN B 359 -40.93 -5.41 -10.64
CA GLN B 359 -39.59 -5.94 -10.82
C GLN B 359 -38.50 -4.87 -10.57
N ILE B 360 -38.74 -3.66 -11.06
CA ILE B 360 -37.79 -2.57 -10.94
C ILE B 360 -37.66 -2.11 -9.49
N ALA B 361 -38.82 -1.94 -8.83
CA ALA B 361 -38.94 -1.51 -7.43
C ALA B 361 -38.18 -2.42 -6.44
N VAL B 362 -38.27 -3.73 -6.62
CA VAL B 362 -37.64 -4.69 -5.77
C VAL B 362 -36.12 -4.58 -5.88
N ARG B 363 -35.61 -4.53 -7.10
CA ARG B 363 -34.21 -4.24 -7.35
C ARG B 363 -33.75 -2.92 -6.76
N PHE B 364 -34.54 -1.87 -6.93
CA PHE B 364 -34.21 -0.56 -6.43
C PHE B 364 -34.04 -0.65 -4.90
N LEU B 365 -35.09 -1.15 -4.21
CA LEU B 365 -35.05 -1.47 -2.78
C LEU B 365 -33.86 -2.33 -2.29
N ASP B 366 -33.58 -3.43 -2.97
CA ASP B 366 -32.38 -4.27 -2.61
C ASP B 366 -31.04 -3.57 -2.81
N ASN B 367 -30.96 -2.66 -3.78
CA ASN B 367 -29.72 -1.89 -4.06
C ASN B 367 -29.49 -0.85 -2.98
N VAL B 368 -30.59 -0.39 -2.37
CA VAL B 368 -30.48 0.56 -1.28
C VAL B 368 -29.69 -0.06 -0.09
N ILE B 369 -29.99 -1.30 0.26
CA ILE B 369 -29.20 -1.97 1.30
C ILE B 369 -27.71 -1.74 1.02
N ASP B 370 -27.25 -1.95 -0.19
CA ASP B 370 -25.82 -1.84 -0.55
C ASP B 370 -25.15 -0.47 -0.41
N VAL B 371 -25.93 0.62 -0.53
CA VAL B 371 -25.37 1.94 -0.44
C VAL B 371 -25.80 2.59 0.87
N ASN B 372 -26.69 1.92 1.59
CA ASN B 372 -27.05 2.34 2.93
C ASN B 372 -25.86 2.30 3.93
N VAL B 373 -25.83 3.29 4.85
CA VAL B 373 -24.82 3.32 5.93
C VAL B 373 -25.54 3.37 7.31
N PHE B 374 -25.33 2.39 8.16
CA PHE B 374 -25.96 2.44 9.51
C PHE B 374 -25.01 2.94 10.58
N PRO B 375 -25.55 3.49 11.70
CA PRO B 375 -24.68 4.00 12.75
C PRO B 375 -24.24 2.98 13.80
N ILE B 376 -24.64 1.71 13.66
CA ILE B 376 -24.33 0.64 14.64
C ILE B 376 -23.94 -0.60 13.86
N ASP B 377 -22.83 -1.24 14.22
CA ASP B 377 -22.38 -2.41 13.51
C ASP B 377 -23.35 -3.56 13.49
N LYS B 378 -24.04 -3.80 14.58
CA LYS B 378 -25.03 -4.89 14.64
C LYS B 378 -26.21 -4.80 13.65
N ILE B 379 -26.70 -3.59 13.44
CA ILE B 379 -27.74 -3.32 12.43
C ILE B 379 -27.22 -3.60 11.03
N THR B 380 -26.02 -3.09 10.71
CA THR B 380 -25.31 -3.47 9.48
C THR B 380 -25.25 -5.00 9.23
N LYS B 381 -24.80 -5.75 10.21
CA LYS B 381 -24.81 -7.20 10.10
C LYS B 381 -26.26 -7.77 9.98
N ALA B 382 -27.22 -7.35 10.83
CA ALA B 382 -28.57 -7.90 10.72
C ALA B 382 -29.19 -7.73 9.29
N VAL B 383 -29.05 -6.54 8.72
CA VAL B 383 -29.50 -6.22 7.37
C VAL B 383 -28.77 -6.98 6.24
N LYS B 384 -27.45 -7.17 6.34
CA LYS B 384 -26.70 -7.90 5.29
C LYS B 384 -27.15 -9.33 5.23
N GLU B 385 -27.47 -9.82 6.41
CA GLU B 385 -27.81 -11.21 6.60
C GLU B 385 -29.20 -11.62 6.16
N SER B 386 -30.17 -10.76 6.31
CA SER B 386 -31.55 -11.03 5.91
C SER B 386 -32.07 -10.26 4.68
N ARG B 387 -31.55 -9.06 4.42
CA ARG B 387 -31.97 -8.26 3.23
C ARG B 387 -33.50 -8.15 3.10
N ARG B 388 -34.17 -7.83 4.19
CA ARG B 388 -35.62 -7.66 4.18
C ARG B 388 -36.01 -6.33 3.51
N LEU B 389 -37.06 -6.34 2.69
CA LEU B 389 -37.57 -5.13 2.01
C LEU B 389 -39.02 -4.82 2.40
N GLY B 390 -39.45 -3.57 2.23
CA GLY B 390 -40.86 -3.19 2.42
C GLY B 390 -41.41 -2.47 1.17
N LEU B 391 -41.62 -3.22 0.10
CA LEU B 391 -42.31 -2.74 -1.09
C LEU B 391 -43.80 -2.63 -0.79
N GLY B 392 -44.34 -1.42 -0.81
CA GLY B 392 -45.80 -1.29 -0.75
C GLY B 392 -46.50 -0.55 -1.88
N ILE B 393 -47.74 -0.12 -1.59
CA ILE B 393 -48.52 0.75 -2.46
C ILE B 393 -49.06 2.00 -1.73
N MET B 394 -49.29 3.06 -2.53
CA MET B 394 -50.14 4.14 -2.17
C MET B 394 -51.09 4.35 -3.34
N GLY B 395 -52.04 5.24 -3.19
CA GLY B 395 -52.95 5.57 -4.28
C GLY B 395 -54.13 4.64 -4.40
N PHE B 396 -54.30 3.73 -3.41
CA PHE B 396 -55.27 2.62 -3.52
C PHE B 396 -56.69 3.12 -3.57
N ALA B 397 -57.03 4.07 -2.67
CA ALA B 397 -58.37 4.64 -2.65
C ALA B 397 -58.65 5.45 -3.92
N ASP B 398 -57.66 6.17 -4.44
CA ASP B 398 -57.88 6.93 -5.63
C ASP B 398 -58.08 6.02 -6.82
N LEU B 399 -57.37 4.88 -6.83
CA LEU B 399 -57.48 3.87 -7.86
C LEU B 399 -58.90 3.26 -7.88
N LEU B 400 -59.47 3.00 -6.69
CA LEU B 400 -60.91 2.64 -6.51
C LEU B 400 -61.90 3.71 -7.02
N TYR B 401 -61.67 4.98 -6.70
CA TYR B 401 -62.43 6.06 -7.32
C TYR B 401 -62.54 5.91 -8.84
N LYS B 402 -61.39 5.69 -9.52
CA LYS B 402 -61.27 5.62 -11.00
C LYS B 402 -61.95 4.38 -11.56
N LEU B 403 -61.97 3.32 -10.78
CA LEU B 403 -62.57 2.03 -11.17
C LEU B 403 -64.04 2.06 -10.82
N GLU B 404 -64.46 3.15 -10.19
CA GLU B 404 -65.80 3.29 -9.67
C GLU B 404 -66.23 2.16 -8.72
N ILE B 405 -65.31 1.78 -7.83
CA ILE B 405 -65.58 0.76 -6.82
C ILE B 405 -65.64 1.37 -5.41
N PRO B 406 -66.74 1.11 -4.68
CA PRO B 406 -66.84 1.66 -3.29
C PRO B 406 -65.91 0.92 -2.29
N TYR B 407 -65.13 1.70 -1.56
CA TYR B 407 -64.12 1.19 -0.65
C TYR B 407 -64.73 0.18 0.33
N ASN B 408 -65.96 0.45 0.79
CA ASN B 408 -66.71 -0.42 1.71
C ASN B 408 -67.64 -1.41 0.99
N SER B 409 -67.06 -2.36 0.30
CA SER B 409 -67.81 -3.37 -0.44
C SER B 409 -66.90 -4.57 -0.58
N GLN B 410 -67.47 -5.76 -0.59
CA GLN B 410 -66.74 -6.98 -0.97
C GLN B 410 -66.02 -6.88 -2.30
N GLU B 411 -66.55 -6.09 -3.20
CA GLU B 411 -65.91 -5.90 -4.49
C GLU B 411 -64.50 -5.28 -4.32
N ALA B 412 -64.42 -4.22 -3.51
CA ALA B 412 -63.17 -3.55 -3.21
C ALA B 412 -62.18 -4.48 -2.53
N ARG B 413 -62.60 -5.38 -1.64
CA ARG B 413 -61.71 -6.25 -0.88
C ARG B 413 -61.19 -7.38 -1.70
N ASP B 414 -62.05 -7.91 -2.59
CA ASP B 414 -61.60 -8.95 -3.52
C ASP B 414 -60.66 -8.37 -4.57
N PHE B 415 -61.00 -7.20 -5.09
CA PHE B 415 -60.05 -6.46 -5.93
C PHE B 415 -58.70 -6.23 -5.23
N ALA B 416 -58.69 -5.82 -3.94
CA ALA B 416 -57.42 -5.63 -3.17
C ALA B 416 -56.63 -6.88 -2.95
N ALA B 417 -57.30 -7.95 -2.57
CA ALA B 417 -56.65 -9.31 -2.49
C ALA B 417 -55.94 -9.70 -3.80
N ASN B 418 -56.64 -9.63 -4.93
CA ASN B 418 -56.03 -9.95 -6.22
C ASN B 418 -54.85 -9.06 -6.63
N LEU B 419 -54.99 -7.75 -6.38
CA LEU B 419 -53.96 -6.79 -6.61
C LEU B 419 -52.78 -7.01 -5.70
N MET B 420 -53.02 -7.17 -4.39
CA MET B 420 -51.86 -7.45 -3.50
C MET B 420 -51.20 -8.80 -3.87
N ALA B 421 -52.02 -9.81 -4.22
CA ALA B 421 -51.53 -11.16 -4.69
C ALA B 421 -50.59 -11.15 -5.91
N PHE B 422 -51.02 -10.48 -6.98
CA PHE B 422 -50.21 -10.17 -8.18
C PHE B 422 -48.90 -9.42 -7.85
N ILE B 423 -48.95 -8.37 -7.02
CA ILE B 423 -47.70 -7.73 -6.56
C ILE B 423 -46.83 -8.71 -5.80
N ALA B 424 -47.41 -9.47 -4.85
CA ALA B 424 -46.59 -10.44 -4.09
C ALA B 424 -45.95 -11.43 -4.96
N LEU B 425 -46.73 -11.97 -5.91
CA LEU B 425 -46.21 -12.94 -6.89
C LEU B 425 -44.95 -12.43 -7.62
N HIS B 426 -45.03 -11.25 -8.23
CA HIS B 426 -43.92 -10.72 -9.03
C HIS B 426 -42.78 -10.17 -8.17
N ALA B 427 -43.05 -9.80 -6.93
CA ALA B 427 -41.97 -9.35 -6.03
C ALA B 427 -41.12 -10.54 -5.63
N HIS B 428 -41.79 -11.59 -5.18
CA HIS B 428 -41.11 -12.81 -4.82
C HIS B 428 -40.38 -13.53 -5.98
N ARG B 429 -40.96 -13.50 -7.18
CA ARG B 429 -40.28 -13.92 -8.42
C ARG B 429 -39.06 -13.05 -8.72
N THR B 430 -39.18 -11.72 -8.60
CA THR B 430 -38.00 -10.84 -8.68
C THR B 430 -36.89 -11.20 -7.67
N SER B 431 -37.27 -11.63 -6.47
CA SER B 431 -36.29 -12.00 -5.44
C SER B 431 -35.52 -13.29 -5.77
N TYR B 432 -36.23 -14.29 -6.31
CA TYR B 432 -35.63 -15.49 -6.88
C TYR B 432 -34.53 -15.10 -7.86
N GLU B 433 -34.85 -14.21 -8.82
CA GLU B 433 -33.93 -13.89 -9.92
C GLU B 433 -32.68 -13.12 -9.42
N LEU B 434 -32.88 -12.15 -8.51
CA LEU B 434 -31.81 -11.35 -7.89
C LEU B 434 -30.97 -12.30 -7.03
N GLY B 435 -31.63 -13.25 -6.38
CA GLY B 435 -30.93 -14.29 -5.67
C GLY B 435 -29.93 -14.97 -6.58
N LYS B 436 -30.35 -15.23 -7.81
CA LYS B 436 -29.60 -16.05 -8.76
C LYS B 436 -28.46 -15.22 -9.33
N GLU B 437 -28.80 -14.00 -9.71
CA GLU B 437 -27.86 -13.07 -10.32
C GLU B 437 -26.79 -12.55 -9.31
N LYS B 438 -27.21 -12.19 -8.09
CA LYS B 438 -26.32 -11.49 -7.17
C LYS B 438 -25.83 -12.29 -5.95
N GLY B 439 -26.40 -13.46 -5.71
CA GLY B 439 -26.19 -14.20 -4.46
C GLY B 439 -27.40 -14.18 -3.52
N ASN B 440 -27.61 -15.29 -2.81
CA ASN B 440 -28.74 -15.42 -1.89
C ASN B 440 -28.54 -14.59 -0.65
N PHE B 441 -29.60 -14.34 0.11
CA PHE B 441 -29.35 -13.77 1.43
C PHE B 441 -28.68 -14.80 2.34
N PRO B 442 -27.62 -14.37 3.08
CA PRO B 442 -26.86 -15.29 3.95
C PRO B 442 -27.66 -16.37 4.69
N LEU B 443 -28.89 -16.08 5.11
CA LEU B 443 -29.57 -16.91 6.10
C LEU B 443 -30.59 -17.80 5.47
N LEU B 444 -30.57 -17.86 4.13
CA LEU B 444 -31.59 -18.57 3.35
C LEU B 444 -31.65 -19.99 3.80
N GLU B 445 -30.46 -20.55 3.94
CA GLU B 445 -30.23 -21.95 4.19
C GLU B 445 -30.67 -22.43 5.59
N ILE B 446 -30.78 -21.52 6.57
CA ILE B 446 -31.40 -21.88 7.85
C ILE B 446 -32.87 -21.44 7.97
N SER B 447 -33.42 -20.94 6.87
CA SER B 447 -34.74 -20.38 6.82
C SER B 447 -35.74 -21.43 6.36
N ARG B 448 -37.01 -21.13 6.59
CA ARG B 448 -38.08 -22.05 6.31
C ARG B 448 -38.36 -22.20 4.83
N TYR B 449 -37.84 -21.33 3.97
CA TYR B 449 -37.86 -21.59 2.47
C TYR B 449 -36.92 -22.80 2.11
N ARG B 450 -35.93 -23.04 2.98
CA ARG B 450 -35.01 -24.11 2.74
C ARG B 450 -35.39 -25.32 3.60
N THR B 451 -35.87 -25.11 4.83
CA THR B 451 -36.06 -26.24 5.77
C THR B 451 -37.46 -26.83 5.86
N GLU B 452 -38.49 -26.09 5.41
CA GLU B 452 -39.85 -26.62 5.45
C GLU B 452 -40.13 -27.00 4.00
N ASP B 453 -41.28 -27.62 3.79
CA ASP B 453 -41.89 -27.68 2.48
C ASP B 453 -43.21 -26.97 2.66
N ASN B 454 -43.61 -26.29 1.61
CA ASN B 454 -44.86 -25.55 1.55
C ASN B 454 -44.92 -24.34 2.47
N PHE B 455 -43.75 -23.80 2.84
CA PHE B 455 -43.77 -22.57 3.59
C PHE B 455 -44.17 -21.43 2.66
N VAL B 456 -45.24 -20.75 3.07
CA VAL B 456 -45.64 -19.49 2.46
C VAL B 456 -45.73 -18.35 3.53
N PRO B 457 -45.05 -17.21 3.30
CA PRO B 457 -45.02 -16.15 4.35
C PRO B 457 -46.28 -15.30 4.54
N PHE B 458 -47.45 -15.83 4.24
CA PHE B 458 -48.68 -15.10 4.40
C PHE B 458 -49.88 -16.03 4.18
N ALA B 459 -51.06 -15.62 4.61
CA ALA B 459 -52.19 -16.56 4.64
C ALA B 459 -52.84 -16.91 3.29
N MET B 460 -52.69 -16.04 2.24
CA MET B 460 -53.41 -16.16 0.94
C MET B 460 -54.88 -16.47 1.18
N GLY B 461 -55.56 -17.14 0.26
CA GLY B 461 -56.92 -17.61 0.55
C GLY B 461 -57.99 -16.79 -0.15
N MET B 462 -57.58 -15.81 -0.95
CA MET B 462 -58.51 -14.86 -1.46
C MET B 462 -58.14 -14.45 -2.86
N SER B 463 -57.53 -15.35 -3.62
CA SER B 463 -57.06 -15.05 -4.98
C SER B 463 -56.84 -16.26 -5.93
N ASN B 464 -56.99 -15.98 -7.24
CA ASN B 464 -56.61 -16.95 -8.30
C ASN B 464 -55.10 -17.24 -8.34
N TYR B 465 -54.30 -16.29 -7.84
CA TYR B 465 -52.87 -16.41 -7.89
C TYR B 465 -52.25 -17.36 -6.90
N ASP B 466 -53.04 -17.89 -5.95
CA ASP B 466 -52.46 -18.67 -4.87
C ASP B 466 -51.50 -19.78 -5.35
N ASP B 467 -51.88 -20.58 -6.37
CA ASP B 467 -51.05 -21.76 -6.69
C ASP B 467 -49.77 -21.34 -7.32
N GLU B 468 -49.82 -20.38 -8.22
CA GLU B 468 -48.65 -19.76 -8.80
C GLU B 468 -47.75 -19.15 -7.73
N ILE B 469 -48.33 -18.50 -6.74
CA ILE B 469 -47.54 -18.05 -5.58
C ILE B 469 -46.82 -19.22 -4.88
N ARG B 470 -47.55 -20.30 -4.56
CA ARG B 470 -46.92 -21.51 -3.98
C ARG B 470 -45.72 -22.05 -4.79
N GLU B 471 -45.86 -22.09 -6.11
CA GLU B 471 -44.75 -22.49 -6.95
C GLU B 471 -43.52 -21.59 -6.82
N VAL B 472 -43.70 -20.28 -6.76
CA VAL B 472 -42.58 -19.34 -6.67
C VAL B 472 -41.89 -19.51 -5.33
N MET B 473 -42.69 -19.67 -4.27
CA MET B 473 -42.12 -20.02 -2.94
C MET B 473 -41.26 -21.26 -2.95
N LYS B 474 -41.68 -22.28 -3.70
CA LYS B 474 -40.84 -23.52 -3.78
C LYS B 474 -39.56 -23.22 -4.53
N MET B 475 -39.66 -22.53 -5.66
CA MET B 475 -38.52 -22.07 -6.42
C MET B 475 -37.43 -21.42 -5.56
N THR B 476 -37.84 -20.61 -4.59
CA THR B 476 -36.97 -19.85 -3.67
C THR B 476 -36.37 -20.68 -2.51
N LYS B 477 -36.66 -21.98 -2.46
CA LYS B 477 -35.75 -22.95 -1.78
C LYS B 477 -34.34 -22.79 -2.35
N GLU B 478 -34.20 -22.71 -3.68
CA GLU B 478 -32.86 -22.56 -4.28
C GLU B 478 -32.21 -21.17 -4.35
N PHE B 479 -32.94 -20.17 -4.87
CA PHE B 479 -32.41 -18.81 -4.99
C PHE B 479 -33.41 -17.85 -4.35
N ARG B 480 -32.87 -16.94 -3.55
CA ARG B 480 -33.72 -15.95 -2.91
C ARG B 480 -32.88 -14.83 -2.29
N ARG B 481 -33.09 -13.61 -2.77
CA ARG B 481 -32.27 -12.49 -2.34
C ARG B 481 -32.66 -11.92 -0.96
N ASN B 482 -33.96 -11.95 -0.66
CA ASN B 482 -34.53 -11.23 0.46
C ASN B 482 -35.39 -12.14 1.33
N VAL B 483 -35.35 -11.94 2.64
CA VAL B 483 -36.13 -12.76 3.55
C VAL B 483 -37.64 -12.51 3.42
N ALA B 484 -38.03 -11.28 3.04
CA ALA B 484 -39.42 -10.83 2.90
C ALA B 484 -39.33 -9.48 2.17
N LEU B 485 -40.45 -9.04 1.57
CA LEU B 485 -40.44 -8.00 0.51
C LEU B 485 -41.48 -6.91 0.57
N LEU B 486 -42.59 -7.19 1.28
CA LEU B 486 -43.83 -6.40 1.12
C LEU B 486 -44.27 -5.82 2.41
N THR B 487 -44.93 -4.67 2.30
CA THR B 487 -45.57 -4.02 3.43
C THR B 487 -46.60 -3.01 2.88
N ILE B 488 -47.42 -2.41 3.73
CA ILE B 488 -48.18 -1.20 3.34
C ILE B 488 -47.91 -0.21 4.43
N ALA B 489 -47.30 0.92 4.03
CA ALA B 489 -46.79 1.92 4.94
C ALA B 489 -47.83 3.02 5.07
N PRO B 490 -47.68 3.91 6.06
CA PRO B 490 -48.57 5.08 5.99
C PRO B 490 -48.37 5.97 4.73
N THR B 491 -47.14 6.14 4.25
CA THR B 491 -46.75 7.04 3.17
C THR B 491 -47.19 8.49 3.47
N GLY B 492 -47.00 8.93 4.73
CA GLY B 492 -47.53 10.21 5.12
C GLY B 492 -46.96 11.40 4.38
N SER B 493 -45.68 11.31 3.98
CA SER B 493 -45.06 12.39 3.17
C SER B 493 -44.96 12.02 1.68
N ILE B 494 -44.59 10.78 1.40
CA ILE B 494 -44.37 10.37 -0.01
C ILE B 494 -45.61 10.30 -0.90
N SER B 495 -46.79 10.07 -0.32
CA SER B 495 -48.05 10.09 -1.13
C SER B 495 -48.42 11.53 -1.42
N ASN B 496 -48.00 12.45 -0.54
CA ASN B 496 -48.14 13.89 -0.78
C ASN B 496 -47.28 14.44 -1.97
N ILE B 497 -46.00 14.07 -1.95
CA ILE B 497 -45.07 14.33 -3.03
C ILE B 497 -45.61 13.73 -4.28
N ALA B 498 -46.21 12.53 -4.17
CA ALA B 498 -46.76 11.81 -5.33
C ALA B 498 -48.13 12.31 -5.76
N ASP B 499 -48.72 13.26 -5.01
CA ASP B 499 -50.10 13.73 -5.32
C ASP B 499 -51.16 12.61 -5.41
N THR B 500 -51.21 11.72 -4.42
CA THR B 500 -52.13 10.56 -4.49
C THR B 500 -52.59 10.18 -3.09
N SER B 501 -53.68 9.40 -2.98
CA SER B 501 -54.13 8.89 -1.65
C SER B 501 -53.04 8.07 -0.91
N SER B 502 -53.09 8.00 0.44
CA SER B 502 -51.97 7.40 1.21
C SER B 502 -52.10 5.90 1.45
N GLY B 503 -51.02 5.11 1.30
CA GLY B 503 -51.11 3.64 1.46
C GLY B 503 -52.39 2.97 0.89
N LEU B 504 -53.02 2.14 1.73
CA LEU B 504 -54.27 1.48 1.41
C LEU B 504 -55.49 2.22 1.98
N GLU B 505 -55.26 3.35 2.67
CA GLU B 505 -56.27 4.06 3.41
C GLU B 505 -57.29 4.74 2.49
N PRO B 506 -58.57 4.83 2.92
CA PRO B 506 -59.50 5.60 2.11
C PRO B 506 -59.08 7.03 2.29
N ASN B 507 -59.38 7.91 1.36
CA ASN B 507 -59.19 9.32 1.65
C ASN B 507 -59.95 9.75 2.89
N PHE B 508 -59.35 10.57 3.74
CA PHE B 508 -60.01 10.97 4.97
C PHE B 508 -61.08 12.00 4.68
N LEU B 509 -60.81 12.82 3.67
CA LEU B 509 -61.70 13.88 3.20
C LEU B 509 -61.44 14.15 1.72
N LEU B 510 -62.50 14.55 1.02
CA LEU B 510 -62.46 14.92 -0.41
C LEU B 510 -62.10 16.39 -0.67
N ALA B 511 -62.35 17.22 0.35
CA ALA B 511 -62.10 18.66 0.32
C ALA B 511 -61.68 19.15 1.71
N TYR B 512 -60.49 19.73 1.78
CA TYR B 512 -59.93 20.21 3.03
C TYR B 512 -58.96 21.34 2.78
N THR B 513 -59.10 22.41 3.57
CA THR B 513 -58.23 23.61 3.44
C THR B 513 -56.72 23.30 3.53
N ARG B 514 -56.02 23.53 2.41
CA ARG B 514 -54.57 23.22 2.25
C ARG B 514 -53.95 23.93 1.07
N PRO B 525 -54.59 30.11 3.43
CA PRO B 525 -55.97 29.93 2.94
C PRO B 525 -55.89 29.33 1.53
N LEU B 526 -56.24 28.05 1.39
CA LEU B 526 -55.58 27.31 0.33
C LEU B 526 -56.18 26.95 -1.09
N LEU B 527 -57.32 26.24 -1.33
CA LEU B 527 -58.13 25.26 -0.59
C LEU B 527 -58.24 24.01 -1.50
N TYR B 528 -58.42 22.79 -0.96
CA TYR B 528 -58.26 21.54 -1.80
C TYR B 528 -59.49 20.66 -2.17
N VAL B 529 -59.56 20.21 -3.43
CA VAL B 529 -60.55 19.22 -3.87
C VAL B 529 -59.91 17.95 -4.49
N ASN B 530 -60.30 16.77 -4.01
CA ASN B 530 -59.76 15.52 -4.56
C ASN B 530 -59.79 15.55 -6.10
N GLN B 531 -58.66 15.21 -6.71
CA GLN B 531 -58.46 15.31 -8.16
C GLN B 531 -59.41 14.43 -8.99
N VAL B 532 -59.68 13.22 -8.50
CA VAL B 532 -60.58 12.28 -9.18
C VAL B 532 -62.05 12.67 -9.09
N LEU B 533 -62.48 13.15 -7.93
CA LEU B 533 -63.83 13.72 -7.78
C LEU B 533 -63.96 14.94 -8.73
N ARG B 534 -62.87 15.69 -8.86
CA ARG B 534 -62.86 16.89 -9.66
C ARG B 534 -63.03 16.57 -11.16
N GLU B 535 -62.33 15.53 -11.64
CA GLU B 535 -62.48 15.05 -13.02
C GLU B 535 -63.62 14.03 -13.08
N LYS B 536 -64.84 14.39 -12.71
CA LYS B 536 -65.90 13.38 -12.63
C LYS B 536 -67.20 13.94 -12.13
N LEU B 537 -67.14 14.69 -11.05
CA LEU B 537 -68.29 15.46 -10.64
C LEU B 537 -68.50 16.61 -11.61
N ASN B 538 -69.72 16.66 -12.12
CA ASN B 538 -70.28 17.74 -12.90
C ASN B 538 -69.80 19.07 -12.31
N PRO B 539 -68.90 19.79 -13.04
CA PRO B 539 -68.14 20.88 -12.40
C PRO B 539 -69.02 22.06 -11.97
N GLU B 540 -70.34 21.89 -12.11
CA GLU B 540 -71.28 22.84 -11.55
C GLU B 540 -71.87 22.36 -10.21
N ILE B 541 -71.13 21.47 -9.54
CA ILE B 541 -71.53 20.91 -8.25
C ILE B 541 -70.31 20.80 -7.33
N GLU B 546 -70.44 22.19 -3.13
CA GLU B 546 -69.09 22.07 -2.55
C GLU B 546 -68.92 22.65 -1.15
N LYS B 547 -69.66 23.71 -0.86
CA LYS B 547 -69.55 24.38 0.43
C LYS B 547 -69.95 23.43 1.54
N GLU B 548 -71.01 22.65 1.30
CA GLU B 548 -71.58 21.73 2.29
C GLU B 548 -70.70 20.48 2.61
N LEU B 549 -69.73 20.21 1.73
CA LEU B 549 -68.79 19.10 1.88
C LEU B 549 -67.59 19.46 2.78
N ILE B 550 -67.08 20.68 2.65
CA ILE B 550 -65.93 21.10 3.47
C ILE B 550 -66.29 21.14 4.95
N GLU B 551 -67.57 21.40 5.24
CA GLU B 551 -68.03 21.52 6.63
C GLU B 551 -68.58 20.21 7.19
N LYS B 552 -69.56 19.63 6.48
CA LYS B 552 -70.12 18.32 6.77
C LYS B 552 -69.12 17.10 6.66
N GLY B 553 -68.01 17.26 5.90
CA GLY B 553 -66.91 16.24 5.80
C GLY B 553 -67.12 14.98 4.92
N SER B 554 -68.22 14.96 4.18
CA SER B 554 -68.70 13.77 3.47
C SER B 554 -69.66 14.24 2.36
N LEU B 555 -70.06 13.34 1.47
CA LEU B 555 -71.04 13.66 0.42
C LEU B 555 -72.38 13.08 0.78
N LYS B 556 -72.40 12.23 1.81
CA LYS B 556 -73.57 11.42 2.15
C LYS B 556 -74.90 12.16 2.25
N ASP B 557 -74.87 13.37 2.80
CA ASP B 557 -76.08 14.10 3.16
C ASP B 557 -76.28 15.42 2.40
N ILE B 558 -75.48 15.60 1.36
CA ILE B 558 -75.77 16.54 0.31
C ILE B 558 -76.80 15.85 -0.62
N PRO B 559 -77.98 16.46 -0.84
CA PRO B 559 -78.86 15.87 -1.86
C PRO B 559 -78.60 16.49 -3.25
N ASP B 560 -79.08 15.78 -4.29
CA ASP B 560 -78.90 16.22 -5.70
C ASP B 560 -77.42 16.15 -6.17
N VAL B 561 -76.63 15.38 -5.40
CA VAL B 561 -75.35 14.77 -5.77
C VAL B 561 -75.72 13.32 -6.11
N PRO B 562 -75.45 12.88 -7.36
CA PRO B 562 -76.03 11.63 -7.83
C PRO B 562 -75.58 10.53 -6.94
N GLU B 563 -76.44 9.56 -6.70
CA GLU B 563 -76.11 8.49 -5.77
C GLU B 563 -74.98 7.52 -6.15
N LYS B 564 -74.56 7.55 -7.41
CA LYS B 564 -73.44 6.72 -7.85
C LYS B 564 -72.07 7.34 -7.61
N ILE B 565 -71.97 8.64 -7.79
CA ILE B 565 -70.87 9.32 -7.17
C ILE B 565 -71.31 9.32 -5.71
N LYS B 566 -70.46 9.03 -4.74
CA LYS B 566 -71.08 8.99 -3.41
C LYS B 566 -70.99 7.62 -2.84
N LYS B 567 -71.61 6.65 -3.49
CA LYS B 567 -71.25 5.25 -3.22
C LYS B 567 -69.77 5.07 -3.47
N VAL B 568 -69.27 5.72 -4.51
CA VAL B 568 -67.90 5.55 -4.94
C VAL B 568 -66.97 6.44 -4.12
N PHE B 569 -67.31 7.73 -4.03
CA PHE B 569 -66.51 8.75 -3.35
C PHE B 569 -66.72 8.84 -1.83
N VAL B 570 -66.51 7.71 -1.16
CA VAL B 570 -66.56 7.58 0.27
C VAL B 570 -65.19 7.94 0.92
N VAL B 571 -65.26 8.52 2.11
CA VAL B 571 -64.08 8.91 2.88
C VAL B 571 -64.00 7.96 4.11
N ALA B 572 -62.90 8.07 4.88
CA ALA B 572 -62.69 7.20 6.03
C ALA B 572 -63.92 7.04 6.96
N LEU B 573 -64.61 8.14 7.27
CA LEU B 573 -65.70 8.02 8.24
C LEU B 573 -67.03 7.56 7.64
N ASP B 574 -67.11 7.47 6.30
CA ASP B 574 -68.27 6.86 5.63
C ASP B 574 -68.17 5.32 5.74
N ILE B 575 -66.96 4.80 5.96
CA ILE B 575 -66.69 3.33 5.94
C ILE B 575 -66.74 2.80 7.42
N ASP B 576 -67.68 1.90 7.74
CA ASP B 576 -67.74 1.42 9.12
C ASP B 576 -66.52 0.59 9.54
N PRO B 577 -66.29 0.43 10.86
CA PRO B 577 -65.12 -0.27 11.37
C PRO B 577 -64.80 -1.63 10.83
N MET B 578 -65.81 -2.46 10.52
CA MET B 578 -65.53 -3.81 9.98
C MET B 578 -65.05 -3.78 8.53
N ASP B 579 -65.55 -2.83 7.75
CA ASP B 579 -65.10 -2.64 6.36
C ASP B 579 -63.64 -2.10 6.31
N HIS B 580 -63.26 -1.21 7.24
CA HIS B 580 -61.82 -0.90 7.46
C HIS B 580 -61.00 -2.20 7.76
N LEU B 581 -61.44 -2.96 8.76
CA LEU B 581 -60.77 -4.16 9.23
C LEU B 581 -60.67 -5.28 8.20
N LEU B 582 -61.75 -5.58 7.49
CA LEU B 582 -61.72 -6.57 6.42
C LEU B 582 -60.90 -6.12 5.23
N MET B 583 -60.84 -4.80 4.94
CA MET B 583 -59.86 -4.33 3.94
C MET B 583 -58.39 -4.68 4.33
N GLN B 584 -57.99 -4.36 5.57
CA GLN B 584 -56.69 -4.83 6.13
C GLN B 584 -56.42 -6.33 5.95
N ASP B 585 -57.39 -7.14 6.33
CA ASP B 585 -57.29 -8.57 6.18
C ASP B 585 -56.98 -8.99 4.74
N ALA B 586 -57.73 -8.41 3.81
CA ALA B 586 -57.65 -8.73 2.35
C ALA B 586 -56.24 -8.51 1.85
N PHE B 587 -55.61 -7.38 2.25
CA PHE B 587 -54.21 -7.10 1.92
C PHE B 587 -53.24 -7.94 2.69
N GLN B 588 -53.49 -8.13 4.01
CA GLN B 588 -52.54 -8.86 4.87
C GLN B 588 -52.36 -10.30 4.44
N ARG B 589 -53.36 -10.90 3.80
CA ARG B 589 -53.21 -12.27 3.32
C ARG B 589 -52.15 -12.46 2.22
N TYR B 590 -51.69 -11.34 1.63
CA TYR B 590 -50.66 -11.31 0.59
C TYR B 590 -49.49 -10.39 0.89
N VAL B 591 -49.21 -10.16 2.16
CA VAL B 591 -48.12 -9.25 2.58
C VAL B 591 -47.35 -10.03 3.59
N ASP B 592 -46.02 -10.03 3.46
CA ASP B 592 -45.19 -10.93 4.28
C ASP B 592 -44.65 -10.25 5.56
N ASN B 593 -44.65 -8.92 5.54
CA ASN B 593 -44.36 -8.12 6.69
C ASN B 593 -45.80 -7.73 7.17
N ASN B 594 -45.98 -6.54 7.76
CA ASN B 594 -47.27 -6.11 8.22
C ASN B 594 -47.83 -4.93 7.43
N ILE B 595 -48.82 -4.29 8.04
CA ILE B 595 -49.66 -3.27 7.37
C ILE B 595 -50.02 -2.22 8.38
N SER B 596 -49.89 -0.97 7.95
CA SER B 596 -50.39 0.18 8.68
C SER B 596 -51.79 0.58 8.18
N LYS B 597 -52.76 0.40 9.09
CA LYS B 597 -54.18 0.73 8.83
C LYS B 597 -54.75 1.23 10.12
N THR B 598 -55.32 2.45 10.12
CA THR B 598 -56.09 2.84 11.26
C THR B 598 -57.57 2.49 11.11
N ILE B 599 -58.12 1.82 12.11
CA ILE B 599 -59.51 1.49 12.09
C ILE B 599 -60.26 2.73 12.64
N ASN B 600 -60.78 3.57 11.74
CA ASN B 600 -61.56 4.73 12.12
C ASN B 600 -62.91 4.31 12.68
N MET B 601 -63.35 4.97 13.76
CA MET B 601 -64.66 4.69 14.36
C MET B 601 -65.46 5.97 14.51
N PRO B 602 -66.82 5.88 14.35
CA PRO B 602 -67.59 7.14 14.51
C PRO B 602 -67.53 7.64 15.96
N GLN B 603 -67.81 8.90 16.17
CA GLN B 603 -67.73 9.42 17.51
C GLN B 603 -68.66 8.69 18.52
N SER B 604 -69.83 8.25 18.03
CA SER B 604 -70.78 7.47 18.81
C SER B 604 -70.40 6.00 19.07
N ALA B 605 -69.29 5.50 18.53
CA ALA B 605 -68.94 4.12 18.85
C ALA B 605 -68.74 4.03 20.37
N THR B 606 -69.00 2.86 20.94
CA THR B 606 -68.84 2.54 22.35
C THR B 606 -67.62 1.64 22.60
N VAL B 607 -67.21 1.55 23.86
CA VAL B 607 -66.13 0.68 24.26
C VAL B 607 -66.45 -0.72 23.79
N ASP B 608 -67.73 -1.10 23.73
CA ASP B 608 -68.04 -2.47 23.24
C ASP B 608 -67.83 -2.63 21.75
N ASP B 609 -68.09 -1.58 20.98
CA ASP B 609 -67.78 -1.52 19.53
C ASP B 609 -66.30 -1.74 19.28
N VAL B 610 -65.44 -1.16 20.15
CA VAL B 610 -63.99 -1.41 20.11
C VAL B 610 -63.64 -2.84 20.40
N LEU B 611 -64.37 -3.44 21.34
CA LEU B 611 -64.01 -4.79 21.77
C LEU B 611 -64.34 -5.73 20.63
N ASN B 612 -65.45 -5.45 19.99
CA ASN B 612 -65.88 -6.18 18.80
C ASN B 612 -64.94 -6.07 17.63
N VAL B 613 -64.35 -4.89 17.43
CA VAL B 613 -63.22 -4.82 16.44
C VAL B 613 -62.06 -5.80 16.81
N TYR B 614 -61.75 -5.84 18.11
CA TYR B 614 -60.68 -6.69 18.65
C TYR B 614 -60.87 -8.13 18.39
N LEU B 615 -62.06 -8.61 18.73
CA LEU B 615 -62.50 -10.00 18.46
C LEU B 615 -62.50 -10.37 16.94
N GLU B 616 -63.13 -9.57 16.08
CA GLU B 616 -63.00 -9.81 14.63
C GLU B 616 -61.52 -9.79 14.15
N ALA B 617 -60.69 -8.92 14.75
CA ALA B 617 -59.26 -8.86 14.41
C ALA B 617 -58.57 -10.16 14.68
N LEU B 618 -58.96 -10.85 15.78
CA LEU B 618 -58.30 -12.07 16.26
C LEU B 618 -58.68 -13.25 15.36
N ARG B 619 -59.84 -13.14 14.76
CA ARG B 619 -60.36 -14.15 13.82
C ARG B 619 -59.81 -14.04 12.38
N THR B 620 -59.53 -12.81 11.95
CA THR B 620 -59.06 -12.48 10.56
C THR B 620 -57.56 -12.66 10.49
N ASN B 621 -56.90 -12.25 9.40
CA ASN B 621 -55.44 -12.45 9.28
C ASN B 621 -54.54 -11.25 9.63
N VAL B 622 -55.12 -10.20 10.19
CA VAL B 622 -54.37 -9.02 10.56
C VAL B 622 -53.28 -9.32 11.63
N ARG B 623 -52.24 -8.50 11.62
CA ARG B 623 -50.98 -8.77 12.30
C ARG B 623 -50.89 -7.76 13.46
N GLY B 624 -51.81 -6.79 13.46
CA GLY B 624 -51.87 -5.79 14.53
C GLY B 624 -53.12 -4.97 14.32
N ILE B 625 -53.47 -4.16 15.33
CA ILE B 625 -54.64 -3.25 15.29
C ILE B 625 -54.28 -1.86 15.83
N THR B 626 -54.75 -0.80 15.12
CA THR B 626 -54.77 0.58 15.60
C THR B 626 -56.22 1.08 15.41
N VAL B 627 -56.87 1.56 16.46
CA VAL B 627 -58.16 2.24 16.31
C VAL B 627 -57.99 3.73 16.58
N TYR B 628 -58.74 4.54 15.85
CA TYR B 628 -58.87 5.89 16.23
C TYR B 628 -60.34 6.29 16.19
N ARG B 629 -60.90 6.75 17.30
CA ARG B 629 -62.30 7.09 17.29
C ARG B 629 -62.50 8.59 17.16
N ASP B 630 -63.19 8.97 16.10
CA ASP B 630 -63.39 10.33 15.71
C ASP B 630 -63.78 11.26 16.88
N GLY B 631 -63.10 12.40 16.98
CA GLY B 631 -63.38 13.41 17.99
C GLY B 631 -62.88 13.05 19.39
N SER B 632 -62.03 12.02 19.48
CA SER B 632 -61.63 11.53 20.78
C SER B 632 -60.47 12.33 21.38
N LEU B 633 -59.78 13.16 20.59
CA LEU B 633 -58.60 13.89 21.15
C LEU B 633 -58.86 15.37 21.60
N MET C 1 60.16 -5.11 16.04
CA MET C 1 60.03 -6.55 16.47
C MET C 1 60.00 -7.54 15.30
N LYS C 2 60.20 -8.82 15.62
CA LYS C 2 60.15 -9.89 14.62
C LYS C 2 58.74 -10.01 14.00
N LEU C 3 58.68 -10.14 12.66
CA LEU C 3 57.38 -10.38 11.98
C LEU C 3 56.62 -11.57 12.59
N SER C 4 57.34 -12.66 12.89
CA SER C 4 56.78 -13.81 13.66
C SER C 4 56.09 -13.40 14.95
N ASP C 5 56.72 -12.51 15.72
CA ASP C 5 56.04 -11.95 16.90
C ASP C 5 54.78 -11.16 16.58
N LEU C 6 54.82 -10.30 15.59
CA LEU C 6 53.59 -9.60 15.16
C LEU C 6 52.54 -10.58 14.60
N ILE C 7 53.00 -11.59 13.84
CA ILE C 7 52.09 -12.65 13.43
C ILE C 7 51.35 -13.31 14.60
N SER C 8 52.03 -13.65 15.71
CA SER C 8 51.31 -14.28 16.87
C SER C 8 50.22 -13.43 17.44
N ARG C 9 50.37 -12.11 17.34
CA ARG C 9 49.41 -11.18 17.91
C ARG C 9 48.11 -11.11 17.15
N TRP C 10 48.20 -11.44 15.87
CA TRP C 10 47.08 -11.28 14.95
C TRP C 10 46.51 -12.59 14.43
N ILE C 11 47.33 -13.64 14.38
CA ILE C 11 46.95 -14.91 13.74
C ILE C 11 45.65 -15.51 14.29
N ASP C 12 45.45 -15.41 15.60
CA ASP C 12 44.26 -15.99 16.22
C ASP C 12 43.16 -15.00 16.41
N VAL C 13 43.35 -13.78 15.91
CA VAL C 13 42.27 -12.82 15.99
C VAL C 13 41.38 -13.03 14.77
N GLU C 14 40.09 -13.20 15.02
CA GLU C 14 39.11 -13.54 14.00
C GLU C 14 38.58 -12.30 13.34
N PRO C 15 38.30 -12.37 12.02
CA PRO C 15 37.62 -11.23 11.32
C PRO C 15 36.37 -10.80 12.08
N SER C 16 35.99 -9.53 12.03
CA SER C 16 34.74 -9.08 12.67
C SER C 16 33.52 -9.79 12.06
N LYS C 17 32.40 -9.72 12.76
CA LYS C 17 31.17 -10.31 12.25
C LYS C 17 30.77 -9.66 10.92
N ASN C 18 31.00 -8.34 10.80
CA ASN C 18 30.82 -7.63 9.52
C ASN C 18 31.67 -8.22 8.36
N ALA C 19 32.94 -8.47 8.61
CA ALA C 19 33.83 -9.00 7.58
C ALA C 19 33.48 -10.44 7.21
N GLN C 20 32.88 -11.18 8.13
CA GLN C 20 32.51 -12.58 7.90
C GLN C 20 31.30 -12.65 6.99
N ILE C 21 30.48 -11.60 7.02
CA ILE C 21 29.33 -11.46 6.09
C ILE C 21 29.83 -11.36 4.65
N ILE C 22 30.76 -10.43 4.42
CA ILE C 22 31.39 -10.22 3.11
C ILE C 22 32.00 -11.53 2.63
N LEU C 23 32.67 -12.24 3.55
CA LEU C 23 33.31 -13.50 3.22
C LEU C 23 32.31 -14.59 2.80
N ARG C 24 31.29 -14.82 3.63
CA ARG C 24 30.29 -15.82 3.28
C ARG C 24 29.66 -15.50 1.91
N ASP C 25 29.29 -14.23 1.70
CA ASP C 25 28.64 -13.81 0.46
C ASP C 25 29.49 -13.93 -0.80
N ARG C 26 30.78 -13.62 -0.75
CA ARG C 26 31.57 -13.59 -2.01
C ARG C 26 32.83 -14.44 -2.08
N TYR C 27 33.45 -14.70 -0.93
CA TYR C 27 34.79 -15.29 -0.95
C TYR C 27 34.90 -16.78 -0.74
N PHE C 28 34.13 -17.34 0.23
CA PHE C 28 34.17 -18.78 0.53
C PHE C 28 33.79 -19.57 -0.72
N MET C 29 34.60 -20.54 -1.08
CA MET C 29 34.32 -21.36 -2.24
C MET C 29 33.11 -22.27 -1.97
N LYS C 30 32.32 -22.48 -3.01
CA LYS C 30 31.18 -23.40 -2.99
C LYS C 30 31.31 -24.52 -4.03
N ASP C 31 30.75 -25.69 -3.72
CA ASP C 31 30.60 -26.71 -4.75
C ASP C 31 29.43 -26.35 -5.71
N LEU C 32 29.27 -27.19 -6.74
CA LEU C 32 28.18 -27.10 -7.73
C LEU C 32 26.95 -27.70 -7.01
N ASP C 33 26.02 -26.85 -6.55
CA ASP C 33 24.93 -27.29 -5.62
C ASP C 33 23.90 -26.24 -5.08
N GLY C 34 24.34 -25.12 -4.48
CA GLY C 34 25.75 -24.81 -4.15
C GLY C 34 26.08 -24.70 -2.66
N ASN C 35 26.81 -25.68 -2.13
CA ASN C 35 27.18 -25.62 -0.72
C ASN C 35 28.69 -25.38 -0.36
N TYR C 36 28.90 -24.88 0.85
CA TYR C 36 30.17 -24.30 1.26
C TYR C 36 31.29 -25.29 1.43
N LEU C 37 32.38 -25.09 0.70
CA LEU C 37 33.64 -25.83 0.94
C LEU C 37 34.57 -25.10 1.93
N GLU C 38 34.23 -23.86 2.19
CA GLU C 38 35.02 -23.00 3.05
C GLU C 38 34.04 -22.33 3.97
N THR C 39 34.34 -22.27 5.26
CA THR C 39 33.46 -21.56 6.19
C THR C 39 34.18 -20.57 7.12
N LYS C 40 35.50 -20.61 7.13
CA LYS C 40 36.28 -19.64 7.93
C LYS C 40 37.29 -18.92 7.03
N TRP C 41 37.74 -17.73 7.45
CA TRP C 41 38.76 -17.02 6.70
C TRP C 41 40.04 -17.84 6.58
N GLU C 42 40.34 -18.70 7.55
CA GLU C 42 41.62 -19.47 7.43
C GLU C 42 41.61 -20.54 6.32
N ASP C 43 40.41 -21.02 5.95
CA ASP C 43 40.21 -21.89 4.77
C ASP C 43 40.70 -21.19 3.51
N VAL C 44 40.25 -19.94 3.34
CA VAL C 44 40.70 -19.11 2.24
C VAL C 44 42.19 -18.98 2.26
N ALA C 45 42.80 -18.67 3.41
CA ALA C 45 44.21 -18.35 3.49
C ALA C 45 45.02 -19.60 3.12
N ARG C 46 44.52 -20.76 3.57
CA ARG C 46 45.11 -22.05 3.24
C ARG C 46 45.15 -22.32 1.75
N ARG C 47 43.98 -22.22 1.11
CA ARG C 47 43.83 -22.41 -0.36
C ARG C 47 44.71 -21.46 -1.14
N VAL C 48 44.58 -20.16 -0.89
CA VAL C 48 45.40 -19.17 -1.59
C VAL C 48 46.91 -19.32 -1.35
N ALA C 49 47.30 -19.52 -0.09
CA ALA C 49 48.74 -19.68 0.28
C ALA C 49 49.28 -20.93 -0.35
N ARG C 50 48.48 -22.02 -0.33
CA ARG C 50 48.84 -23.27 -1.03
C ARG C 50 49.06 -23.06 -2.51
N VAL C 51 48.11 -22.43 -3.20
CA VAL C 51 48.20 -22.19 -4.64
C VAL C 51 49.34 -21.26 -4.96
N VAL C 52 49.52 -20.18 -4.21
CA VAL C 52 50.63 -19.26 -4.50
C VAL C 52 52.02 -19.86 -4.24
N ALA C 53 52.14 -20.64 -3.18
CA ALA C 53 53.40 -21.29 -2.90
C ALA C 53 53.76 -22.29 -4.00
N THR C 54 52.79 -22.95 -4.64
CA THR C 54 53.16 -23.94 -5.67
C THR C 54 53.99 -23.36 -6.83
N ALA C 55 53.92 -22.06 -7.07
CA ALA C 55 54.77 -21.37 -8.06
C ALA C 55 56.26 -21.63 -7.85
N GLU C 56 56.62 -21.97 -6.61
CA GLU C 56 57.99 -22.31 -6.23
C GLU C 56 58.56 -23.61 -6.91
N LEU C 57 57.69 -24.50 -7.38
CA LEU C 57 58.04 -25.61 -8.31
C LEU C 57 58.89 -25.18 -9.46
N LEU C 58 58.82 -23.90 -9.80
CA LEU C 58 59.42 -23.34 -10.99
C LEU C 58 60.70 -22.63 -10.68
N ASN C 59 61.03 -22.51 -9.41
CA ASN C 59 62.20 -21.77 -8.99
C ASN C 59 63.46 -22.53 -9.43
N PRO C 60 64.29 -21.93 -10.33
CA PRO C 60 65.43 -22.67 -10.89
C PRO C 60 66.48 -23.07 -9.85
N SER C 61 66.47 -22.36 -8.73
CA SER C 61 67.47 -22.45 -7.67
C SER C 61 67.16 -23.54 -6.66
N TYR C 62 66.03 -24.20 -6.81
CA TYR C 62 65.72 -25.27 -5.87
C TYR C 62 66.15 -26.67 -6.37
N LYS C 63 66.95 -27.30 -5.49
CA LYS C 63 67.66 -28.55 -5.71
C LYS C 63 66.82 -29.79 -5.99
N LYS C 64 65.50 -29.66 -6.09
CA LYS C 64 64.57 -30.81 -6.33
C LYS C 64 64.42 -31.75 -5.12
N ASN C 65 65.54 -31.97 -4.41
CA ASN C 65 65.50 -32.49 -3.05
C ASN C 65 65.18 -31.38 -2.05
N GLU C 66 65.58 -30.15 -2.39
CA GLU C 66 65.13 -28.90 -1.77
C GLU C 66 63.63 -28.64 -1.83
N LYS C 67 63.03 -28.90 -3.00
CA LYS C 67 61.76 -28.31 -3.42
C LYS C 67 60.54 -28.55 -2.52
N LEU C 68 60.40 -29.72 -1.92
CA LEU C 68 59.19 -30.01 -1.14
C LEU C 68 59.17 -29.17 0.13
N ASP C 69 60.36 -28.98 0.72
CA ASP C 69 60.44 -28.27 1.98
C ASP C 69 60.41 -26.77 1.78
N ARG C 70 61.08 -26.31 0.74
CA ARG C 70 61.01 -24.93 0.36
C ARG C 70 59.54 -24.52 0.07
N ILE C 71 58.84 -25.27 -0.78
CA ILE C 71 57.42 -25.01 -1.01
C ILE C 71 56.58 -25.03 0.26
N LYS C 72 56.83 -25.96 1.18
CA LYS C 72 56.06 -26.00 2.42
C LYS C 72 56.31 -24.75 3.28
N GLU C 73 57.55 -24.26 3.26
CA GLU C 73 57.96 -23.12 4.09
C GLU C 73 57.30 -21.83 3.60
N TRP C 74 57.33 -21.61 2.29
CA TRP C 74 56.62 -20.50 1.66
C TRP C 74 55.15 -20.61 1.86
N GLU C 75 54.60 -21.82 1.83
CA GLU C 75 53.17 -21.97 2.10
C GLU C 75 52.83 -21.50 3.48
N ASP C 76 53.68 -21.90 4.43
CA ASP C 76 53.40 -21.60 5.83
C ASP C 76 53.44 -20.09 6.11
N ILE C 77 54.41 -19.36 5.57
CA ILE C 77 54.54 -17.92 5.82
C ILE C 77 53.42 -17.13 5.13
N PHE C 78 53.19 -17.44 3.85
CA PHE C 78 52.04 -16.92 3.13
C PHE C 78 50.78 -17.16 3.97
N PHE C 79 50.58 -18.39 4.45
CA PHE C 79 49.36 -18.73 5.20
C PHE C 79 49.22 -17.89 6.48
N ARG C 80 50.37 -17.70 7.14
CA ARG C 80 50.41 -16.95 8.40
C ARG C 80 50.10 -15.46 8.28
N VAL C 81 50.64 -14.77 7.26
CA VAL C 81 50.38 -13.34 7.07
C VAL C 81 49.00 -13.04 6.48
N LEU C 82 48.51 -13.97 5.65
CA LEU C 82 47.19 -13.96 5.17
C LEU C 82 46.22 -14.17 6.29
N LYS C 83 46.37 -15.24 7.06
CA LYS C 83 45.45 -15.45 8.19
C LYS C 83 45.49 -14.31 9.27
N ALA C 84 46.67 -13.78 9.55
CA ALA C 84 46.80 -12.59 10.43
C ALA C 84 46.15 -11.32 9.84
N ARG C 85 45.93 -11.31 8.52
CA ARG C 85 45.32 -10.23 7.77
C ARG C 85 46.26 -9.02 7.80
N LEU C 86 47.54 -9.38 7.75
CA LEU C 86 48.65 -8.44 7.68
C LEU C 86 48.91 -7.99 6.25
N PHE C 87 48.56 -8.86 5.28
CA PHE C 87 48.71 -8.58 3.85
C PHE C 87 47.66 -9.40 3.23
N ILE C 88 46.88 -8.76 2.32
CA ILE C 88 45.83 -9.40 1.55
C ILE C 88 45.95 -9.01 0.11
N PRO C 89 45.93 -10.02 -0.80
CA PRO C 89 45.92 -9.76 -2.25
C PRO C 89 44.54 -9.31 -2.76
N ASN C 90 44.55 -8.62 -3.91
CA ASN C 90 43.34 -8.24 -4.59
C ASN C 90 42.34 -9.39 -4.73
N SER C 91 41.05 -9.07 -4.61
CA SER C 91 39.96 -10.02 -4.64
C SER C 91 40.05 -11.19 -5.63
N PRO C 92 40.40 -10.97 -6.93
CA PRO C 92 40.48 -12.11 -7.87
C PRO C 92 41.34 -13.30 -7.41
N THR C 93 42.46 -13.00 -6.75
CA THR C 93 43.30 -13.99 -6.12
C THR C 93 42.54 -14.75 -5.10
N LEU C 94 41.74 -14.06 -4.30
CA LEU C 94 41.00 -14.78 -3.23
C LEU C 94 39.83 -15.64 -3.75
N PHE C 95 39.08 -15.07 -4.69
CA PHE C 95 38.05 -15.77 -5.41
C PHE C 95 38.54 -17.08 -6.12
N ASN C 96 39.50 -16.87 -7.00
CA ASN C 96 39.71 -17.79 -8.09
C ASN C 96 40.86 -18.78 -7.93
N ALA C 97 41.65 -18.67 -6.86
CA ALA C 97 42.81 -19.58 -6.68
C ALA C 97 42.37 -20.99 -6.34
N GLY C 98 42.90 -21.95 -7.07
CA GLY C 98 42.57 -23.33 -6.90
C GLY C 98 41.40 -23.79 -7.75
N LEU C 99 40.89 -22.93 -8.62
CA LEU C 99 39.73 -23.28 -9.45
C LEU C 99 40.24 -24.25 -10.50
N GLY C 100 39.48 -25.34 -10.69
CA GLY C 100 39.99 -26.50 -11.45
C GLY C 100 40.82 -27.51 -10.66
N VAL C 101 41.13 -27.23 -9.39
CA VAL C 101 41.95 -28.16 -8.57
C VAL C 101 41.03 -29.07 -7.76
N LYS C 102 41.41 -30.34 -7.60
CA LYS C 102 40.51 -31.27 -6.89
C LYS C 102 40.44 -30.94 -5.39
N HIS C 103 39.23 -30.77 -4.85
CA HIS C 103 39.01 -30.34 -3.46
C HIS C 103 39.82 -31.09 -2.41
N ASP C 104 40.29 -32.27 -2.75
CA ASP C 104 40.93 -33.03 -1.71
C ASP C 104 42.35 -32.43 -1.41
N LEU C 105 42.83 -31.58 -2.33
CA LEU C 105 44.16 -31.00 -2.28
C LEU C 105 44.31 -29.55 -1.74
N LEU C 106 43.23 -28.78 -1.78
CA LEU C 106 43.30 -27.34 -1.52
C LEU C 106 43.32 -26.95 -0.04
N TRP C 107 42.76 -27.82 0.82
CA TRP C 107 42.62 -27.54 2.24
C TRP C 107 43.27 -28.54 3.15
N LYS C 108 43.97 -29.51 2.59
CA LYS C 108 44.38 -30.63 3.43
C LYS C 108 45.61 -30.23 4.23
N PRO C 109 45.80 -30.90 5.40
CA PRO C 109 47.00 -30.64 6.24
C PRO C 109 48.32 -30.68 5.47
N ILE C 110 49.11 -29.62 5.64
CA ILE C 110 50.34 -29.43 4.91
C ILE C 110 51.36 -30.56 5.16
N ASP C 111 51.25 -31.22 6.32
CA ASP C 111 52.19 -32.27 6.66
C ASP C 111 51.90 -33.57 5.87
N GLN C 112 50.67 -33.65 5.32
CA GLN C 112 50.21 -34.73 4.45
C GLN C 112 50.41 -34.44 2.96
N MET C 113 51.17 -33.39 2.70
CA MET C 113 51.29 -32.84 1.37
C MET C 113 52.60 -33.29 0.74
N THR C 114 52.50 -34.04 -0.37
CA THR C 114 53.69 -34.55 -1.07
C THR C 114 54.03 -33.63 -2.23
N LEU C 115 55.21 -33.81 -2.84
CA LEU C 115 55.65 -32.97 -3.95
C LEU C 115 54.75 -33.14 -5.16
N GLU C 116 54.24 -34.35 -5.34
CA GLU C 116 53.35 -34.64 -6.43
C GLU C 116 51.97 -34.02 -6.23
N ASP C 117 51.51 -33.88 -4.99
CA ASP C 117 50.32 -33.04 -4.72
C ASP C 117 50.49 -31.62 -5.34
N TYR C 118 51.62 -30.95 -5.09
CA TYR C 118 51.91 -29.60 -5.62
C TYR C 118 51.99 -29.55 -7.13
N GLU C 119 52.59 -30.56 -7.72
CA GLU C 119 52.58 -30.71 -9.16
C GLU C 119 51.17 -30.86 -9.76
N GLU C 120 50.29 -31.58 -9.08
CA GLU C 120 48.89 -31.73 -9.52
C GLU C 120 48.03 -30.46 -9.30
N ILE C 121 48.40 -29.67 -8.28
CA ILE C 121 47.87 -28.32 -8.12
C ILE C 121 48.32 -27.49 -9.34
N TYR C 122 49.61 -27.47 -9.57
CA TYR C 122 50.08 -26.69 -10.69
C TYR C 122 49.44 -27.01 -12.05
N ARG C 123 49.34 -28.29 -12.42
CA ARG C 123 48.93 -28.55 -13.83
C ARG C 123 47.39 -28.50 -13.97
N SER C 124 46.69 -28.53 -12.85
CA SER C 124 45.26 -28.67 -12.92
C SER C 124 44.48 -27.35 -12.72
N ARG C 125 45.19 -26.22 -12.76
CA ARG C 125 44.55 -24.86 -12.78
C ARG C 125 43.80 -24.63 -14.12
N ASN C 126 42.51 -24.29 -14.04
CA ASN C 126 41.67 -24.21 -15.23
C ASN C 126 41.59 -22.81 -15.86
N HIS C 127 40.87 -22.72 -16.98
CA HIS C 127 40.71 -21.46 -17.71
C HIS C 127 40.19 -20.27 -16.86
N LEU C 128 39.59 -20.56 -15.72
CA LEU C 128 39.02 -19.55 -14.87
C LEU C 128 39.99 -19.09 -13.71
N HIS C 129 41.24 -19.56 -13.73
CA HIS C 129 42.15 -19.39 -12.58
C HIS C 129 42.84 -18.02 -12.71
N MET C 130 42.02 -16.97 -12.72
CA MET C 130 42.49 -15.65 -12.97
C MET C 130 42.49 -14.85 -11.67
N LEU C 131 43.66 -14.32 -11.37
CA LEU C 131 44.13 -13.86 -10.06
C LEU C 131 44.56 -12.37 -10.02
N SER C 132 44.38 -11.62 -11.11
CA SER C 132 44.85 -10.24 -11.26
C SER C 132 43.67 -9.34 -11.50
N ALA C 133 43.61 -8.13 -10.90
CA ALA C 133 42.44 -7.26 -11.09
C ALA C 133 42.41 -6.26 -12.26
N CYS C 134 43.56 -5.89 -12.84
CA CYS C 134 43.68 -4.69 -13.68
C CYS C 134 44.16 -5.07 -15.05
N PHE C 135 43.51 -4.51 -16.09
CA PHE C 135 43.86 -4.85 -17.47
C PHE C 135 43.77 -3.61 -18.31
N VAL C 136 44.58 -3.54 -19.38
CA VAL C 136 44.32 -2.63 -20.50
C VAL C 136 44.31 -3.34 -21.86
N VAL C 137 43.30 -3.10 -22.69
CA VAL C 137 43.40 -3.59 -24.08
C VAL C 137 43.31 -2.43 -25.04
N PRO C 138 44.03 -2.49 -26.20
CA PRO C 138 43.81 -1.42 -27.17
C PRO C 138 42.47 -1.57 -27.90
N VAL C 139 42.04 -0.49 -28.52
CA VAL C 139 40.88 -0.51 -29.39
C VAL C 139 41.21 0.21 -30.70
N GLY C 140 41.70 -0.56 -31.66
CA GLY C 140 42.14 0.00 -32.92
C GLY C 140 40.97 0.43 -33.79
N ASP C 141 41.30 1.18 -34.84
CA ASP C 141 40.35 1.92 -35.65
C ASP C 141 39.84 1.11 -36.86
N SER C 142 39.30 -0.08 -36.60
CA SER C 142 38.61 -0.86 -37.64
C SER C 142 37.46 -1.65 -37.01
N ILE C 143 36.43 -1.99 -37.79
CA ILE C 143 35.34 -2.83 -37.28
C ILE C 143 35.94 -4.08 -36.60
N GLU C 144 36.88 -4.73 -37.27
CA GLU C 144 37.48 -5.95 -36.70
C GLU C 144 38.09 -5.73 -35.29
N GLU C 145 38.92 -4.70 -35.13
CA GLU C 145 39.65 -4.46 -33.89
C GLU C 145 38.72 -4.05 -32.73
N ILE C 146 37.73 -3.20 -33.04
CA ILE C 146 36.65 -2.84 -32.15
C ILE C 146 35.89 -4.05 -31.57
N PHE C 147 35.36 -4.95 -32.41
CA PHE C 147 34.54 -6.04 -31.90
C PHE C 147 35.35 -7.19 -31.25
N GLU C 148 36.61 -7.24 -31.62
CA GLU C 148 37.59 -8.09 -30.88
C GLU C 148 37.79 -7.58 -29.42
N ALA C 149 37.86 -6.26 -29.26
CA ALA C 149 38.06 -5.67 -27.95
C ALA C 149 36.76 -5.79 -27.15
N VAL C 150 35.60 -5.57 -27.76
CA VAL C 150 34.34 -5.99 -27.11
C VAL C 150 34.44 -7.45 -26.62
N LYS C 151 34.82 -8.36 -27.51
CA LYS C 151 35.02 -9.75 -27.07
C LYS C 151 35.89 -9.83 -25.80
N GLU C 152 37.05 -9.18 -25.86
CA GLU C 152 38.05 -9.12 -24.77
C GLU C 152 37.51 -8.56 -23.44
N TYR C 153 36.76 -7.46 -23.52
CA TYR C 153 36.04 -6.93 -22.37
C TYR C 153 35.17 -8.05 -21.73
N ALA C 154 34.30 -8.68 -22.51
CA ALA C 154 33.43 -9.68 -21.92
C ALA C 154 34.25 -10.82 -21.28
N LEU C 155 35.28 -11.30 -21.96
CA LEU C 155 36.13 -12.36 -21.47
C LEU C 155 36.89 -12.01 -20.16
N ILE C 156 37.46 -10.81 -20.09
CA ILE C 156 38.22 -10.36 -18.91
C ILE C 156 37.27 -10.12 -17.76
N THR C 157 36.12 -9.51 -18.05
CA THR C 157 35.04 -9.28 -17.05
C THR C 157 34.51 -10.59 -16.44
N LYS C 158 34.21 -11.52 -17.31
CA LYS C 158 33.72 -12.83 -16.94
C LYS C 158 34.64 -13.49 -15.90
N VAL C 159 35.96 -13.34 -16.06
CA VAL C 159 36.93 -14.04 -15.19
C VAL C 159 37.30 -13.18 -14.00
N GLY C 160 36.73 -11.98 -13.95
CA GLY C 160 36.76 -11.18 -12.74
C GLY C 160 37.76 -10.05 -12.71
N GLY C 161 38.21 -9.61 -13.89
CA GLY C 161 39.17 -8.50 -14.02
C GLY C 161 38.48 -7.18 -14.33
N GLY C 162 39.21 -6.08 -14.14
CA GLY C 162 38.76 -4.75 -14.56
C GLY C 162 39.59 -4.26 -15.71
N VAL C 163 38.94 -3.74 -16.75
CA VAL C 163 39.66 -3.38 -17.97
C VAL C 163 39.34 -1.95 -18.32
N GLY C 164 40.31 -1.32 -18.99
CA GLY C 164 40.23 0.05 -19.47
C GLY C 164 40.80 0.16 -20.86
N SER C 165 40.40 1.19 -21.58
CA SER C 165 40.97 1.43 -22.86
C SER C 165 41.09 2.94 -23.14
N ASN C 166 42.09 3.30 -23.92
CA ASN C 166 42.05 4.59 -24.53
C ASN C 166 41.31 4.42 -25.87
N PHE C 167 40.22 5.16 -26.04
CA PHE C 167 39.44 5.04 -27.26
C PHE C 167 39.88 6.01 -28.37
N SER C 168 41.04 6.64 -28.24
CA SER C 168 41.41 7.78 -29.13
C SER C 168 41.78 7.38 -30.58
N GLU C 169 42.05 6.12 -30.83
CA GLU C 169 42.33 5.69 -32.23
C GLU C 169 41.09 5.77 -33.12
N LEU C 170 39.90 5.58 -32.56
CA LEU C 170 38.67 5.57 -33.31
C LEU C 170 38.38 6.93 -33.89
N ARG C 171 38.18 6.98 -35.22
CA ARG C 171 38.09 8.24 -35.91
C ARG C 171 36.84 8.98 -35.50
N PRO C 172 36.89 10.34 -35.53
CA PRO C 172 35.77 11.13 -35.08
C PRO C 172 34.43 10.76 -35.74
N LYS C 173 33.37 10.80 -34.94
CA LYS C 173 31.98 10.72 -35.42
C LYS C 173 31.86 11.48 -36.73
N GLY C 174 31.41 10.77 -37.76
CA GLY C 174 31.07 11.38 -39.04
C GLY C 174 32.21 11.48 -40.03
N SER C 175 33.33 10.81 -39.76
CA SER C 175 34.50 10.74 -40.68
C SER C 175 34.23 9.80 -41.83
N PHE C 176 34.98 9.99 -42.92
CA PHE C 176 34.97 9.10 -44.08
C PHE C 176 35.42 7.67 -43.76
N VAL C 177 34.69 6.68 -44.28
CA VAL C 177 35.06 5.27 -44.05
C VAL C 177 35.67 4.55 -45.29
N ALA C 178 34.97 4.56 -46.42
CA ALA C 178 35.41 3.90 -47.67
C ALA C 178 34.60 2.62 -47.93
N GLY C 179 34.37 1.84 -46.87
CA GLY C 179 33.21 0.94 -46.78
C GLY C 179 31.91 1.77 -46.84
N THR C 180 31.42 1.92 -48.06
CA THR C 180 30.14 2.60 -48.38
C THR C 180 30.04 4.12 -48.10
N HIS C 181 28.82 4.62 -48.31
CA HIS C 181 28.25 5.79 -47.64
C HIS C 181 27.52 5.16 -46.42
N GLY C 182 27.67 5.74 -45.23
CA GLY C 182 28.34 7.00 -45.04
C GLY C 182 29.59 6.99 -44.17
N LYS C 183 29.38 6.96 -42.86
CA LYS C 183 30.34 7.61 -41.96
C LYS C 183 30.59 6.99 -40.57
N ALA C 184 31.83 7.14 -40.10
CA ALA C 184 32.23 6.71 -38.77
C ALA C 184 31.25 7.09 -37.64
N SER C 185 30.89 6.09 -36.85
CA SER C 185 30.03 6.27 -35.68
C SER C 185 30.76 7.11 -34.62
N GLY C 186 32.08 6.97 -34.53
CA GLY C 186 32.89 7.70 -33.52
C GLY C 186 33.04 6.90 -32.23
N PRO C 187 34.05 7.25 -31.39
CA PRO C 187 34.30 6.52 -30.12
C PRO C 187 33.10 6.43 -29.16
N VAL C 188 32.41 7.52 -28.87
CA VAL C 188 31.33 7.51 -27.88
C VAL C 188 30.24 6.48 -28.29
N SER C 189 29.94 6.36 -29.59
CA SER C 189 29.05 5.29 -30.08
C SER C 189 29.58 3.88 -29.88
N PHE C 190 30.79 3.63 -30.32
CA PHE C 190 31.30 2.29 -30.16
C PHE C 190 31.36 1.94 -28.69
N MET C 191 31.77 2.88 -27.85
CA MET C 191 31.73 2.68 -26.42
C MET C 191 30.42 2.13 -25.85
N HIS C 192 29.26 2.38 -26.49
CA HIS C 192 27.95 1.92 -25.98
C HIS C 192 27.89 0.39 -26.09
N VAL C 193 28.63 -0.19 -27.03
CA VAL C 193 28.63 -1.63 -27.23
C VAL C 193 29.46 -2.33 -26.18
N PHE C 194 30.65 -1.80 -25.87
CA PHE C 194 31.40 -2.25 -24.71
C PHE C 194 30.50 -2.16 -23.45
N ASN C 195 29.84 -1.03 -23.25
CA ASN C 195 28.92 -0.92 -22.12
C ASN C 195 27.83 -2.00 -22.10
N SER C 196 27.29 -2.32 -23.28
CA SER C 196 26.20 -3.26 -23.35
C SER C 196 26.73 -4.71 -23.27
N ALA C 197 27.96 -4.97 -23.73
CA ALA C 197 28.66 -6.22 -23.40
C ALA C 197 28.66 -6.50 -21.89
N ILE C 198 29.20 -5.57 -21.10
CA ILE C 198 29.36 -5.72 -19.64
C ILE C 198 28.02 -5.85 -18.92
N SER C 199 26.98 -5.16 -19.41
CA SER C 199 25.62 -5.30 -18.88
C SER C 199 25.14 -6.77 -18.76
N VAL C 200 25.67 -7.67 -19.58
CA VAL C 200 25.21 -9.05 -19.58
C VAL C 200 26.26 -10.03 -18.99
N VAL C 201 27.43 -9.53 -18.59
CA VAL C 201 28.38 -10.30 -17.81
C VAL C 201 28.23 -9.86 -16.32
N LYS C 202 27.63 -10.72 -15.51
CA LYS C 202 27.17 -10.37 -14.15
C LYS C 202 27.96 -11.13 -13.09
N GLN C 203 28.01 -10.59 -11.87
CA GLN C 203 28.82 -11.21 -10.77
C GLN C 203 27.99 -11.64 -9.52
N GLY C 204 26.68 -11.33 -9.55
CA GLY C 204 25.73 -11.85 -8.55
C GLY C 204 25.79 -11.14 -7.21
N GLY C 209 31.21 2.49 -11.67
CA GLY C 209 31.67 1.76 -12.86
C GLY C 209 32.70 0.63 -12.66
N ALA C 210 32.68 -0.34 -13.58
CA ALA C 210 33.66 -1.47 -13.64
C ALA C 210 34.65 -1.39 -14.83
N LEU C 211 34.53 -0.36 -15.68
CA LEU C 211 35.37 -0.10 -16.88
C LEU C 211 36.01 1.24 -16.80
N MET C 212 37.23 1.35 -17.39
CA MET C 212 37.82 2.66 -17.71
C MET C 212 37.77 2.95 -19.20
N GLY C 213 37.27 4.12 -19.57
CA GLY C 213 37.36 4.59 -20.94
C GLY C 213 38.03 5.96 -20.92
N ILE C 214 39.13 6.10 -21.64
CA ILE C 214 39.88 7.37 -21.79
C ILE C 214 39.72 7.91 -23.24
N LEU C 215 39.40 9.21 -23.39
CA LEU C 215 39.61 9.89 -24.69
C LEU C 215 40.57 11.02 -24.43
N ASN C 216 41.52 11.22 -25.34
CA ASN C 216 42.53 12.26 -25.22
C ASN C 216 41.99 13.63 -25.48
N ILE C 217 42.53 14.60 -24.74
CA ILE C 217 42.16 15.99 -24.86
C ILE C 217 42.10 16.62 -26.29
N ASN C 218 42.95 16.16 -27.19
CA ASN C 218 42.98 16.72 -28.56
C ASN C 218 42.20 15.91 -29.60
N HIS C 219 41.38 14.97 -29.17
CA HIS C 219 40.54 14.22 -30.09
C HIS C 219 39.36 15.10 -30.54
N PRO C 220 39.02 15.12 -31.84
CA PRO C 220 37.89 16.03 -32.16
C PRO C 220 36.56 15.78 -31.44
N ASP C 221 36.34 14.60 -30.87
CA ASP C 221 35.02 14.33 -30.19
C ASP C 221 35.08 14.53 -28.68
N ILE C 222 36.14 15.17 -28.20
CA ILE C 222 36.39 15.28 -26.77
C ILE C 222 35.19 15.87 -26.01
N GLU C 223 34.56 16.89 -26.57
CA GLU C 223 33.44 17.57 -25.90
C GLU C 223 32.21 16.71 -25.72
N GLU C 224 31.81 15.95 -26.73
CA GLU C 224 30.69 15.03 -26.51
C GLU C 224 31.11 13.93 -25.53
N PHE C 225 32.35 13.44 -25.63
CA PHE C 225 32.91 12.53 -24.59
C PHE C 225 32.84 13.12 -23.16
N ILE C 226 33.27 14.36 -22.96
CA ILE C 226 33.19 14.99 -21.63
C ILE C 226 31.77 14.93 -21.07
N ASP C 227 30.79 15.06 -21.95
CA ASP C 227 29.36 15.10 -21.61
C ASP C 227 28.65 13.73 -21.71
N ALA C 228 29.36 12.66 -22.05
CA ALA C 228 28.75 11.35 -22.30
C ALA C 228 28.06 10.63 -21.11
N LYS C 229 28.10 11.17 -19.90
CA LYS C 229 27.39 10.56 -18.77
C LYS C 229 26.54 11.59 -17.99
N LYS C 230 25.67 12.31 -18.69
CA LYS C 230 24.66 13.16 -18.01
C LYS C 230 23.31 12.88 -18.65
N GLU C 231 22.22 13.44 -18.06
CA GLU C 231 20.86 13.35 -18.67
C GLU C 231 20.72 14.26 -19.92
N ASN C 232 20.38 13.62 -21.05
CA ASN C 232 20.49 14.24 -22.38
C ASN C 232 19.25 14.05 -23.27
N VAL C 237 23.87 6.04 -22.45
CA VAL C 237 24.13 5.08 -21.34
C VAL C 237 25.54 4.49 -21.45
N LEU C 238 26.42 5.00 -20.58
CA LEU C 238 27.76 4.48 -20.44
C LEU C 238 27.92 4.18 -18.96
N ASN C 239 26.85 3.69 -18.35
CA ASN C 239 26.80 3.57 -16.91
C ASN C 239 27.84 2.66 -16.26
N PHE C 240 28.33 1.66 -16.99
CA PHE C 240 29.44 0.83 -16.49
C PHE C 240 30.82 1.44 -16.59
N PHE C 241 30.93 2.61 -17.24
CA PHE C 241 32.23 3.28 -17.45
C PHE C 241 32.52 4.37 -16.43
N ASN C 242 33.71 4.33 -15.85
CA ASN C 242 34.39 5.53 -15.40
C ASN C 242 34.96 6.22 -16.66
N LEU C 243 34.99 7.55 -16.72
CA LEU C 243 35.55 8.24 -17.86
C LEU C 243 36.70 9.13 -17.42
N SER C 244 37.84 9.07 -18.12
CA SER C 244 38.94 10.02 -17.91
C SER C 244 39.38 10.71 -19.19
N VAL C 245 39.84 11.94 -19.06
CA VAL C 245 40.38 12.65 -20.21
C VAL C 245 41.86 12.43 -20.18
N GLY C 246 42.43 11.98 -21.31
CA GLY C 246 43.83 11.69 -21.40
C GLY C 246 44.63 12.88 -21.83
N PHE C 247 45.77 13.04 -21.17
CA PHE C 247 46.77 14.07 -21.51
C PHE C 247 48.06 13.32 -21.78
N PRO C 248 48.27 12.91 -23.02
CA PRO C 248 49.50 12.18 -23.39
C PRO C 248 50.73 13.13 -23.42
N MET C 249 50.51 14.45 -23.43
CA MET C 249 51.57 15.45 -23.43
C MET C 249 52.02 15.77 -22.01
N ASP C 250 53.10 16.55 -21.86
CA ASP C 250 53.62 16.89 -20.53
C ASP C 250 52.64 17.80 -19.83
N LYS C 251 52.45 17.55 -18.54
CA LYS C 251 51.64 18.35 -17.66
C LYS C 251 52.03 19.85 -17.71
N LYS C 252 53.33 20.13 -17.80
CA LYS C 252 53.79 21.52 -17.75
C LYS C 252 53.38 22.22 -19.04
N GLU C 253 53.46 21.51 -20.16
CA GLU C 253 53.00 22.05 -21.42
C GLU C 253 51.52 22.45 -21.32
N ILE C 254 50.69 21.60 -20.70
CA ILE C 254 49.25 21.86 -20.57
C ILE C 254 48.96 23.03 -19.62
N LEU C 255 49.70 23.08 -18.51
CA LEU C 255 49.56 24.16 -17.55
C LEU C 255 49.96 25.51 -18.14
N LYS C 256 51.09 25.55 -18.84
CA LYS C 256 51.53 26.75 -19.57
C LYS C 256 50.47 27.30 -20.48
N LEU C 257 49.84 26.42 -21.26
CA LEU C 257 48.80 26.82 -22.23
C LEU C 257 47.57 27.35 -21.51
N TYR C 258 47.26 26.79 -20.34
CA TYR C 258 46.13 27.24 -19.56
C TYR C 258 46.37 28.68 -19.07
N GLU C 259 47.55 28.89 -18.49
CA GLU C 259 47.97 30.22 -18.00
C GLU C 259 47.99 31.29 -19.09
N GLU C 260 48.55 30.93 -20.26
CA GLU C 260 48.50 31.77 -21.47
C GLU C 260 47.12 32.00 -22.03
N ASP C 261 46.13 31.31 -21.49
CA ASP C 261 44.79 31.27 -22.10
C ASP C 261 44.87 30.79 -23.54
N GLY C 262 45.64 29.74 -23.78
CA GLY C 262 45.91 29.33 -25.13
C GLY C 262 44.81 28.55 -25.84
N GLU C 263 45.18 28.05 -27.00
CA GLU C 263 44.28 27.27 -27.80
C GLU C 263 44.90 25.97 -28.22
N LEU C 264 44.03 24.98 -28.39
CA LEU C 264 44.41 23.60 -28.70
C LEU C 264 43.76 23.19 -30.02
N GLU C 265 44.54 22.61 -30.93
CA GLU C 265 43.98 22.08 -32.17
C GLU C 265 43.55 20.64 -31.90
N LEU C 266 42.25 20.41 -32.12
CA LEU C 266 41.65 19.08 -32.10
C LEU C 266 41.72 18.54 -33.50
N SER C 267 42.35 17.39 -33.64
CA SER C 267 42.47 16.76 -34.93
C SER C 267 42.70 15.22 -34.72
N HIS C 268 42.68 14.42 -35.80
CA HIS C 268 42.90 12.97 -35.75
C HIS C 268 43.50 12.60 -37.11
N PRO C 269 44.49 11.66 -37.12
CA PRO C 269 45.15 11.21 -38.34
C PRO C 269 44.23 10.61 -39.41
N ARG C 270 43.04 10.14 -39.06
CA ARG C 270 42.15 9.52 -40.06
C ARG C 270 40.85 10.29 -40.20
N SER C 271 40.99 11.61 -40.14
CA SER C 271 39.87 12.51 -40.33
C SER C 271 40.30 13.87 -40.85
N THR C 272 39.49 14.50 -41.68
CA THR C 272 39.76 15.88 -42.00
C THR C 272 38.97 16.82 -41.06
N ILE C 273 38.27 16.26 -40.07
CA ILE C 273 37.60 17.07 -39.07
C ILE C 273 38.72 17.63 -38.20
N ARG C 274 38.89 18.96 -38.26
CA ARG C 274 39.86 19.69 -37.43
C ARG C 274 39.18 20.91 -36.75
N LYS C 275 39.52 21.17 -35.49
CA LYS C 275 38.88 22.23 -34.72
C LYS C 275 39.78 22.91 -33.70
N LYS C 276 39.46 24.15 -33.38
CA LYS C 276 40.27 24.91 -32.43
C LYS C 276 39.44 25.24 -31.21
N VAL C 277 39.95 24.94 -30.02
CA VAL C 277 39.22 25.24 -28.76
C VAL C 277 40.16 25.85 -27.71
N LYS C 278 39.63 26.77 -26.92
CA LYS C 278 40.39 27.31 -25.82
C LYS C 278 40.52 26.27 -24.72
N ILE C 279 41.73 26.04 -24.26
CA ILE C 279 42.00 25.00 -23.29
C ILE C 279 41.20 25.26 -22.00
N ARG C 280 40.95 26.54 -21.69
CA ARG C 280 40.15 26.95 -20.55
C ARG C 280 38.65 26.55 -20.66
N GLU C 281 38.08 26.58 -21.85
CA GLU C 281 36.70 26.28 -22.03
C GLU C 281 36.54 24.78 -21.90
N LEU C 282 37.56 24.06 -22.35
CA LEU C 282 37.58 22.62 -22.28
C LEU C 282 37.71 22.12 -20.83
N PHE C 283 38.71 22.61 -20.09
CA PHE C 283 38.78 22.40 -18.67
C PHE C 283 37.49 22.80 -17.89
N ARG C 284 36.83 23.90 -18.27
CA ARG C 284 35.64 24.32 -17.52
C ARG C 284 34.53 23.32 -17.76
N LYS C 285 34.46 22.77 -18.98
CA LYS C 285 33.51 21.70 -19.34
C LYS C 285 33.75 20.45 -18.54
N ILE C 286 35.01 20.07 -18.40
CA ILE C 286 35.34 18.89 -17.62
C ILE C 286 35.00 19.16 -16.20
N ALA C 287 35.40 20.31 -15.69
CA ALA C 287 35.23 20.61 -14.27
C ALA C 287 33.75 20.66 -13.88
N THR C 288 32.92 21.20 -14.78
CA THR C 288 31.46 21.28 -14.56
C THR C 288 30.83 19.90 -14.49
N ASN C 289 31.13 19.04 -15.46
CA ASN C 289 30.66 17.66 -15.36
C ASN C 289 31.08 16.92 -14.14
N ALA C 290 32.34 17.09 -13.77
CA ALA C 290 32.90 16.39 -12.65
C ALA C 290 32.27 16.92 -11.36
N TRP C 291 32.15 18.25 -11.24
CA TRP C 291 31.37 18.91 -10.18
C TRP C 291 29.99 18.27 -10.13
N LYS C 292 29.42 17.98 -11.29
CA LYS C 292 28.04 17.54 -11.35
C LYS C 292 27.87 16.06 -10.93
N SER C 293 28.82 15.20 -11.32
CA SER C 293 28.60 13.77 -11.32
C SER C 293 29.82 12.98 -11.02
N GLY C 294 30.97 13.64 -10.90
CA GLY C 294 32.17 12.94 -10.59
C GLY C 294 32.93 12.39 -11.76
N ASP C 295 32.40 12.54 -12.97
CA ASP C 295 33.05 12.18 -14.26
C ASP C 295 33.04 13.40 -15.16
N PRO C 296 34.06 13.60 -16.00
CA PRO C 296 35.22 12.68 -16.17
C PRO C 296 36.37 12.96 -15.22
N GLY C 297 37.29 12.00 -15.03
CA GLY C 297 38.56 12.27 -14.32
C GLY C 297 39.62 12.80 -15.29
N LEU C 298 40.87 12.91 -14.81
CA LEU C 298 41.99 13.34 -15.67
C LEU C 298 43.08 12.29 -15.58
N ALA C 299 43.57 11.83 -16.73
CA ALA C 299 44.70 10.89 -16.76
C ALA C 299 45.91 11.55 -17.41
N PHE C 300 46.97 11.73 -16.64
CA PHE C 300 48.17 12.41 -17.15
C PHE C 300 49.08 11.29 -17.66
N LEU C 301 48.76 10.82 -18.86
CA LEU C 301 49.38 9.66 -19.41
C LEU C 301 50.82 9.99 -19.76
N GLY C 302 51.09 11.26 -20.05
CA GLY C 302 52.51 11.69 -20.29
C GLY C 302 53.33 11.54 -19.04
N GLU C 303 52.74 11.86 -17.91
CA GLU C 303 53.46 11.79 -16.64
C GLU C 303 53.77 10.35 -16.32
N MET C 304 52.88 9.45 -16.71
CA MET C 304 53.06 8.02 -16.45
C MET C 304 54.18 7.47 -17.32
N ASN C 305 54.19 7.89 -18.59
CA ASN C 305 55.23 7.45 -19.53
C ASN C 305 56.61 7.99 -19.19
N LYS C 306 56.68 9.23 -18.71
CA LYS C 306 57.88 9.82 -18.12
C LYS C 306 58.60 8.91 -17.14
N TYR C 307 57.84 8.09 -16.43
CA TYR C 307 58.39 7.21 -15.41
C TYR C 307 58.27 5.76 -15.74
N TYR C 308 57.79 5.41 -16.93
CA TYR C 308 57.70 4.00 -17.36
C TYR C 308 59.09 3.49 -17.80
N PRO C 309 59.62 2.46 -17.14
CA PRO C 309 60.95 2.01 -17.53
C PRO C 309 61.06 1.56 -19.01
N LEU C 310 59.95 1.34 -19.69
CA LEU C 310 59.98 0.81 -21.03
C LEU C 310 59.58 1.77 -22.15
N TYR C 311 59.18 2.98 -21.82
CA TYR C 311 58.93 4.05 -22.77
C TYR C 311 60.25 4.55 -23.43
N PRO C 312 60.25 4.88 -24.75
CA PRO C 312 59.16 4.92 -25.71
C PRO C 312 58.86 3.65 -26.45
N HIS C 313 59.56 2.56 -26.17
CA HIS C 313 59.34 1.33 -26.91
C HIS C 313 57.94 0.81 -26.61
N ARG C 314 57.61 0.76 -25.34
CA ARG C 314 56.26 0.51 -24.93
C ARG C 314 55.62 1.81 -24.42
N LYS C 315 54.30 1.86 -24.46
CA LYS C 315 53.60 3.09 -24.17
C LYS C 315 52.38 2.76 -23.31
N ILE C 316 52.13 3.63 -22.33
CA ILE C 316 50.97 3.58 -21.47
C ILE C 316 49.97 4.55 -22.10
N ASN C 317 48.84 4.02 -22.55
CA ASN C 317 47.75 4.79 -23.13
C ASN C 317 46.55 4.83 -22.22
N SER C 318 46.54 3.98 -21.20
CA SER C 318 45.38 3.87 -20.37
C SER C 318 45.67 3.32 -18.98
N THR C 319 44.67 3.45 -18.10
CA THR C 319 44.64 2.73 -16.80
C THR C 319 43.53 1.69 -16.71
N ASN C 320 43.54 0.92 -15.61
CA ASN C 320 42.42 0.06 -15.23
C ASN C 320 41.25 0.91 -14.69
N PRO C 321 40.12 0.28 -14.34
CA PRO C 321 38.97 1.09 -13.82
C PRO C 321 39.16 2.14 -12.74
N CYS C 322 40.01 1.86 -11.74
CA CYS C 322 40.25 2.77 -10.62
C CYS C 322 41.49 3.65 -10.74
N GLY C 323 42.12 3.57 -11.89
CA GLY C 323 43.17 4.50 -12.24
C GLY C 323 44.54 4.26 -11.64
N GLU C 324 44.70 3.29 -10.75
CA GLU C 324 45.97 3.16 -10.01
C GLU C 324 47.10 2.41 -10.75
N ILE C 325 46.75 1.78 -11.87
CA ILE C 325 47.79 1.21 -12.72
C ILE C 325 47.68 1.71 -14.13
N GLY C 326 48.80 2.23 -14.63
CA GLY C 326 48.92 2.59 -16.04
C GLY C 326 49.57 1.43 -16.75
N LEU C 327 48.94 0.87 -17.77
CA LEU C 327 49.42 -0.34 -18.38
C LEU C 327 49.64 -0.15 -19.88
N SER C 328 50.60 -0.88 -20.44
CA SER C 328 50.71 -0.87 -21.88
C SER C 328 49.69 -1.90 -22.45
N ASP C 329 49.33 -1.75 -23.75
CA ASP C 329 48.30 -2.57 -24.43
C ASP C 329 48.42 -4.08 -24.11
N TYR C 330 47.32 -4.75 -23.69
CA TYR C 330 47.34 -6.18 -23.23
C TYR C 330 48.15 -6.48 -21.94
N GLU C 331 48.70 -5.46 -21.29
CA GLU C 331 49.36 -5.68 -20.00
C GLU C 331 48.29 -5.86 -18.90
N ALA C 332 48.57 -6.74 -17.94
CA ALA C 332 47.75 -6.84 -16.74
C ALA C 332 48.66 -6.72 -15.49
N CYS C 333 48.04 -6.61 -14.31
CA CYS C 333 48.74 -6.40 -13.06
C CYS C 333 47.91 -6.97 -11.91
N ASN C 334 48.59 -7.75 -11.05
CA ASN C 334 48.03 -8.28 -9.83
C ASN C 334 48.49 -7.40 -8.62
N LEU C 335 47.54 -7.07 -7.76
CA LEU C 335 47.79 -6.25 -6.61
C LEU C 335 47.66 -7.03 -5.31
N GLY C 336 48.34 -6.51 -4.29
CA GLY C 336 48.06 -6.81 -2.88
C GLY C 336 48.45 -5.65 -1.94
N SER C 337 47.98 -5.67 -0.70
CA SER C 337 48.08 -4.56 0.25
C SER C 337 48.37 -4.99 1.66
N ILE C 338 49.34 -4.34 2.29
CA ILE C 338 49.70 -4.56 3.68
C ILE C 338 48.83 -3.64 4.53
N ASP C 339 48.21 -4.16 5.59
CA ASP C 339 47.50 -3.27 6.54
C ASP C 339 48.54 -2.57 7.47
N VAL C 340 48.98 -1.36 7.13
CA VAL C 340 49.94 -0.64 7.98
C VAL C 340 49.52 -0.32 9.45
N ALA C 341 48.21 -0.24 9.73
CA ALA C 341 47.73 0.02 11.11
C ALA C 341 48.17 -1.08 12.10
N LYS C 342 48.40 -2.29 11.58
CA LYS C 342 48.74 -3.41 12.44
C LYS C 342 50.23 -3.37 12.82
N PHE C 343 50.93 -2.41 12.22
CA PHE C 343 52.37 -2.16 12.42
C PHE C 343 52.70 -1.01 13.40
N TYR C 344 51.66 -0.41 13.97
CA TYR C 344 51.84 0.58 15.01
C TYR C 344 52.40 -0.07 16.30
N ASN C 345 53.49 0.49 16.79
CA ASN C 345 54.05 0.05 18.06
C ASN C 345 54.68 1.23 18.83
N ASN C 346 53.98 1.65 19.90
CA ASN C 346 54.49 2.65 20.86
C ASN C 346 54.82 4.05 20.26
N GLY C 347 53.97 4.57 19.41
CA GLY C 347 54.21 5.87 18.82
C GLY C 347 54.99 5.82 17.52
N PHE C 348 55.37 4.62 17.11
CA PHE C 348 56.20 4.44 15.92
C PHE C 348 55.60 3.39 14.97
N VAL C 349 56.01 3.41 13.70
CA VAL C 349 55.71 2.27 12.84
C VAL C 349 56.85 1.31 13.10
N ASP C 350 56.53 0.03 13.32
CA ASP C 350 57.56 -0.99 13.40
C ASP C 350 58.14 -1.44 12.03
N LEU C 351 59.27 -0.83 11.71
CA LEU C 351 59.92 -0.97 10.44
C LEU C 351 60.71 -2.28 10.30
N GLU C 352 61.03 -2.92 11.40
CA GLU C 352 61.77 -4.17 11.33
C GLU C 352 60.86 -5.24 10.78
N ALA C 353 59.71 -5.37 11.43
CA ALA C 353 58.63 -6.21 10.94
C ALA C 353 58.12 -5.80 9.54
N LEU C 354 58.02 -4.49 9.26
CA LEU C 354 57.46 -4.04 7.99
C LEU C 354 58.34 -4.47 6.84
N GLN C 355 59.65 -4.39 7.05
CA GLN C 355 60.58 -4.81 6.05
C GLN C 355 60.42 -6.30 5.66
N GLU C 356 60.44 -7.22 6.63
CA GLU C 356 60.23 -8.64 6.35
C GLU C 356 58.92 -8.85 5.53
N LEU C 357 57.85 -8.13 5.88
CA LEU C 357 56.57 -8.27 5.15
C LEU C 357 56.68 -7.84 3.72
N VAL C 358 57.27 -6.66 3.49
CA VAL C 358 57.42 -6.17 2.11
C VAL C 358 58.14 -7.23 1.25
N GLN C 359 59.14 -7.88 1.84
CA GLN C 359 59.97 -8.88 1.17
C GLN C 359 59.14 -10.09 0.81
N ILE C 360 58.38 -10.59 1.79
CA ILE C 360 57.40 -11.62 1.60
C ILE C 360 56.33 -11.27 0.58
N ALA C 361 55.71 -10.11 0.73
CA ALA C 361 54.61 -9.67 -0.11
C ALA C 361 55.01 -9.51 -1.56
N VAL C 362 56.22 -9.03 -1.81
CA VAL C 362 56.69 -8.94 -3.20
C VAL C 362 56.88 -10.36 -3.78
N ARG C 363 57.30 -11.32 -2.98
CA ARG C 363 57.51 -12.65 -3.46
C ARG C 363 56.15 -13.33 -3.71
N PHE C 364 55.21 -13.09 -2.80
CA PHE C 364 53.82 -13.53 -2.98
C PHE C 364 53.23 -13.03 -4.31
N LEU C 365 53.32 -11.73 -4.54
CA LEU C 365 52.72 -11.09 -5.70
C LEU C 365 53.42 -11.57 -6.98
N ASP C 366 54.72 -11.72 -6.92
CA ASP C 366 55.43 -12.21 -8.08
C ASP C 366 55.10 -13.67 -8.42
N ASN C 367 54.95 -14.52 -7.41
CA ASN C 367 54.50 -15.87 -7.61
C ASN C 367 53.10 -15.94 -8.24
N VAL C 368 52.20 -15.01 -7.90
CA VAL C 368 50.82 -15.04 -8.40
C VAL C 368 50.86 -15.09 -9.93
N ILE C 369 51.87 -14.43 -10.51
CA ILE C 369 52.00 -14.33 -11.95
C ILE C 369 52.25 -15.71 -12.61
N ASP C 370 52.93 -16.58 -11.86
CA ASP C 370 53.23 -17.94 -12.34
C ASP C 370 52.00 -18.85 -12.29
N VAL C 371 51.14 -18.66 -11.29
CA VAL C 371 50.01 -19.53 -11.14
C VAL C 371 48.75 -18.96 -11.78
N ASN C 372 48.89 -17.79 -12.40
CA ASN C 372 47.78 -17.03 -12.98
C ASN C 372 47.44 -17.63 -14.35
N VAL C 373 46.17 -17.66 -14.71
CA VAL C 373 45.80 -18.01 -16.08
C VAL C 373 45.00 -16.88 -16.71
N PHE C 374 45.47 -16.36 -17.84
CA PHE C 374 44.75 -15.30 -18.52
C PHE C 374 43.92 -15.81 -19.71
N PRO C 375 42.86 -15.06 -20.08
CA PRO C 375 41.95 -15.57 -21.11
C PRO C 375 42.39 -15.26 -22.56
N ILE C 376 43.55 -14.62 -22.72
CA ILE C 376 43.96 -14.03 -24.00
C ILE C 376 45.45 -14.17 -24.06
N ASP C 377 45.96 -14.78 -25.13
CA ASP C 377 47.40 -15.02 -25.30
C ASP C 377 48.36 -13.83 -25.25
N LYS C 378 47.97 -12.70 -25.82
CA LYS C 378 48.76 -11.48 -25.74
C LYS C 378 48.94 -10.94 -24.30
N ILE C 379 47.97 -11.24 -23.44
CA ILE C 379 48.02 -10.84 -22.04
C ILE C 379 48.96 -11.72 -21.32
N THR C 380 48.82 -13.03 -21.48
CA THR C 380 49.86 -13.94 -20.96
C THR C 380 51.32 -13.50 -21.25
N LYS C 381 51.56 -12.99 -22.46
CA LYS C 381 52.87 -12.63 -22.97
C LYS C 381 53.34 -11.29 -22.48
N ALA C 382 52.54 -10.25 -22.65
CA ALA C 382 52.79 -8.97 -22.00
C ALA C 382 53.12 -9.10 -20.49
N VAL C 383 52.45 -9.99 -19.76
CA VAL C 383 52.71 -10.12 -18.33
C VAL C 383 54.03 -10.86 -18.02
N LYS C 384 54.32 -11.95 -18.75
CA LYS C 384 55.56 -12.73 -18.57
C LYS C 384 56.72 -11.84 -18.89
N GLU C 385 56.52 -10.93 -19.83
CA GLU C 385 57.64 -10.12 -20.27
C GLU C 385 58.06 -9.00 -19.29
N SER C 386 57.08 -8.48 -18.56
CA SER C 386 57.24 -7.26 -17.76
C SER C 386 57.20 -7.53 -16.26
N ARG C 387 56.34 -8.45 -15.84
CA ARG C 387 56.05 -8.83 -14.45
C ARG C 387 55.77 -7.63 -13.55
N ARG C 388 54.84 -6.76 -13.99
CA ARG C 388 54.42 -5.58 -13.24
C ARG C 388 53.67 -6.06 -12.02
N LEU C 389 54.09 -5.62 -10.80
CA LEU C 389 53.31 -5.90 -9.58
C LEU C 389 52.72 -4.59 -9.02
N GLY C 390 51.73 -4.71 -8.12
CA GLY C 390 51.13 -3.54 -7.47
C GLY C 390 51.00 -3.79 -5.97
N LEU C 391 52.13 -3.75 -5.26
CA LEU C 391 52.20 -3.81 -3.79
C LEU C 391 51.81 -2.45 -3.23
N GLY C 392 50.73 -2.40 -2.44
CA GLY C 392 50.27 -1.13 -1.86
C GLY C 392 50.07 -1.28 -0.37
N ILE C 393 49.35 -0.32 0.23
CA ILE C 393 49.01 -0.32 1.67
C ILE C 393 47.56 -0.03 1.88
N MET C 394 47.04 -0.38 3.06
CA MET C 394 45.69 0.09 3.53
C MET C 394 45.81 0.34 5.05
N GLY C 395 44.76 0.82 5.70
CA GLY C 395 44.85 1.11 7.17
C GLY C 395 45.77 2.29 7.49
N PHE C 396 46.14 3.05 6.48
CA PHE C 396 46.98 4.24 6.68
C PHE C 396 46.32 5.32 7.59
N ALA C 397 45.08 5.71 7.28
CA ALA C 397 44.28 6.58 8.16
C ALA C 397 44.30 6.13 9.62
N ASP C 398 44.00 4.87 9.86
CA ASP C 398 43.93 4.37 11.23
C ASP C 398 45.32 4.38 11.90
N LEU C 399 46.36 4.17 11.11
CA LEU C 399 47.71 4.19 11.64
C LEU C 399 48.01 5.63 12.14
N LEU C 400 47.50 6.63 11.42
CA LEU C 400 47.69 8.02 11.80
C LEU C 400 46.89 8.33 13.06
N TYR C 401 45.64 7.90 13.15
CA TYR C 401 44.89 8.04 14.43
C TYR C 401 45.77 7.60 15.62
N LYS C 402 46.34 6.42 15.50
CA LYS C 402 47.18 5.79 16.54
C LYS C 402 48.42 6.59 16.81
N LEU C 403 49.02 7.11 15.75
CA LEU C 403 50.25 7.87 15.88
C LEU C 403 49.99 9.30 16.44
N GLU C 404 48.70 9.67 16.58
CA GLU C 404 48.27 10.99 16.93
C GLU C 404 48.80 12.05 15.97
N ILE C 405 48.66 11.74 14.66
CA ILE C 405 49.04 12.68 13.60
C ILE C 405 47.76 12.98 12.80
N PRO C 406 47.37 14.25 12.75
CA PRO C 406 46.27 14.71 11.86
C PRO C 406 46.53 14.50 10.35
N TYR C 407 45.66 13.77 9.67
CA TYR C 407 45.74 13.57 8.23
C TYR C 407 46.06 14.86 7.41
N ASN C 408 45.32 15.94 7.72
CA ASN C 408 45.46 17.24 7.10
C ASN C 408 46.50 18.10 7.76
N SER C 409 47.76 17.65 7.70
CA SER C 409 48.90 18.33 8.31
C SER C 409 50.16 18.01 7.49
N GLN C 410 51.12 18.93 7.43
CA GLN C 410 52.39 18.68 6.75
C GLN C 410 53.14 17.47 7.34
N GLU C 411 53.05 17.32 8.65
CA GLU C 411 53.68 16.19 9.26
C GLU C 411 53.08 14.81 8.85
N ALA C 412 51.76 14.72 8.68
CA ALA C 412 51.15 13.51 8.10
C ALA C 412 51.70 13.18 6.71
N ARG C 413 51.87 14.21 5.88
CA ARG C 413 52.40 14.02 4.56
C ARG C 413 53.91 13.64 4.58
N ASP C 414 54.69 14.23 5.49
CA ASP C 414 56.11 13.88 5.59
C ASP C 414 56.20 12.42 5.98
N PHE C 415 55.38 12.02 6.98
CA PHE C 415 55.26 10.63 7.39
C PHE C 415 54.84 9.66 6.20
N ALA C 416 53.76 10.00 5.49
CA ALA C 416 53.37 9.31 4.25
C ALA C 416 54.54 9.06 3.30
N ALA C 417 55.21 10.13 2.89
CA ALA C 417 56.30 10.02 1.90
C ALA C 417 57.41 9.13 2.39
N ASN C 418 57.69 9.22 3.69
CA ASN C 418 58.71 8.38 4.29
C ASN C 418 58.41 6.88 4.41
N LEU C 419 57.21 6.56 4.90
CA LEU C 419 56.72 5.21 4.92
C LEU C 419 56.73 4.61 3.48
N MET C 420 56.19 5.36 2.53
CA MET C 420 56.20 4.92 1.15
C MET C 420 57.60 4.71 0.60
N ALA C 421 58.55 5.61 0.92
CA ALA C 421 59.91 5.50 0.45
C ALA C 421 60.57 4.25 1.07
N PHE C 422 60.37 4.06 2.39
CA PHE C 422 60.80 2.83 3.06
C PHE C 422 60.32 1.56 2.32
N ILE C 423 59.02 1.56 1.98
CA ILE C 423 58.35 0.45 1.28
C ILE C 423 58.91 0.25 -0.13
N ALA C 424 59.00 1.35 -0.86
CA ALA C 424 59.51 1.40 -2.22
C ALA C 424 60.91 0.81 -2.22
N LEU C 425 61.71 1.31 -1.27
CA LEU C 425 63.11 0.90 -1.10
C LEU C 425 63.19 -0.61 -0.96
N HIS C 426 62.46 -1.19 0.01
CA HIS C 426 62.55 -2.64 0.24
C HIS C 426 61.82 -3.53 -0.76
N ALA C 427 60.88 -2.95 -1.52
CA ALA C 427 60.16 -3.66 -2.61
C ALA C 427 61.12 -3.86 -3.74
N HIS C 428 61.87 -2.80 -4.03
CA HIS C 428 62.81 -2.84 -5.11
C HIS C 428 64.09 -3.61 -4.79
N ARG C 429 64.53 -3.59 -3.54
CA ARG C 429 65.63 -4.45 -3.13
C ARG C 429 65.21 -5.91 -3.31
N THR C 430 63.96 -6.21 -3.00
CA THR C 430 63.45 -7.55 -3.14
C THR C 430 63.34 -8.04 -4.59
N SER C 431 62.91 -7.16 -5.49
CA SER C 431 62.90 -7.42 -6.95
C SER C 431 64.30 -7.74 -7.48
N TYR C 432 65.30 -7.01 -6.96
CA TYR C 432 66.70 -7.30 -7.13
C TYR C 432 66.98 -8.76 -6.75
N GLU C 433 66.81 -9.11 -5.48
CA GLU C 433 67.08 -10.45 -5.01
C GLU C 433 66.37 -11.49 -5.88
N LEU C 434 65.10 -11.24 -6.20
CA LEU C 434 64.31 -12.23 -6.97
C LEU C 434 64.84 -12.38 -8.40
N GLY C 435 65.21 -11.27 -9.06
CA GLY C 435 65.87 -11.32 -10.35
C GLY C 435 67.02 -12.28 -10.25
N LYS C 436 67.77 -12.19 -9.15
CA LYS C 436 68.98 -13.01 -8.97
C LYS C 436 68.66 -14.47 -8.74
N GLU C 437 67.70 -14.74 -7.85
CA GLU C 437 67.25 -16.12 -7.58
C GLU C 437 66.65 -16.75 -8.84
N LYS C 438 65.79 -16.02 -9.56
CA LYS C 438 64.86 -16.68 -10.47
C LYS C 438 65.02 -16.24 -11.91
N GLY C 439 65.75 -15.15 -12.13
CA GLY C 439 65.77 -14.52 -13.45
C GLY C 439 65.15 -13.12 -13.56
N ASN C 440 65.78 -12.28 -14.36
CA ASN C 440 65.29 -10.97 -14.71
C ASN C 440 64.03 -10.98 -15.61
N PHE C 441 63.20 -9.95 -15.50
CA PHE C 441 62.10 -9.85 -16.46
C PHE C 441 62.72 -9.77 -17.87
N PRO C 442 62.14 -10.51 -18.83
CA PRO C 442 62.73 -10.56 -20.17
C PRO C 442 63.03 -9.19 -20.76
N LEU C 443 62.35 -8.14 -20.31
CA LEU C 443 62.48 -6.85 -20.99
C LEU C 443 63.44 -5.91 -20.26
N LEU C 444 64.13 -6.41 -19.23
CA LEU C 444 65.09 -5.60 -18.46
C LEU C 444 66.08 -4.91 -19.36
N GLU C 445 66.66 -5.67 -20.31
CA GLU C 445 67.76 -5.19 -21.15
C GLU C 445 67.42 -4.01 -22.01
N ILE C 446 66.18 -3.89 -22.48
CA ILE C 446 65.72 -2.70 -23.25
C ILE C 446 65.06 -1.59 -22.39
N SER C 447 64.95 -1.83 -21.09
CA SER C 447 64.30 -0.89 -20.18
C SER C 447 65.28 0.18 -19.67
N ARG C 448 64.75 1.28 -19.16
CA ARG C 448 65.58 2.40 -18.75
C ARG C 448 66.47 2.08 -17.54
N TYR C 449 66.19 0.97 -16.87
CA TYR C 449 67.06 0.49 -15.78
C TYR C 449 68.42 0.10 -16.31
N ARG C 450 68.49 -0.17 -17.61
CA ARG C 450 69.74 -0.55 -18.28
C ARG C 450 70.31 0.52 -19.17
N THR C 451 69.45 1.20 -19.91
CA THR C 451 69.95 2.09 -20.91
C THR C 451 70.22 3.48 -20.39
N GLU C 452 69.87 3.74 -19.13
CA GLU C 452 70.13 5.04 -18.54
C GLU C 452 71.00 4.81 -17.31
N ASP C 453 71.75 5.86 -16.97
CA ASP C 453 72.29 6.03 -15.63
C ASP C 453 71.26 6.89 -14.93
N ASN C 454 70.99 6.59 -13.66
CA ASN C 454 70.15 7.52 -12.89
C ASN C 454 68.62 7.45 -13.02
N PHE C 455 68.07 6.62 -13.93
CA PHE C 455 66.61 6.46 -14.05
C PHE C 455 66.00 6.02 -12.73
N VAL C 456 65.03 6.78 -12.22
CA VAL C 456 64.25 6.34 -11.05
C VAL C 456 62.79 6.43 -11.43
N PRO C 457 61.96 5.37 -11.16
CA PRO C 457 60.62 5.37 -11.74
C PRO C 457 59.56 6.12 -10.90
N PHE C 458 59.99 7.16 -10.18
CA PHE C 458 59.11 8.08 -9.41
C PHE C 458 59.88 9.31 -8.92
N ALA C 459 59.18 10.38 -8.56
CA ALA C 459 59.79 11.69 -8.39
C ALA C 459 60.65 11.88 -7.15
N MET C 460 60.39 11.11 -6.09
CA MET C 460 61.12 11.31 -4.86
C MET C 460 61.07 12.78 -4.39
N GLY C 461 62.09 13.21 -3.64
CA GLY C 461 62.18 14.60 -3.27
C GLY C 461 61.55 14.95 -1.93
N MET C 462 61.22 13.94 -1.09
CA MET C 462 60.47 14.17 0.16
C MET C 462 60.78 13.09 1.20
N SER C 463 62.03 12.63 1.20
CA SER C 463 62.47 11.52 2.02
C SER C 463 63.95 11.58 2.32
N ASN C 464 64.33 10.99 3.45
CA ASN C 464 65.69 10.68 3.78
C ASN C 464 66.15 9.34 3.16
N TYR C 465 65.27 8.67 2.43
CA TYR C 465 65.66 7.40 1.85
C TYR C 465 66.17 7.54 0.43
N ASP C 466 66.08 8.75 -0.14
CA ASP C 466 66.29 8.99 -1.58
C ASP C 466 67.60 8.44 -2.09
N ASP C 467 68.67 8.60 -1.29
CA ASP C 467 70.02 8.11 -1.66
C ASP C 467 70.10 6.62 -1.66
N GLU C 468 69.55 5.98 -0.65
CA GLU C 468 69.50 4.53 -0.63
C GLU C 468 68.74 3.97 -1.83
N ILE C 469 67.62 4.59 -2.16
CA ILE C 469 66.80 4.17 -3.29
C ILE C 469 67.58 4.26 -4.59
N ARG C 470 68.23 5.41 -4.78
CA ARG C 470 69.08 5.68 -5.93
C ARG C 470 70.16 4.56 -6.01
N GLU C 471 70.72 4.10 -4.86
CA GLU C 471 71.61 2.92 -4.85
C GLU C 471 70.87 1.67 -5.41
N VAL C 472 69.66 1.43 -4.93
CA VAL C 472 68.94 0.22 -5.33
C VAL C 472 68.58 0.25 -6.83
N MET C 473 68.11 1.41 -7.31
CA MET C 473 67.80 1.57 -8.71
C MET C 473 68.99 1.24 -9.60
N LYS C 474 70.20 1.72 -9.24
CA LYS C 474 71.47 1.34 -9.89
C LYS C 474 71.76 -0.15 -9.84
N MET C 475 71.55 -0.78 -8.69
CA MET C 475 71.73 -2.21 -8.58
C MET C 475 70.87 -3.00 -9.58
N THR C 476 69.61 -2.61 -9.69
CA THR C 476 68.64 -3.33 -10.52
C THR C 476 68.88 -3.20 -12.04
N LYS C 477 69.93 -2.44 -12.44
CA LYS C 477 70.50 -2.45 -13.79
C LYS C 477 71.00 -3.87 -14.12
N GLU C 478 71.38 -4.61 -13.09
CA GLU C 478 71.96 -5.93 -13.26
C GLU C 478 70.88 -7.00 -13.11
N PHE C 479 70.37 -7.15 -11.88
CA PHE C 479 69.27 -8.09 -11.61
C PHE C 479 67.98 -7.34 -11.23
N ARG C 480 66.86 -7.73 -11.83
CA ARG C 480 65.53 -7.30 -11.40
C ARG C 480 64.36 -8.07 -12.01
N ARG C 481 63.53 -8.55 -11.11
CA ARG C 481 62.42 -9.44 -11.38
C ARG C 481 61.20 -8.74 -12.03
N ASN C 482 61.02 -7.43 -11.78
CA ASN C 482 59.74 -6.70 -12.10
C ASN C 482 59.93 -5.31 -12.61
N VAL C 483 59.15 -4.94 -13.62
CA VAL C 483 59.28 -3.62 -14.28
C VAL C 483 58.96 -2.51 -13.30
N ALA C 484 57.99 -2.79 -12.41
CA ALA C 484 57.37 -1.73 -11.55
C ALA C 484 56.78 -2.55 -10.44
N LEU C 485 56.63 -1.98 -9.23
CA LEU C 485 56.22 -2.83 -8.09
C LEU C 485 55.12 -2.34 -7.14
N LEU C 486 54.88 -1.02 -7.14
CA LEU C 486 54.01 -0.38 -6.12
C LEU C 486 52.83 0.36 -6.72
N THR C 487 51.75 0.47 -5.93
CA THR C 487 50.56 1.28 -6.25
C THR C 487 49.79 1.52 -4.96
N ILE C 488 48.82 2.43 -4.96
CA ILE C 488 47.86 2.40 -3.85
C ILE C 488 46.51 2.16 -4.43
N ALA C 489 45.86 1.11 -3.98
CA ALA C 489 44.57 0.70 -4.56
C ALA C 489 43.41 1.25 -3.70
N PRO C 490 42.17 1.26 -4.21
CA PRO C 490 41.08 1.64 -3.30
C PRO C 490 40.90 0.68 -2.12
N THR C 491 41.04 -0.63 -2.36
CA THR C 491 40.91 -1.67 -1.32
C THR C 491 39.50 -1.76 -0.75
N GLY C 492 38.52 -1.46 -1.60
CA GLY C 492 37.15 -1.37 -1.17
C GLY C 492 36.68 -2.62 -0.44
N SER C 493 37.17 -3.81 -0.83
CA SER C 493 36.73 -5.06 -0.22
C SER C 493 37.74 -5.66 0.74
N ILE C 494 39.01 -5.67 0.35
CA ILE C 494 40.04 -6.31 1.22
C ILE C 494 40.32 -5.52 2.53
N SER C 495 40.12 -4.19 2.50
CA SER C 495 40.17 -3.43 3.75
C SER C 495 39.03 -3.76 4.67
N ASN C 496 37.83 -4.04 4.14
CA ASN C 496 36.77 -4.65 4.99
C ASN C 496 37.16 -5.99 5.61
N ILE C 497 37.77 -6.88 4.82
CA ILE C 497 38.13 -8.21 5.33
C ILE C 497 39.12 -8.00 6.43
N ALA C 498 40.02 -7.02 6.24
CA ALA C 498 41.12 -6.81 7.20
C ALA C 498 40.75 -5.94 8.38
N ASP C 499 39.49 -5.46 8.41
CA ASP C 499 38.93 -4.57 9.44
C ASP C 499 39.79 -3.31 9.62
N THR C 500 40.10 -2.62 8.52
CA THR C 500 40.95 -1.47 8.62
C THR C 500 40.49 -0.34 7.69
N SER C 501 41.16 0.81 7.74
CA SER C 501 40.80 1.87 6.79
C SER C 501 41.28 1.49 5.36
N SER C 502 40.62 2.08 4.40
CA SER C 502 40.83 1.85 2.99
C SER C 502 42.02 2.62 2.34
N GLY C 503 42.96 1.85 1.79
CA GLY C 503 44.09 2.42 1.02
C GLY C 503 44.80 3.52 1.81
N LEU C 504 45.10 4.61 1.11
CA LEU C 504 45.63 5.83 1.73
C LEU C 504 44.51 6.80 2.12
N GLU C 505 43.23 6.41 1.91
CA GLU C 505 42.09 7.31 2.17
C GLU C 505 41.85 7.66 3.66
N PRO C 506 41.39 8.90 3.94
CA PRO C 506 40.87 9.10 5.31
C PRO C 506 39.60 8.23 5.50
N ASN C 507 39.36 7.71 6.69
CA ASN C 507 38.02 7.20 7.03
C ASN C 507 37.02 8.16 6.60
N PHE C 508 35.98 7.67 5.96
CA PHE C 508 34.89 8.53 5.55
C PHE C 508 34.02 8.87 6.75
N LEU C 509 33.69 7.87 7.56
CA LEU C 509 32.93 8.07 8.78
C LEU C 509 33.67 7.49 10.02
N LEU C 510 33.38 8.02 11.21
CA LEU C 510 33.84 7.42 12.48
C LEU C 510 32.91 6.35 13.13
N ALA C 511 31.64 6.38 12.74
CA ALA C 511 30.56 5.60 13.34
C ALA C 511 29.39 5.71 12.35
N TYR C 512 28.55 4.68 12.31
CA TYR C 512 27.32 4.63 11.50
C TYR C 512 26.65 3.31 11.82
N THR C 513 25.38 3.16 11.43
CA THR C 513 24.61 1.95 11.70
C THR C 513 24.59 0.94 10.53
N ARG C 514 24.81 -0.34 10.85
CA ARG C 514 24.44 -1.45 9.95
C ARG C 514 23.00 -1.92 10.25
N GLU C 524 17.85 -6.00 12.33
CA GLU C 524 18.59 -5.86 13.57
C GLU C 524 19.79 -4.93 13.39
N PRO C 525 19.57 -3.59 13.48
CA PRO C 525 20.59 -2.64 13.06
C PRO C 525 21.46 -2.14 14.24
N LEU C 526 22.78 -2.37 14.13
CA LEU C 526 23.74 -2.22 15.23
C LEU C 526 24.98 -1.35 14.90
N LEU C 527 25.49 -0.69 15.93
CA LEU C 527 26.12 0.63 15.83
C LEU C 527 27.43 0.81 15.04
N TYR C 528 28.50 0.08 15.37
CA TYR C 528 29.85 0.36 14.77
C TYR C 528 30.50 1.74 15.05
N VAL C 529 31.65 1.70 15.70
CA VAL C 529 32.47 2.86 15.94
C VAL C 529 33.90 2.49 15.64
N ASN C 530 34.61 3.37 14.92
CA ASN C 530 36.01 3.22 14.70
C ASN C 530 36.73 2.82 15.99
N GLN C 531 37.48 1.71 15.88
CA GLN C 531 38.07 1.02 17.01
C GLN C 531 39.19 1.80 17.67
N VAL C 532 40.05 2.50 16.91
CA VAL C 532 41.00 3.43 17.52
C VAL C 532 40.25 4.59 18.25
N LEU C 533 39.16 5.11 17.64
CA LEU C 533 38.40 6.18 18.30
C LEU C 533 37.87 5.65 19.62
N ARG C 534 37.22 4.49 19.57
CA ARG C 534 36.72 3.82 20.75
C ARG C 534 37.83 3.58 21.79
N GLU C 535 39.03 3.15 21.38
CA GLU C 535 40.18 3.00 22.31
C GLU C 535 40.55 4.30 23.04
N LYS C 536 40.62 5.41 22.32
CA LYS C 536 41.16 6.65 22.88
C LYS C 536 40.13 7.58 23.50
N LEU C 537 38.89 7.58 23.03
CA LEU C 537 37.92 8.46 23.65
C LEU C 537 37.15 7.81 24.80
N ASN C 538 37.39 8.36 25.99
CA ASN C 538 36.52 8.28 27.17
C ASN C 538 35.13 7.74 26.79
N PRO C 539 34.77 6.51 27.28
CA PRO C 539 33.53 5.78 26.90
C PRO C 539 32.26 6.52 27.24
N GLU C 540 32.38 7.56 28.05
CA GLU C 540 31.26 8.34 28.57
C GLU C 540 30.93 9.51 27.66
N ILE C 541 31.97 10.19 27.16
CA ILE C 541 31.80 11.14 26.06
C ILE C 541 31.24 10.34 24.87
N LEU C 542 31.83 9.17 24.59
CA LEU C 542 31.37 8.33 23.49
C LEU C 542 29.87 7.93 23.57
N LYS C 543 29.41 7.48 24.74
CA LYS C 543 27.97 7.26 25.00
C LYS C 543 27.15 8.49 24.62
N ARG C 544 27.62 9.63 25.10
CA ARG C 544 26.89 10.88 25.02
C ARG C 544 26.85 11.45 23.60
N ILE C 545 27.90 11.20 22.81
CA ILE C 545 28.02 11.87 21.50
C ILE C 545 27.72 10.98 20.29
N GLU C 546 27.56 9.68 20.50
CA GLU C 546 27.16 8.78 19.42
C GLU C 546 26.04 9.29 18.48
N LYS C 547 24.85 9.56 19.00
CA LYS C 547 23.75 10.06 18.16
C LYS C 547 24.12 11.28 17.31
N GLU C 548 24.85 12.22 17.88
CA GLU C 548 25.22 13.43 17.16
C GLU C 548 26.36 13.28 16.11
N LEU C 549 27.26 12.35 16.37
CA LEU C 549 28.31 11.96 15.44
C LEU C 549 27.75 11.29 14.18
N ILE C 550 26.76 10.43 14.36
CA ILE C 550 26.12 9.71 13.26
C ILE C 550 25.29 10.68 12.45
N GLU C 551 24.57 11.56 13.13
CA GLU C 551 23.76 12.58 12.47
C GLU C 551 24.59 13.66 11.72
N LYS C 552 25.65 14.18 12.32
CA LYS C 552 26.53 15.18 11.68
C LYS C 552 27.68 14.63 10.79
N GLY C 553 28.06 13.38 10.96
CA GLY C 553 29.02 12.78 10.06
C GLY C 553 30.45 13.13 10.45
N SER C 554 30.62 13.82 11.58
CA SER C 554 31.92 14.28 12.01
C SER C 554 31.88 14.77 13.47
N LEU C 555 33.05 14.78 14.15
CA LEU C 555 33.26 15.33 15.51
C LEU C 555 33.49 16.85 15.65
N LYS C 556 33.61 17.56 14.53
CA LYS C 556 34.21 18.90 14.58
C LYS C 556 33.37 19.93 15.32
N ASP C 557 32.05 19.77 15.23
CA ASP C 557 31.06 20.68 15.82
C ASP C 557 30.45 20.16 17.08
N ILE C 558 30.87 18.97 17.50
CA ILE C 558 30.29 18.37 18.68
C ILE C 558 30.88 19.05 19.90
N PRO C 559 30.01 19.69 20.71
CA PRO C 559 30.51 20.33 21.91
C PRO C 559 30.61 19.24 22.99
N ASP C 560 31.79 19.06 23.60
CA ASP C 560 32.04 17.98 24.59
C ASP C 560 33.41 17.33 24.40
N VAL C 561 33.81 17.17 23.14
CA VAL C 561 34.97 16.38 22.69
C VAL C 561 36.30 17.11 22.78
N PRO C 562 37.29 16.51 23.45
CA PRO C 562 38.56 17.19 23.60
C PRO C 562 39.13 17.62 22.25
N GLU C 563 39.71 18.84 22.20
CA GLU C 563 40.16 19.40 20.95
C GLU C 563 41.33 18.60 20.32
N LYS C 564 42.04 17.86 21.18
CA LYS C 564 43.12 16.95 20.79
C LYS C 564 42.61 15.73 20.03
N ILE C 565 41.44 15.23 20.47
CA ILE C 565 40.70 14.17 19.82
C ILE C 565 40.19 14.66 18.45
N LYS C 566 39.49 15.78 18.43
CA LYS C 566 38.98 16.37 17.18
C LYS C 566 40.03 16.54 16.09
N LYS C 567 41.23 16.98 16.49
CA LYS C 567 42.25 17.25 15.48
C LYS C 567 42.90 16.00 14.90
N VAL C 568 42.98 14.93 15.70
CA VAL C 568 43.57 13.68 15.27
C VAL C 568 42.52 12.86 14.51
N PHE C 569 41.28 12.85 15.01
CA PHE C 569 40.23 12.05 14.45
C PHE C 569 39.39 12.73 13.39
N VAL C 570 40.07 13.15 12.32
CA VAL C 570 39.39 13.74 11.15
C VAL C 570 38.83 12.68 10.15
N VAL C 571 37.78 13.06 9.42
CA VAL C 571 37.25 12.25 8.34
C VAL C 571 37.44 12.97 6.97
N ALA C 572 37.14 12.27 5.86
CA ALA C 572 37.31 12.79 4.48
C ALA C 572 36.85 14.24 4.35
N LEU C 573 35.61 14.50 4.77
CA LEU C 573 35.01 15.83 4.68
C LEU C 573 35.56 16.91 5.61
N ASP C 574 36.24 16.51 6.67
CA ASP C 574 36.97 17.49 7.51
C ASP C 574 38.23 18.00 6.83
N ILE C 575 38.69 17.25 5.84
CA ILE C 575 39.95 17.50 5.20
C ILE C 575 39.69 18.32 3.93
N ASP C 576 40.34 19.49 3.78
CA ASP C 576 40.09 20.30 2.56
C ASP C 576 40.70 19.69 1.28
N PRO C 577 40.14 20.01 0.09
CA PRO C 577 40.63 19.41 -1.15
C PRO C 577 42.14 19.44 -1.33
N MET C 578 42.79 20.52 -0.91
CA MET C 578 44.20 20.65 -1.17
C MET C 578 45.01 19.70 -0.27
N ASP C 579 44.45 19.41 0.90
CA ASP C 579 45.07 18.48 1.82
C ASP C 579 44.88 17.05 1.35
N HIS C 580 43.80 16.77 0.61
CA HIS C 580 43.66 15.50 -0.10
C HIS C 580 44.71 15.39 -1.25
N LEU C 581 44.75 16.38 -2.12
CA LEU C 581 45.72 16.44 -3.21
C LEU C 581 47.17 16.36 -2.74
N LEU C 582 47.52 17.15 -1.74
CA LEU C 582 48.89 17.09 -1.30
C LEU C 582 49.29 15.76 -0.67
N MET C 583 48.34 15.07 -0.05
CA MET C 583 48.56 13.72 0.42
C MET C 583 48.78 12.72 -0.76
N GLN C 584 47.95 12.86 -1.80
CA GLN C 584 48.19 12.12 -3.03
C GLN C 584 49.63 12.32 -3.55
N ASP C 585 50.05 13.59 -3.59
CA ASP C 585 51.42 13.97 -4.01
C ASP C 585 52.53 13.24 -3.20
N ALA C 586 52.43 13.27 -1.86
CA ALA C 586 53.41 12.65 -0.99
C ALA C 586 53.56 11.17 -1.28
N PHE C 587 52.45 10.43 -1.45
CA PHE C 587 52.58 9.00 -1.87
C PHE C 587 53.14 8.80 -3.28
N GLN C 588 52.60 9.50 -4.27
CA GLN C 588 52.99 9.30 -5.66
C GLN C 588 54.48 9.50 -5.87
N ARG C 589 55.12 10.33 -5.07
CA ARG C 589 56.59 10.53 -5.18
C ARG C 589 57.39 9.24 -4.98
N TYR C 590 56.77 8.22 -4.33
CA TYR C 590 57.48 6.93 -4.07
C TYR C 590 56.67 5.72 -4.51
N VAL C 591 55.90 5.91 -5.57
CA VAL C 591 55.07 4.85 -6.16
C VAL C 591 55.37 4.90 -7.63
N ASP C 592 55.84 3.77 -8.18
CA ASP C 592 56.16 3.68 -9.62
C ASP C 592 54.98 3.49 -10.58
N ASN C 593 53.89 2.93 -10.09
CA ASN C 593 52.61 2.93 -10.82
C ASN C 593 51.88 4.23 -10.38
N ASN C 594 50.53 4.21 -10.36
CA ASN C 594 49.75 5.37 -9.96
C ASN C 594 49.13 5.13 -8.59
N ILE C 595 48.09 5.88 -8.26
CA ILE C 595 47.49 5.91 -6.94
C ILE C 595 46.00 6.14 -7.06
N SER C 596 45.24 5.33 -6.34
CA SER C 596 43.82 5.61 -6.20
C SER C 596 43.58 6.57 -5.01
N LYS C 597 43.12 7.79 -5.35
CA LYS C 597 42.76 8.87 -4.41
C LYS C 597 41.59 9.72 -4.93
N THR C 598 40.56 9.84 -4.08
CA THR C 598 39.36 10.63 -4.38
C THR C 598 39.58 11.96 -3.75
N ILE C 599 39.47 13.03 -4.55
CA ILE C 599 39.57 14.38 -3.97
C ILE C 599 38.18 14.75 -3.58
N ASN C 600 37.84 14.45 -2.32
CA ASN C 600 36.60 14.86 -1.71
C ASN C 600 36.46 16.37 -1.62
N MET C 601 35.34 16.85 -2.14
CA MET C 601 35.04 18.25 -2.05
C MET C 601 33.71 18.48 -1.31
N PRO C 602 33.60 19.60 -0.56
CA PRO C 602 32.37 19.87 0.19
C PRO C 602 31.24 20.30 -0.76
N GLN C 603 30.00 20.14 -0.33
CA GLN C 603 28.85 20.44 -1.17
C GLN C 603 28.76 21.92 -1.62
N SER C 604 29.26 22.81 -0.75
CA SER C 604 29.33 24.23 -1.01
C SER C 604 30.41 24.65 -2.04
N ALA C 605 31.20 23.69 -2.53
CA ALA C 605 32.27 24.00 -3.50
C ALA C 605 31.70 24.29 -4.87
N THR C 606 32.40 25.14 -5.62
CA THR C 606 32.00 25.59 -6.95
C THR C 606 32.83 24.88 -8.04
N VAL C 607 32.41 24.99 -9.32
CA VAL C 607 33.22 24.63 -10.44
C VAL C 607 34.61 25.32 -10.45
N ASP C 608 34.72 26.61 -10.07
CA ASP C 608 36.00 27.31 -9.90
C ASP C 608 36.90 26.57 -8.93
N ASP C 609 36.35 26.14 -7.79
CA ASP C 609 37.12 25.33 -6.82
C ASP C 609 37.63 24.03 -7.44
N VAL C 610 36.81 23.42 -8.30
CA VAL C 610 37.22 22.21 -9.02
C VAL C 610 38.35 22.55 -9.99
N LEU C 611 38.20 23.62 -10.76
CA LEU C 611 39.33 24.06 -11.64
C LEU C 611 40.65 24.28 -10.91
N ASN C 612 40.57 24.79 -9.69
CA ASN C 612 41.76 25.07 -8.92
C ASN C 612 42.44 23.81 -8.42
N VAL C 613 41.65 22.78 -8.18
CA VAL C 613 42.13 21.49 -7.79
C VAL C 613 42.92 20.93 -8.98
N TYR C 614 42.43 21.14 -10.21
CA TYR C 614 43.08 20.68 -11.42
C TYR C 614 44.39 21.41 -11.61
N LEU C 615 44.31 22.74 -11.48
CA LEU C 615 45.45 23.62 -11.70
C LEU C 615 46.50 23.22 -10.72
N GLU C 616 46.10 23.01 -9.46
CA GLU C 616 47.05 22.63 -8.43
C GLU C 616 47.67 21.28 -8.71
N ALA C 617 46.87 20.31 -9.16
CA ALA C 617 47.32 19.00 -9.62
C ALA C 617 48.43 18.99 -10.65
N LEU C 618 48.26 19.86 -11.65
CA LEU C 618 49.22 20.10 -12.74
C LEU C 618 50.57 20.57 -12.25
N ARG C 619 50.58 21.22 -11.10
CA ARG C 619 51.79 21.65 -10.44
C ARG C 619 52.40 20.61 -9.51
N THR C 620 51.65 19.60 -9.04
CA THR C 620 52.19 18.59 -8.09
C THR C 620 52.71 17.43 -8.90
N ASN C 621 53.07 16.32 -8.25
CA ASN C 621 53.52 15.15 -8.96
C ASN C 621 52.45 14.08 -9.25
N VAL C 622 51.17 14.49 -9.20
CA VAL C 622 50.12 13.47 -9.39
C VAL C 622 50.03 13.03 -10.85
N ARG C 623 49.58 11.79 -11.04
CA ARG C 623 49.66 11.07 -12.31
C ARG C 623 48.19 10.96 -12.83
N GLY C 624 47.22 11.40 -12.01
CA GLY C 624 45.76 11.46 -12.39
C GLY C 624 44.92 12.17 -11.32
N ILE C 625 43.63 12.37 -11.58
CA ILE C 625 42.76 13.17 -10.67
C ILE C 625 41.34 12.62 -10.76
N THR C 626 40.77 12.30 -9.60
CA THR C 626 39.35 11.98 -9.46
C THR C 626 38.82 12.96 -8.43
N VAL C 627 37.74 13.65 -8.73
CA VAL C 627 37.05 14.47 -7.73
C VAL C 627 35.67 13.90 -7.43
N TYR C 628 35.25 13.98 -6.17
CA TYR C 628 33.88 13.74 -5.83
C TYR C 628 33.36 14.81 -4.85
N ARG C 629 32.52 15.67 -5.37
CA ARG C 629 31.86 16.67 -4.56
C ARG C 629 30.68 16.02 -3.84
N ASP C 630 30.68 16.14 -2.52
CA ASP C 630 29.66 15.59 -1.65
C ASP C 630 28.28 16.14 -1.97
N GLY C 631 27.29 15.26 -1.96
CA GLY C 631 25.92 15.63 -2.37
C GLY C 631 25.63 15.69 -3.88
N SER C 632 26.64 15.49 -4.74
CA SER C 632 26.49 15.81 -6.17
C SER C 632 25.56 14.88 -6.94
N MET D 1 9.23 -19.50 -78.92
CA MET D 1 10.49 -18.86 -79.40
C MET D 1 11.70 -19.34 -78.59
N LYS D 2 12.88 -19.18 -79.18
CA LYS D 2 14.14 -19.43 -78.50
C LYS D 2 14.47 -18.27 -77.56
N LEU D 3 15.30 -18.54 -76.56
CA LEU D 3 15.73 -17.51 -75.60
C LEU D 3 16.34 -16.26 -76.28
N SER D 4 17.27 -16.47 -77.21
CA SER D 4 17.76 -15.38 -78.07
C SER D 4 16.65 -14.42 -78.60
N ASP D 5 15.52 -14.98 -79.04
CA ASP D 5 14.37 -14.18 -79.54
C ASP D 5 13.72 -13.36 -78.42
N LEU D 6 13.37 -14.02 -77.32
CA LEU D 6 12.89 -13.38 -76.10
C LEU D 6 13.82 -12.29 -75.51
N ILE D 7 15.14 -12.48 -75.61
CA ILE D 7 16.12 -11.43 -75.23
C ILE D 7 15.97 -10.19 -76.12
N SER D 8 15.92 -10.39 -77.43
CA SER D 8 15.63 -9.27 -78.33
C SER D 8 14.36 -8.51 -77.93
N ARG D 9 13.29 -9.22 -77.55
CA ARG D 9 12.02 -8.58 -77.17
C ARG D 9 12.09 -7.62 -75.97
N TRP D 10 13.05 -7.86 -75.06
CA TRP D 10 13.11 -7.16 -73.77
C TRP D 10 14.35 -6.31 -73.53
N ILE D 11 15.41 -6.61 -74.27
CA ILE D 11 16.75 -6.00 -74.05
C ILE D 11 16.80 -4.44 -74.16
N ASP D 12 15.89 -3.87 -74.95
CA ASP D 12 15.81 -2.41 -75.08
C ASP D 12 14.56 -1.81 -74.49
N VAL D 13 13.76 -2.63 -73.82
CA VAL D 13 12.68 -2.09 -73.03
C VAL D 13 13.36 -1.37 -71.86
N GLU D 14 13.38 -0.05 -71.88
CA GLU D 14 14.08 0.67 -70.83
C GLU D 14 13.47 0.47 -69.43
N PRO D 15 14.33 0.47 -68.38
CA PRO D 15 13.78 0.48 -67.03
C PRO D 15 12.86 1.69 -66.86
N SER D 16 11.79 1.49 -66.10
CA SER D 16 10.86 2.56 -65.71
C SER D 16 11.59 3.71 -65.04
N LYS D 17 10.89 4.84 -64.90
CA LYS D 17 11.47 6.04 -64.30
C LYS D 17 11.67 5.83 -62.85
N ASN D 18 10.73 5.10 -62.24
CA ASN D 18 10.80 4.67 -60.83
C ASN D 18 12.01 3.75 -60.53
N ALA D 19 12.30 2.86 -61.49
CA ALA D 19 13.42 1.91 -61.38
C ALA D 19 14.75 2.63 -61.59
N GLN D 20 14.77 3.63 -62.49
CA GLN D 20 15.97 4.45 -62.75
C GLN D 20 16.39 5.26 -61.53
N ILE D 21 15.41 5.84 -60.85
CA ILE D 21 15.60 6.47 -59.54
C ILE D 21 16.18 5.51 -58.48
N ILE D 22 15.63 4.31 -58.34
CA ILE D 22 16.18 3.25 -57.41
C ILE D 22 17.67 2.91 -57.72
N LEU D 23 17.93 2.73 -59.01
CA LEU D 23 19.28 2.46 -59.51
C LEU D 23 20.23 3.60 -59.15
N ARG D 24 19.93 4.80 -59.65
CA ARG D 24 20.66 6.05 -59.36
C ARG D 24 21.06 6.17 -57.88
N ASP D 25 20.09 5.94 -57.00
CA ASP D 25 20.29 6.15 -55.56
C ASP D 25 21.18 5.15 -54.85
N ARG D 26 21.10 3.84 -55.19
CA ARG D 26 21.91 2.85 -54.46
C ARG D 26 22.63 1.79 -55.25
N TYR D 27 22.47 1.76 -56.57
CA TYR D 27 23.11 0.69 -57.36
C TYR D 27 24.21 1.15 -58.34
N PHE D 28 24.01 2.33 -58.96
CA PHE D 28 25.06 2.94 -59.79
C PHE D 28 26.29 3.23 -58.97
N MET D 29 27.39 2.58 -59.33
CA MET D 29 28.67 2.70 -58.65
C MET D 29 29.27 4.09 -58.82
N LYS D 30 29.68 4.66 -57.70
CA LYS D 30 30.29 5.98 -57.68
C LYS D 30 31.78 5.86 -57.40
N ASP D 31 32.55 6.86 -57.83
CA ASP D 31 33.89 7.01 -57.27
C ASP D 31 33.76 7.95 -56.08
N LEU D 32 34.72 7.87 -55.16
CA LEU D 32 34.77 8.73 -53.97
C LEU D 32 34.87 10.22 -54.30
N ASP D 33 33.71 10.88 -54.24
CA ASP D 33 33.55 12.34 -54.39
C ASP D 33 33.18 12.77 -55.80
N GLY D 34 33.99 12.35 -56.78
CA GLY D 34 33.81 12.64 -58.23
C GLY D 34 32.56 12.07 -58.90
N ASN D 35 31.93 11.09 -58.22
CA ASN D 35 30.60 10.51 -58.52
C ASN D 35 30.45 9.44 -59.60
N TYR D 36 29.41 9.53 -60.41
CA TYR D 36 28.92 8.38 -61.19
C TYR D 36 29.89 7.75 -62.17
N LEU D 37 30.24 6.50 -61.90
CA LEU D 37 30.98 5.71 -62.85
C LEU D 37 29.96 4.93 -63.67
N GLU D 38 28.72 4.88 -63.19
CA GLU D 38 27.66 4.15 -63.86
C GLU D 38 26.47 5.10 -63.93
N THR D 39 25.90 5.26 -65.12
CA THR D 39 24.71 6.09 -65.30
C THR D 39 23.57 5.26 -65.91
N LYS D 40 23.83 4.01 -66.34
CA LYS D 40 22.78 3.19 -66.99
C LYS D 40 22.70 1.76 -66.52
N TRP D 41 21.49 1.24 -66.42
CA TRP D 41 21.31 -0.20 -66.11
C TRP D 41 22.31 -1.08 -66.87
N GLU D 42 22.50 -0.79 -68.17
CA GLU D 42 23.48 -1.44 -69.04
C GLU D 42 24.94 -1.49 -68.51
N ASP D 43 25.36 -0.47 -67.77
CA ASP D 43 26.71 -0.42 -67.20
C ASP D 43 26.79 -1.49 -66.10
N VAL D 44 25.75 -1.52 -65.28
CA VAL D 44 25.64 -2.49 -64.16
C VAL D 44 25.64 -3.89 -64.75
N ALA D 45 24.92 -4.08 -65.87
CA ALA D 45 24.82 -5.39 -66.49
C ALA D 45 26.16 -5.89 -67.08
N ARG D 46 26.98 -4.94 -67.56
CA ARG D 46 28.31 -5.18 -68.14
C ARG D 46 29.22 -5.53 -67.03
N ARG D 47 29.26 -4.67 -66.02
CA ARG D 47 30.18 -4.86 -64.89
C ARG D 47 29.93 -6.22 -64.25
N VAL D 48 28.67 -6.49 -63.97
CA VAL D 48 28.27 -7.71 -63.24
C VAL D 48 28.55 -8.92 -64.07
N ALA D 49 28.18 -8.85 -65.36
CA ALA D 49 28.37 -9.94 -66.34
C ALA D 49 29.83 -10.31 -66.47
N ARG D 50 30.66 -9.27 -66.60
CA ARG D 50 32.12 -9.40 -66.68
C ARG D 50 32.77 -10.07 -65.48
N VAL D 51 32.49 -9.52 -64.29
CA VAL D 51 32.97 -10.08 -63.05
C VAL D 51 32.50 -11.55 -62.86
N VAL D 52 31.22 -11.81 -63.12
CA VAL D 52 30.71 -13.16 -62.88
C VAL D 52 31.26 -14.17 -63.90
N ALA D 53 31.48 -13.67 -65.11
CA ALA D 53 31.98 -14.48 -66.22
C ALA D 53 33.45 -14.82 -66.02
N THR D 54 34.14 -14.01 -65.21
CA THR D 54 35.56 -14.29 -65.00
C THR D 54 35.81 -15.56 -64.21
N ALA D 55 34.77 -16.09 -63.55
CA ALA D 55 34.85 -17.40 -62.85
C ALA D 55 35.25 -18.56 -63.79
N GLU D 56 35.02 -18.36 -65.09
CA GLU D 56 35.38 -19.36 -66.10
C GLU D 56 36.91 -19.53 -66.27
N LEU D 57 37.71 -18.59 -65.76
CA LEU D 57 39.17 -18.82 -65.64
C LEU D 57 39.49 -20.10 -64.89
N LEU D 58 38.63 -20.48 -63.94
CA LEU D 58 38.87 -21.63 -63.10
C LEU D 58 38.27 -22.92 -63.67
N ASN D 59 37.87 -22.92 -64.93
CA ASN D 59 37.18 -24.09 -65.52
C ASN D 59 38.18 -25.21 -65.95
N PRO D 60 38.15 -26.40 -65.28
CA PRO D 60 39.14 -27.42 -65.66
C PRO D 60 38.80 -28.13 -66.97
N SER D 61 37.93 -27.52 -67.78
CA SER D 61 37.40 -28.11 -69.02
C SER D 61 37.85 -27.33 -70.23
N TYR D 62 38.20 -26.08 -69.99
CA TYR D 62 38.78 -25.28 -71.03
C TYR D 62 40.30 -25.51 -70.95
N LYS D 63 40.99 -25.21 -72.05
CA LYS D 63 42.46 -25.19 -72.10
C LYS D 63 42.90 -23.72 -72.28
N LYS D 64 44.22 -23.48 -72.24
CA LYS D 64 44.81 -22.27 -72.85
C LYS D 64 44.24 -22.10 -74.26
N ASN D 65 44.33 -20.90 -74.83
CA ASN D 65 43.97 -20.67 -76.26
C ASN D 65 42.49 -20.97 -76.61
N GLU D 66 41.83 -21.66 -75.67
CA GLU D 66 40.39 -21.91 -75.62
C GLU D 66 39.75 -20.80 -74.79
N LYS D 67 40.42 -20.51 -73.68
CA LYS D 67 39.86 -19.81 -72.54
C LYS D 67 39.23 -18.46 -72.81
N LEU D 68 39.95 -17.57 -73.49
CA LEU D 68 39.44 -16.22 -73.75
C LEU D 68 38.07 -16.26 -74.41
N ASP D 69 37.95 -17.03 -75.50
CA ASP D 69 36.70 -17.07 -76.26
C ASP D 69 35.53 -17.68 -75.49
N ARG D 70 35.82 -18.58 -74.56
CA ARG D 70 34.81 -19.15 -73.66
C ARG D 70 34.23 -18.13 -72.68
N ILE D 71 35.15 -17.43 -71.99
CA ILE D 71 34.85 -16.33 -71.08
C ILE D 71 34.04 -15.20 -71.74
N LYS D 72 34.53 -14.66 -72.85
CA LYS D 72 33.75 -13.68 -73.61
C LYS D 72 32.32 -14.20 -73.96
N GLU D 73 32.19 -15.48 -74.30
CA GLU D 73 30.89 -16.08 -74.64
C GLU D 73 29.97 -16.03 -73.45
N TRP D 74 30.42 -16.58 -72.31
CA TRP D 74 29.66 -16.46 -71.08
C TRP D 74 29.43 -14.99 -70.65
N GLU D 75 30.38 -14.08 -70.87
CA GLU D 75 30.13 -12.69 -70.50
C GLU D 75 29.01 -12.08 -71.33
N ASP D 76 29.11 -12.28 -72.64
CA ASP D 76 28.04 -11.99 -73.58
C ASP D 76 26.63 -12.51 -73.18
N ILE D 77 26.48 -13.79 -72.89
CA ILE D 77 25.14 -14.28 -72.59
C ILE D 77 24.62 -13.72 -71.25
N PHE D 78 25.48 -13.70 -70.24
CA PHE D 78 25.20 -12.97 -68.97
C PHE D 78 24.74 -11.51 -69.17
N PHE D 79 25.52 -10.70 -69.91
CA PHE D 79 25.18 -9.30 -70.11
C PHE D 79 23.74 -9.12 -70.63
N ARG D 80 23.45 -9.90 -71.63
CA ARG D 80 22.23 -9.85 -72.38
C ARG D 80 21.00 -10.25 -71.53
N VAL D 81 21.06 -11.39 -70.86
CA VAL D 81 19.97 -11.71 -69.96
C VAL D 81 19.85 -10.66 -68.83
N LEU D 82 20.98 -10.17 -68.31
CA LEU D 82 20.93 -9.10 -67.29
C LEU D 82 20.29 -7.79 -67.73
N LYS D 83 20.72 -7.29 -68.90
CA LYS D 83 20.13 -6.07 -69.49
C LYS D 83 18.65 -6.20 -69.86
N ALA D 84 18.26 -7.35 -70.42
CA ALA D 84 16.86 -7.66 -70.63
C ALA D 84 16.03 -7.77 -69.34
N ARG D 85 16.71 -7.80 -68.17
CA ARG D 85 16.01 -7.99 -66.90
C ARG D 85 15.15 -9.29 -66.85
N LEU D 86 15.73 -10.35 -67.39
CA LEU D 86 15.07 -11.64 -67.43
C LEU D 86 15.44 -12.44 -66.19
N PHE D 87 16.70 -12.26 -65.77
CA PHE D 87 17.25 -12.72 -64.52
C PHE D 87 18.02 -11.54 -63.91
N ILE D 88 17.93 -11.37 -62.60
CA ILE D 88 18.74 -10.35 -61.86
C ILE D 88 19.15 -11.03 -60.56
N PRO D 89 20.46 -10.94 -60.22
CA PRO D 89 20.95 -11.57 -58.97
C PRO D 89 20.65 -10.67 -57.75
N ASN D 90 20.75 -11.24 -56.54
CA ASN D 90 20.47 -10.49 -55.29
C ASN D 90 21.31 -9.23 -55.24
N SER D 91 20.79 -8.20 -54.58
CA SER D 91 21.40 -6.88 -54.57
C SER D 91 22.89 -6.83 -54.27
N PRO D 92 23.37 -7.56 -53.23
CA PRO D 92 24.81 -7.48 -52.99
C PRO D 92 25.64 -7.69 -54.27
N THR D 93 25.23 -8.64 -55.13
CA THR D 93 25.95 -8.89 -56.39
C THR D 93 26.04 -7.62 -57.23
N LEU D 94 24.90 -6.93 -57.34
CA LEU D 94 24.80 -5.66 -58.03
C LEU D 94 25.59 -4.53 -57.38
N PHE D 95 25.68 -4.50 -56.04
CA PHE D 95 26.43 -3.41 -55.38
C PHE D 95 27.97 -3.61 -55.53
N ASN D 96 28.42 -4.83 -55.25
CA ASN D 96 29.86 -5.11 -54.89
C ASN D 96 30.71 -5.78 -55.97
N ALA D 97 30.04 -6.26 -57.01
CA ALA D 97 30.72 -6.88 -58.10
C ALA D 97 31.73 -5.87 -58.75
N GLY D 98 33.03 -6.16 -58.75
CA GLY D 98 34.02 -5.25 -59.33
C GLY D 98 34.76 -4.35 -58.32
N LEU D 99 34.40 -4.43 -57.03
CA LEU D 99 35.11 -3.67 -55.99
C LEU D 99 36.53 -4.16 -55.89
N GLY D 100 37.46 -3.23 -56.03
CA GLY D 100 38.88 -3.56 -55.95
C GLY D 100 39.53 -3.35 -57.30
N VAL D 101 38.76 -3.61 -58.37
CA VAL D 101 39.28 -3.63 -59.73
C VAL D 101 39.42 -2.20 -60.31
N LYS D 102 40.54 -1.93 -60.99
CA LYS D 102 40.74 -0.68 -61.75
C LYS D 102 39.57 -0.42 -62.69
N HIS D 103 39.15 0.85 -62.78
CA HIS D 103 37.89 1.20 -63.42
C HIS D 103 37.89 0.84 -64.91
N ASP D 104 39.02 0.99 -65.57
CA ASP D 104 39.09 0.75 -67.00
C ASP D 104 39.09 -0.74 -67.39
N LEU D 105 38.76 -1.63 -66.47
CA LEU D 105 38.59 -3.01 -66.89
C LEU D 105 37.14 -3.39 -66.79
N LEU D 106 36.40 -2.72 -65.91
CA LEU D 106 35.02 -3.10 -65.60
C LEU D 106 34.02 -2.80 -66.72
N TRP D 107 34.24 -1.70 -67.44
CA TRP D 107 33.37 -1.36 -68.56
C TRP D 107 34.02 -1.24 -69.94
N LYS D 108 35.23 -1.75 -70.12
CA LYS D 108 35.82 -1.76 -71.48
C LYS D 108 35.18 -2.86 -72.35
N PRO D 109 35.06 -2.61 -73.68
CA PRO D 109 34.20 -3.46 -74.48
C PRO D 109 34.73 -4.88 -74.50
N ILE D 110 33.82 -5.82 -74.56
CA ILE D 110 34.18 -7.23 -74.52
C ILE D 110 35.17 -7.66 -75.65
N ASP D 111 35.14 -6.98 -76.80
CA ASP D 111 36.01 -7.38 -77.92
C ASP D 111 37.45 -7.01 -77.64
N GLN D 112 37.63 -5.88 -76.95
CA GLN D 112 38.96 -5.41 -76.53
C GLN D 112 39.52 -6.11 -75.25
N MET D 113 38.84 -7.15 -74.78
CA MET D 113 39.22 -7.81 -73.55
C MET D 113 40.24 -8.89 -73.85
N THR D 114 41.30 -8.98 -73.03
CA THR D 114 42.29 -10.07 -73.16
C THR D 114 42.20 -11.04 -71.99
N LEU D 115 42.97 -12.12 -72.06
CA LEU D 115 42.99 -13.11 -71.01
C LEU D 115 43.65 -12.52 -69.75
N GLU D 116 44.71 -11.72 -69.96
CA GLU D 116 45.37 -10.96 -68.89
C GLU D 116 44.36 -10.05 -68.16
N ASP D 117 43.38 -9.51 -68.88
CA ASP D 117 42.41 -8.62 -68.28
C ASP D 117 41.49 -9.35 -67.34
N TYR D 118 41.00 -10.50 -67.78
CA TYR D 118 40.19 -11.34 -66.92
C TYR D 118 40.92 -11.73 -65.60
N GLU D 119 42.22 -12.02 -65.70
CA GLU D 119 42.99 -12.40 -64.54
C GLU D 119 43.25 -11.23 -63.60
N GLU D 120 43.43 -10.03 -64.14
CA GLU D 120 43.55 -8.85 -63.29
C GLU D 120 42.26 -8.59 -62.50
N ILE D 121 41.12 -8.71 -63.18
CA ILE D 121 39.85 -8.61 -62.52
C ILE D 121 39.85 -9.68 -61.42
N TYR D 122 40.22 -10.91 -61.76
CA TYR D 122 40.18 -11.98 -60.78
C TYR D 122 41.10 -11.77 -59.56
N ARG D 123 42.34 -11.36 -59.84
CA ARG D 123 43.37 -11.16 -58.84
C ARG D 123 43.10 -10.00 -57.92
N SER D 124 42.36 -9.00 -58.40
CA SER D 124 42.25 -7.74 -57.68
C SER D 124 40.88 -7.42 -57.05
N ARG D 125 40.04 -8.44 -56.90
CA ARG D 125 38.84 -8.36 -56.09
C ARG D 125 39.29 -8.17 -54.62
N ASN D 126 38.81 -7.11 -53.96
CA ASN D 126 39.23 -6.82 -52.58
C ASN D 126 38.28 -7.41 -51.54
N HIS D 127 38.62 -7.18 -50.27
CA HIS D 127 37.99 -7.83 -49.13
C HIS D 127 36.49 -7.53 -49.05
N LEU D 128 36.03 -6.46 -49.70
CA LEU D 128 34.62 -6.04 -49.73
C LEU D 128 33.76 -6.66 -50.86
N HIS D 129 34.38 -7.48 -51.72
CA HIS D 129 33.77 -8.10 -52.89
C HIS D 129 32.81 -9.26 -52.56
N MET D 130 31.74 -8.90 -51.83
CA MET D 130 30.89 -9.91 -51.20
C MET D 130 29.55 -9.87 -51.87
N LEU D 131 29.17 -10.98 -52.47
CA LEU D 131 28.10 -11.00 -53.49
C LEU D 131 26.84 -11.72 -53.03
N SER D 132 26.85 -12.13 -51.76
CA SER D 132 25.81 -12.97 -51.18
C SER D 132 24.95 -12.31 -50.10
N ALA D 133 23.63 -12.50 -50.20
CA ALA D 133 22.73 -11.93 -49.22
C ALA D 133 22.56 -12.73 -47.92
N CYS D 134 22.82 -14.05 -47.90
CA CYS D 134 22.27 -14.92 -46.83
C CYS D 134 23.35 -15.61 -46.03
N PHE D 135 23.38 -15.35 -44.70
CA PHE D 135 24.35 -15.97 -43.79
C PHE D 135 23.64 -16.58 -42.59
N VAL D 136 24.18 -17.68 -42.11
CA VAL D 136 23.87 -18.11 -40.74
C VAL D 136 25.18 -18.37 -39.97
N VAL D 137 25.28 -17.90 -38.72
CA VAL D 137 26.42 -18.26 -37.88
C VAL D 137 25.92 -18.88 -36.58
N PRO D 138 26.66 -19.87 -36.01
CA PRO D 138 26.27 -20.40 -34.69
C PRO D 138 26.53 -19.43 -33.53
N VAL D 139 25.83 -19.65 -32.43
CA VAL D 139 26.09 -18.92 -31.17
C VAL D 139 26.16 -19.87 -29.99
N GLY D 140 27.30 -20.52 -29.78
CA GLY D 140 27.42 -21.50 -28.72
C GLY D 140 27.35 -20.97 -27.27
N ASP D 141 27.29 -21.90 -26.32
CA ASP D 141 26.96 -21.64 -24.94
C ASP D 141 28.20 -21.30 -24.14
N SER D 142 28.98 -20.33 -24.64
CA SER D 142 30.08 -19.77 -23.86
C SER D 142 30.17 -18.30 -24.14
N ILE D 143 30.73 -17.56 -23.19
CA ILE D 143 30.97 -16.12 -23.44
C ILE D 143 31.88 -15.94 -24.69
N GLU D 144 32.85 -16.87 -24.85
CA GLU D 144 33.77 -16.80 -25.95
C GLU D 144 33.07 -16.79 -27.33
N GLU D 145 32.16 -17.75 -27.50
CA GLU D 145 31.44 -17.99 -28.74
C GLU D 145 30.36 -16.93 -28.96
N ILE D 146 29.74 -16.46 -27.89
CA ILE D 146 28.76 -15.35 -28.00
C ILE D 146 29.40 -14.11 -28.65
N PHE D 147 30.59 -13.71 -28.15
CA PHE D 147 31.22 -12.47 -28.55
C PHE D 147 32.04 -12.58 -29.83
N GLU D 148 32.48 -13.80 -30.13
CA GLU D 148 32.89 -14.17 -31.49
C GLU D 148 31.74 -14.09 -32.49
N ALA D 149 30.58 -14.65 -32.15
CA ALA D 149 29.39 -14.39 -32.94
C ALA D 149 29.07 -12.90 -33.14
N VAL D 150 29.03 -12.12 -32.05
CA VAL D 150 28.70 -10.67 -32.15
C VAL D 150 29.71 -10.04 -33.13
N LYS D 151 30.97 -10.51 -33.09
CA LYS D 151 32.01 -9.94 -33.98
C LYS D 151 31.70 -10.27 -35.46
N GLU D 152 31.30 -11.52 -35.70
CA GLU D 152 30.88 -12.05 -36.99
C GLU D 152 29.68 -11.30 -37.56
N TYR D 153 28.69 -11.05 -36.71
CA TYR D 153 27.58 -10.20 -37.07
C TYR D 153 28.04 -8.87 -37.56
N ALA D 154 28.98 -8.24 -36.83
CA ALA D 154 29.56 -6.91 -37.21
C ALA D 154 30.22 -6.91 -38.59
N LEU D 155 31.07 -7.90 -38.83
CA LEU D 155 31.80 -8.08 -40.09
C LEU D 155 30.89 -8.44 -41.25
N ILE D 156 30.00 -9.40 -41.05
CA ILE D 156 29.03 -9.76 -42.08
C ILE D 156 28.18 -8.55 -42.47
N THR D 157 27.69 -7.86 -41.43
CA THR D 157 26.91 -6.63 -41.58
C THR D 157 27.67 -5.57 -42.35
N LYS D 158 28.88 -5.27 -41.89
CA LYS D 158 29.75 -4.31 -42.55
C LYS D 158 29.71 -4.50 -44.07
N VAL D 159 30.01 -5.70 -44.57
CA VAL D 159 30.15 -6.01 -46.01
C VAL D 159 28.83 -6.23 -46.79
N GLY D 160 27.68 -6.22 -46.11
CA GLY D 160 26.37 -6.23 -46.78
C GLY D 160 25.55 -7.52 -46.74
N GLY D 161 25.87 -8.42 -45.79
CA GLY D 161 25.10 -9.66 -45.57
C GLY D 161 23.95 -9.51 -44.60
N GLY D 162 22.92 -10.33 -44.77
CA GLY D 162 21.87 -10.56 -43.79
C GLY D 162 22.24 -11.82 -42.99
N VAL D 163 22.18 -11.78 -41.66
CA VAL D 163 22.65 -12.95 -40.86
C VAL D 163 21.57 -13.44 -39.90
N GLY D 164 21.56 -14.74 -39.68
CA GLY D 164 20.62 -15.33 -38.75
C GLY D 164 21.35 -16.23 -37.77
N SER D 165 20.75 -16.42 -36.60
CA SER D 165 21.22 -17.47 -35.72
C SER D 165 20.06 -18.09 -34.93
N ASN D 166 20.31 -19.32 -34.52
CA ASN D 166 19.53 -19.96 -33.49
C ASN D 166 20.28 -19.79 -32.16
N PHE D 167 19.60 -19.19 -31.20
CA PHE D 167 20.15 -18.82 -29.90
C PHE D 167 19.85 -19.83 -28.80
N SER D 168 19.31 -20.99 -29.19
CA SER D 168 18.82 -22.05 -28.28
C SER D 168 19.92 -22.76 -27.50
N GLU D 169 21.12 -22.75 -28.04
CA GLU D 169 22.28 -23.29 -27.34
C GLU D 169 22.56 -22.60 -25.99
N LEU D 170 22.07 -21.37 -25.86
CA LEU D 170 22.36 -20.53 -24.71
C LEU D 170 21.47 -20.95 -23.56
N ARG D 171 22.11 -21.37 -22.48
CA ARG D 171 21.43 -21.90 -21.32
C ARG D 171 20.51 -20.81 -20.75
N PRO D 172 19.31 -21.20 -20.25
CA PRO D 172 18.29 -20.26 -19.82
C PRO D 172 18.70 -19.25 -18.71
N LYS D 173 18.04 -18.12 -18.73
CA LYS D 173 18.25 -17.08 -17.75
C LYS D 173 18.19 -17.71 -16.34
N GLY D 174 19.20 -17.39 -15.51
CA GLY D 174 19.29 -17.91 -14.13
C GLY D 174 20.06 -19.22 -13.97
N SER D 175 20.58 -19.78 -15.06
CA SER D 175 21.33 -21.03 -14.92
C SER D 175 22.69 -20.87 -14.22
N PHE D 176 23.12 -21.93 -13.52
CA PHE D 176 24.46 -21.97 -12.91
C PHE D 176 25.54 -21.73 -13.96
N VAL D 177 26.51 -20.85 -13.67
CA VAL D 177 27.73 -20.74 -14.46
C VAL D 177 28.90 -21.06 -13.55
N ALA D 178 29.76 -21.97 -13.97
CA ALA D 178 30.98 -22.27 -13.23
C ALA D 178 31.83 -21.00 -12.94
N GLY D 179 32.63 -21.08 -11.85
CA GLY D 179 33.58 -20.04 -11.44
C GLY D 179 33.02 -18.70 -11.01
N THR D 180 31.69 -18.56 -10.88
CA THR D 180 31.05 -17.27 -10.48
C THR D 180 29.74 -17.44 -9.67
N HIS D 181 29.37 -16.40 -8.92
CA HIS D 181 28.09 -16.28 -8.22
C HIS D 181 27.02 -15.73 -9.15
N GLY D 182 27.45 -15.29 -10.33
CA GLY D 182 26.51 -14.80 -11.38
C GLY D 182 25.82 -15.97 -12.07
N LYS D 183 24.57 -15.74 -12.47
CA LYS D 183 23.79 -16.74 -13.23
C LYS D 183 23.74 -16.34 -14.72
N ALA D 184 23.63 -17.31 -15.64
CA ALA D 184 23.56 -17.02 -17.09
C ALA D 184 22.56 -15.92 -17.38
N SER D 185 22.87 -15.00 -18.28
CA SER D 185 21.87 -13.94 -18.59
C SER D 185 20.70 -14.45 -19.47
N GLY D 186 20.96 -15.52 -20.25
CA GLY D 186 19.98 -16.13 -21.12
C GLY D 186 20.05 -15.61 -22.54
N PRO D 187 19.54 -16.40 -23.51
CA PRO D 187 19.59 -16.04 -24.95
C PRO D 187 18.98 -14.65 -25.27
N VAL D 188 17.80 -14.35 -24.75
CA VAL D 188 17.15 -13.07 -24.98
C VAL D 188 17.95 -11.83 -24.54
N SER D 189 18.60 -11.92 -23.38
CA SER D 189 19.43 -10.83 -22.88
C SER D 189 20.71 -10.64 -23.69
N PHE D 190 21.36 -11.73 -24.07
CA PHE D 190 22.44 -11.67 -25.02
C PHE D 190 22.08 -11.11 -26.43
N MET D 191 20.91 -11.45 -26.98
CA MET D 191 20.52 -10.89 -28.27
C MET D 191 20.53 -9.35 -28.28
N HIS D 192 20.21 -8.70 -27.15
CA HIS D 192 20.38 -7.22 -27.05
C HIS D 192 21.82 -6.80 -27.42
N VAL D 193 22.81 -7.63 -27.09
CA VAL D 193 24.17 -7.26 -27.47
C VAL D 193 24.32 -7.25 -28.99
N PHE D 194 23.72 -8.23 -29.64
CA PHE D 194 23.74 -8.30 -31.13
C PHE D 194 23.01 -7.09 -31.74
N ASN D 195 21.84 -6.79 -31.24
CA ASN D 195 21.10 -5.59 -31.66
C ASN D 195 21.92 -4.30 -31.50
N SER D 196 22.58 -4.17 -30.34
CA SER D 196 23.45 -3.03 -30.03
C SER D 196 24.61 -2.83 -31.01
N ALA D 197 25.25 -3.92 -31.43
CA ALA D 197 26.37 -3.89 -32.39
C ALA D 197 25.96 -3.51 -33.82
N ILE D 198 24.86 -4.09 -34.31
CA ILE D 198 24.27 -3.67 -35.58
C ILE D 198 23.79 -2.21 -35.50
N SER D 199 23.23 -1.81 -34.39
CA SER D 199 23.02 -0.40 -34.19
C SER D 199 24.12 0.57 -34.67
N VAL D 200 25.40 0.20 -34.60
CA VAL D 200 26.51 1.18 -34.77
C VAL D 200 27.34 0.92 -36.02
N VAL D 201 26.96 -0.14 -36.73
CA VAL D 201 27.54 -0.48 -38.00
C VAL D 201 26.47 -0.06 -39.06
N LYS D 202 26.16 1.24 -39.15
CA LYS D 202 25.33 1.77 -40.27
C LYS D 202 26.17 2.04 -41.52
N ALA D 210 16.71 -7.03 -40.85
CA ALA D 210 18.15 -7.17 -41.13
C ALA D 210 18.85 -8.37 -40.48
N LEU D 211 18.26 -8.86 -39.37
CA LEU D 211 18.77 -10.00 -38.60
C LEU D 211 17.68 -11.08 -38.37
N MET D 212 18.05 -12.36 -38.41
CA MET D 212 17.10 -13.37 -37.94
C MET D 212 17.51 -13.87 -36.56
N GLY D 213 16.56 -13.96 -35.64
CA GLY D 213 16.79 -14.64 -34.39
C GLY D 213 15.79 -15.70 -34.10
N ILE D 214 16.28 -16.94 -34.01
CA ILE D 214 15.41 -18.11 -33.68
C ILE D 214 15.60 -18.68 -32.24
N LEU D 215 14.47 -18.96 -31.58
CA LEU D 215 14.53 -19.72 -30.34
C LEU D 215 13.57 -20.87 -30.43
N ASN D 216 14.05 -22.05 -30.06
CA ASN D 216 13.26 -23.29 -30.07
C ASN D 216 12.11 -23.30 -29.10
N ILE D 217 11.07 -23.97 -29.55
CA ILE D 217 9.79 -24.06 -28.85
C ILE D 217 10.01 -24.79 -27.53
N ASN D 218 11.04 -25.63 -27.45
CA ASN D 218 11.27 -26.34 -26.19
C ASN D 218 12.26 -25.73 -25.23
N HIS D 219 12.61 -24.45 -25.41
CA HIS D 219 13.67 -23.84 -24.64
C HIS D 219 12.96 -23.22 -23.48
N PRO D 220 13.50 -23.41 -22.27
CA PRO D 220 12.92 -22.74 -21.08
C PRO D 220 12.57 -21.25 -21.15
N ASP D 221 13.18 -20.48 -22.05
CA ASP D 221 12.90 -19.01 -22.15
C ASP D 221 11.98 -18.62 -23.32
N ILE D 222 11.36 -19.63 -23.92
CA ILE D 222 10.49 -19.42 -25.06
C ILE D 222 9.46 -18.33 -24.81
N GLU D 223 8.91 -18.27 -23.61
CA GLU D 223 7.76 -17.38 -23.36
C GLU D 223 8.16 -15.92 -23.31
N GLU D 224 9.32 -15.68 -22.67
CA GLU D 224 9.99 -14.41 -22.67
C GLU D 224 10.38 -14.07 -24.11
N PHE D 225 11.01 -15.01 -24.81
CA PHE D 225 11.26 -14.85 -26.25
C PHE D 225 10.04 -14.36 -27.08
N ILE D 226 8.88 -14.99 -26.93
CA ILE D 226 7.67 -14.62 -27.68
C ILE D 226 7.28 -13.17 -27.41
N ASP D 227 7.35 -12.75 -26.14
CA ASP D 227 7.06 -11.34 -25.76
C ASP D 227 8.26 -10.39 -25.95
N ALA D 228 9.39 -10.92 -26.42
CA ALA D 228 10.69 -10.23 -26.43
C ALA D 228 10.72 -8.86 -27.10
N LYS D 229 9.78 -8.63 -28.01
CA LYS D 229 9.71 -7.34 -28.71
C LYS D 229 8.55 -6.45 -28.27
N LYS D 230 7.72 -6.94 -27.33
CA LYS D 230 6.83 -6.07 -26.50
C LYS D 230 5.96 -5.07 -27.26
N VAL D 237 14.13 -2.77 -28.03
CA VAL D 237 15.60 -2.81 -27.92
C VAL D 237 16.13 -4.07 -28.63
N LEU D 238 15.21 -4.66 -29.43
CA LEU D 238 15.56 -5.66 -30.47
C LEU D 238 14.99 -5.26 -31.83
N ASN D 239 15.08 -3.98 -32.15
CA ASN D 239 14.55 -3.47 -33.42
C ASN D 239 15.19 -4.00 -34.70
N PHE D 240 16.43 -4.53 -34.62
CA PHE D 240 17.09 -5.08 -35.82
C PHE D 240 16.80 -6.53 -36.04
N PHE D 241 16.18 -7.19 -35.05
CA PHE D 241 15.84 -8.61 -35.22
C PHE D 241 14.46 -8.87 -35.82
N ASN D 242 14.40 -9.75 -36.82
CA ASN D 242 13.17 -10.49 -36.99
C ASN D 242 13.31 -11.71 -36.14
N LEU D 243 12.18 -12.13 -35.57
CA LEU D 243 12.11 -13.18 -34.54
C LEU D 243 11.22 -14.32 -35.04
N SER D 244 11.69 -15.56 -34.92
CA SER D 244 10.89 -16.70 -35.25
C SER D 244 11.01 -17.76 -34.19
N VAL D 245 9.94 -18.54 -33.99
CA VAL D 245 9.98 -19.73 -33.13
C VAL D 245 10.46 -20.93 -33.95
N GLY D 246 11.47 -21.64 -33.41
CA GLY D 246 12.01 -22.85 -34.05
C GLY D 246 11.29 -24.14 -33.67
N PHE D 247 11.05 -24.98 -34.66
CA PHE D 247 10.43 -26.27 -34.43
C PHE D 247 11.37 -27.34 -34.98
N PRO D 248 12.35 -27.78 -34.16
CA PRO D 248 13.37 -28.75 -34.63
C PRO D 248 12.80 -30.18 -34.82
N MET D 249 11.72 -30.48 -34.13
CA MET D 249 11.09 -31.82 -34.24
C MET D 249 10.19 -31.85 -35.49
N ASP D 250 9.67 -33.02 -35.86
CA ASP D 250 8.79 -33.15 -37.02
C ASP D 250 7.53 -32.32 -36.80
N LYS D 251 7.01 -31.69 -37.85
CA LYS D 251 5.75 -30.94 -37.81
C LYS D 251 4.51 -31.75 -37.33
N LYS D 252 4.49 -33.05 -37.67
CA LYS D 252 3.48 -34.04 -37.26
C LYS D 252 3.37 -34.22 -35.75
N GLU D 253 4.51 -34.14 -35.09
CA GLU D 253 4.71 -34.48 -33.73
C GLU D 253 4.18 -33.28 -32.95
N ILE D 254 4.29 -32.07 -33.53
CA ILE D 254 3.80 -30.85 -32.88
C ILE D 254 2.30 -30.71 -33.09
N LEU D 255 1.85 -31.02 -34.30
CA LEU D 255 0.40 -31.05 -34.63
C LEU D 255 -0.38 -32.04 -33.77
N LYS D 256 0.15 -33.26 -33.63
CA LYS D 256 -0.45 -34.31 -32.79
C LYS D 256 -0.64 -33.91 -31.33
N LEU D 257 0.46 -33.47 -30.70
CA LEU D 257 0.44 -32.94 -29.33
C LEU D 257 -0.64 -31.85 -29.16
N TYR D 258 -0.73 -30.96 -30.15
CA TYR D 258 -1.71 -29.86 -30.11
C TYR D 258 -3.10 -30.48 -30.12
N GLU D 259 -3.34 -31.36 -31.09
CA GLU D 259 -4.63 -32.05 -31.23
C GLU D 259 -5.03 -32.90 -30.02
N GLU D 260 -4.05 -33.45 -29.30
CA GLU D 260 -4.30 -34.26 -28.12
C GLU D 260 -4.20 -33.46 -26.85
N ASP D 261 -4.10 -32.13 -26.99
CA ASP D 261 -3.88 -31.21 -25.86
C ASP D 261 -2.73 -31.63 -24.95
N GLY D 262 -1.61 -32.01 -25.55
CA GLY D 262 -0.46 -32.38 -24.78
C GLY D 262 0.28 -31.25 -24.07
N GLU D 263 1.31 -31.68 -23.33
CA GLU D 263 2.25 -30.84 -22.60
C GLU D 263 3.61 -30.90 -23.31
N LEU D 264 4.32 -29.78 -23.33
CA LEU D 264 5.70 -29.76 -23.77
C LEU D 264 6.64 -29.46 -22.59
N GLU D 265 7.59 -30.36 -22.40
CA GLU D 265 8.80 -30.20 -21.61
C GLU D 265 9.73 -29.12 -22.21
N LEU D 266 9.81 -28.01 -21.46
CA LEU D 266 10.80 -26.96 -21.68
C LEU D 266 11.95 -27.33 -20.81
N SER D 267 13.06 -27.74 -21.43
CA SER D 267 14.26 -28.07 -20.70
C SER D 267 15.51 -27.59 -21.51
N HIS D 268 16.70 -27.72 -20.95
CA HIS D 268 17.98 -27.39 -21.64
C HIS D 268 19.07 -28.37 -21.18
N PRO D 269 19.96 -28.80 -22.09
CA PRO D 269 21.01 -29.75 -21.64
C PRO D 269 22.03 -29.23 -20.61
N ARG D 270 22.11 -27.92 -20.35
CA ARG D 270 23.15 -27.42 -19.41
C ARG D 270 22.54 -26.56 -18.35
N SER D 271 21.44 -27.04 -17.78
CA SER D 271 20.59 -26.29 -16.89
C SER D 271 19.63 -27.25 -16.19
N THR D 272 19.36 -26.95 -14.92
CA THR D 272 18.33 -27.65 -14.15
C THR D 272 16.95 -26.92 -14.28
N ILE D 273 16.94 -25.72 -14.87
CA ILE D 273 15.69 -24.97 -15.11
C ILE D 273 14.80 -25.75 -16.11
N ARG D 274 13.63 -26.20 -15.63
CA ARG D 274 12.70 -27.07 -16.38
C ARG D 274 11.27 -26.65 -16.13
N LYS D 275 10.38 -27.06 -17.03
CA LYS D 275 8.98 -26.62 -17.03
C LYS D 275 8.17 -27.45 -18.03
N LYS D 276 6.89 -27.62 -17.75
CA LYS D 276 5.95 -28.17 -18.71
C LYS D 276 4.90 -27.13 -19.03
N VAL D 277 4.64 -26.96 -20.34
CA VAL D 277 3.52 -26.12 -20.79
C VAL D 277 2.52 -26.84 -21.70
N LYS D 278 1.27 -26.42 -21.67
CA LYS D 278 0.34 -26.92 -22.68
C LYS D 278 0.66 -26.20 -23.98
N ILE D 279 0.93 -27.02 -24.98
CA ILE D 279 1.27 -26.52 -26.31
C ILE D 279 0.16 -25.60 -26.90
N ARG D 280 -1.10 -25.91 -26.57
CA ARG D 280 -2.21 -25.06 -27.02
C ARG D 280 -2.07 -23.67 -26.43
N GLU D 281 -1.50 -23.63 -25.23
CA GLU D 281 -1.31 -22.34 -24.53
C GLU D 281 -0.11 -21.62 -25.10
N LEU D 282 0.96 -22.36 -25.42
CA LEU D 282 2.12 -21.81 -26.11
C LEU D 282 1.74 -21.23 -27.45
N PHE D 283 1.02 -22.01 -28.25
CA PHE D 283 0.61 -21.56 -29.59
C PHE D 283 -0.29 -20.32 -29.56
N ARG D 284 -1.14 -20.23 -28.54
CA ARG D 284 -2.04 -19.07 -28.41
C ARG D 284 -1.20 -17.82 -28.11
N LYS D 285 -0.12 -17.97 -27.33
CA LYS D 285 0.77 -16.85 -27.03
C LYS D 285 1.42 -16.33 -28.31
N ILE D 286 2.05 -17.23 -29.07
CA ILE D 286 2.55 -16.86 -30.39
C ILE D 286 1.44 -16.18 -31.18
N ALA D 287 0.32 -16.87 -31.41
CA ALA D 287 -0.75 -16.31 -32.28
C ALA D 287 -1.22 -14.92 -31.82
N THR D 288 -1.25 -14.72 -30.51
CA THR D 288 -1.61 -13.45 -29.89
C THR D 288 -0.62 -12.32 -30.27
N ASN D 289 0.67 -12.59 -30.19
CA ASN D 289 1.68 -11.62 -30.60
C ASN D 289 1.69 -11.30 -32.09
N ALA D 290 1.67 -12.35 -32.92
CA ALA D 290 1.69 -12.22 -34.36
C ALA D 290 0.50 -11.39 -34.79
N TRP D 291 -0.64 -11.65 -34.16
CA TRP D 291 -1.92 -10.93 -34.41
C TRP D 291 -1.78 -9.44 -34.14
N LYS D 292 -1.01 -9.14 -33.11
CA LYS D 292 -0.75 -7.81 -32.62
C LYS D 292 0.32 -7.08 -33.44
N SER D 293 1.42 -7.77 -33.76
CA SER D 293 2.60 -7.08 -34.25
C SER D 293 3.35 -7.81 -35.36
N GLY D 294 2.85 -8.95 -35.78
CA GLY D 294 3.46 -9.61 -36.88
C GLY D 294 4.53 -10.60 -36.54
N ASP D 295 5.20 -10.42 -35.40
CA ASP D 295 6.24 -11.38 -34.89
C ASP D 295 5.69 -12.14 -33.67
N PRO D 296 6.29 -13.28 -33.30
CA PRO D 296 7.31 -14.09 -34.01
C PRO D 296 6.78 -14.92 -35.16
N GLY D 297 7.63 -15.28 -36.11
CA GLY D 297 7.22 -16.16 -37.21
C GLY D 297 7.40 -17.57 -36.73
N LEU D 298 7.18 -18.57 -37.61
CA LEU D 298 7.44 -20.01 -37.30
C LEU D 298 8.46 -20.60 -38.27
N ALA D 299 9.47 -21.30 -37.74
CA ALA D 299 10.51 -21.91 -38.56
C ALA D 299 10.58 -23.43 -38.32
N PHE D 300 10.04 -24.16 -39.28
CA PHE D 300 9.94 -25.61 -39.21
C PHE D 300 11.27 -26.22 -39.59
N LEU D 301 12.23 -26.10 -38.68
CA LEU D 301 13.60 -26.53 -38.93
C LEU D 301 13.69 -28.07 -39.09
N GLY D 302 12.83 -28.81 -38.36
CA GLY D 302 12.71 -30.25 -38.58
C GLY D 302 12.39 -30.61 -40.03
N GLU D 303 11.42 -29.88 -40.60
CA GLU D 303 10.98 -30.02 -42.03
C GLU D 303 12.11 -29.67 -43.02
N MET D 304 12.87 -28.65 -42.62
CA MET D 304 14.01 -28.20 -43.41
C MET D 304 15.05 -29.32 -43.47
N ASN D 305 15.37 -29.90 -42.32
CA ASN D 305 16.33 -31.05 -42.22
C ASN D 305 15.91 -32.42 -42.84
N LYS D 306 14.61 -32.73 -42.76
CA LYS D 306 14.01 -33.77 -43.59
C LYS D 306 14.53 -33.81 -45.00
N TYR D 307 14.75 -32.62 -45.57
CA TYR D 307 15.07 -32.43 -46.98
C TYR D 307 16.49 -31.99 -47.25
N TYR D 308 17.30 -31.91 -46.20
CA TYR D 308 18.65 -31.38 -46.32
C TYR D 308 19.51 -32.55 -46.65
N PRO D 309 20.18 -32.52 -47.80
CA PRO D 309 21.06 -33.57 -48.30
C PRO D 309 22.16 -34.03 -47.28
N LEU D 310 22.56 -33.18 -46.35
CA LEU D 310 23.71 -33.44 -45.48
C LEU D 310 23.33 -33.70 -44.07
N TYR D 311 22.03 -33.76 -43.82
CA TYR D 311 21.57 -34.17 -42.53
C TYR D 311 21.76 -35.71 -42.35
N PRO D 312 22.14 -36.18 -41.11
CA PRO D 312 22.46 -35.50 -39.83
C PRO D 312 23.93 -35.06 -39.63
N HIS D 313 24.83 -35.39 -40.57
CA HIS D 313 26.20 -34.82 -40.64
C HIS D 313 26.24 -33.31 -40.33
N ARG D 314 25.44 -32.55 -41.09
CA ARG D 314 25.23 -31.14 -40.87
C ARG D 314 23.78 -30.91 -40.45
N LYS D 315 23.46 -29.74 -39.94
CA LYS D 315 22.07 -29.47 -39.61
C LYS D 315 21.76 -28.03 -39.75
N ILE D 316 20.53 -27.78 -40.17
CA ILE D 316 20.05 -26.44 -40.38
C ILE D 316 19.45 -26.07 -39.07
N ASN D 317 20.04 -25.04 -38.43
CA ASN D 317 19.50 -24.63 -37.15
C ASN D 317 18.87 -23.27 -37.31
N SER D 318 18.99 -22.65 -38.47
CA SER D 318 18.55 -21.27 -38.61
C SER D 318 18.38 -20.92 -40.06
N THR D 319 17.69 -19.81 -40.34
CA THR D 319 17.57 -19.24 -41.69
C THR D 319 18.24 -17.86 -41.74
N ASN D 320 18.41 -17.26 -42.92
CA ASN D 320 18.79 -15.84 -43.03
C ASN D 320 17.59 -14.97 -42.63
N PRO D 321 17.71 -13.64 -42.69
CA PRO D 321 16.60 -12.84 -42.16
C PRO D 321 15.21 -12.96 -42.80
N CYS D 322 15.10 -13.31 -44.08
CA CYS D 322 13.78 -13.32 -44.67
C CYS D 322 13.13 -14.69 -44.73
N GLY D 323 13.92 -15.71 -44.36
CA GLY D 323 13.42 -17.02 -44.05
C GLY D 323 13.58 -18.07 -45.15
N GLU D 324 14.20 -17.67 -46.26
CA GLU D 324 13.98 -18.42 -47.49
C GLU D 324 15.06 -19.47 -47.69
N ILE D 325 16.18 -19.30 -46.98
CA ILE D 325 17.26 -20.26 -47.05
C ILE D 325 17.46 -20.82 -45.65
N GLY D 326 17.42 -22.13 -45.50
CA GLY D 326 17.87 -22.76 -44.28
C GLY D 326 19.34 -23.09 -44.40
N LEU D 327 20.14 -22.71 -43.40
CA LEU D 327 21.57 -22.78 -43.58
C LEU D 327 22.24 -23.54 -42.44
N SER D 328 23.24 -24.33 -42.77
CA SER D 328 24.07 -24.98 -41.74
C SER D 328 25.01 -23.89 -41.19
N ASP D 329 25.63 -24.12 -40.03
CA ASP D 329 26.56 -23.15 -39.43
C ASP D 329 27.66 -22.64 -40.38
N TYR D 330 27.79 -21.32 -40.53
CA TYR D 330 28.82 -20.65 -41.40
C TYR D 330 28.55 -20.83 -42.85
N GLU D 331 27.34 -21.27 -43.16
CA GLU D 331 26.94 -21.38 -44.55
C GLU D 331 26.44 -20.04 -45.00
N ALA D 332 26.83 -19.63 -46.20
CA ALA D 332 26.16 -18.54 -46.90
C ALA D 332 25.45 -19.08 -48.17
N CYS D 333 24.58 -18.24 -48.77
CA CYS D 333 23.91 -18.52 -50.03
C CYS D 333 23.71 -17.23 -50.90
N ASN D 334 24.07 -17.33 -52.18
CA ASN D 334 23.78 -16.20 -53.11
C ASN D 334 22.54 -16.53 -53.94
N LEU D 335 21.73 -15.52 -54.17
CA LEU D 335 20.44 -15.66 -54.81
C LEU D 335 20.33 -14.88 -56.14
N GLY D 336 19.33 -15.27 -56.95
CA GLY D 336 18.96 -14.51 -58.14
C GLY D 336 17.57 -14.92 -58.56
N SER D 337 16.89 -14.04 -59.27
CA SER D 337 15.51 -14.35 -59.62
C SER D 337 15.19 -14.16 -61.10
N ILE D 338 14.46 -15.11 -61.67
CA ILE D 338 13.97 -14.98 -63.04
C ILE D 338 12.60 -14.28 -63.04
N ASP D 339 12.43 -13.21 -63.83
CA ASP D 339 11.10 -12.57 -64.08
C ASP D 339 10.19 -13.42 -65.03
N VAL D 340 9.39 -14.32 -64.44
CA VAL D 340 8.63 -15.25 -65.25
C VAL D 340 7.56 -14.57 -66.10
N ALA D 341 7.20 -13.31 -65.78
CA ALA D 341 6.16 -12.60 -66.51
C ALA D 341 6.66 -12.23 -67.91
N LYS D 342 7.95 -11.95 -68.07
CA LYS D 342 8.54 -11.74 -69.40
C LYS D 342 8.48 -12.97 -70.30
N PHE D 343 8.30 -14.17 -69.76
CA PHE D 343 8.20 -15.41 -70.58
C PHE D 343 6.77 -15.76 -71.10
N TYR D 344 5.79 -14.92 -70.76
CA TYR D 344 4.46 -14.97 -71.37
C TYR D 344 4.57 -14.52 -72.83
N ASN D 345 4.02 -15.32 -73.72
CA ASN D 345 3.94 -14.89 -75.12
C ASN D 345 2.81 -15.58 -75.82
N ASN D 346 2.00 -14.81 -76.55
CA ASN D 346 0.92 -15.37 -77.38
C ASN D 346 0.01 -16.24 -76.55
N GLY D 347 -0.35 -15.75 -75.37
CA GLY D 347 -1.35 -16.44 -74.58
C GLY D 347 -0.86 -17.63 -73.75
N PHE D 348 0.41 -18.01 -73.87
CA PHE D 348 0.92 -19.08 -73.03
C PHE D 348 2.35 -18.83 -72.57
N VAL D 349 2.90 -19.77 -71.81
CA VAL D 349 4.21 -19.57 -71.23
C VAL D 349 5.28 -20.23 -72.10
N ASP D 350 6.33 -19.47 -72.45
CA ASP D 350 7.44 -20.01 -73.23
C ASP D 350 8.41 -20.88 -72.41
N LEU D 351 8.04 -22.15 -72.26
CA LEU D 351 8.85 -23.12 -71.51
C LEU D 351 10.23 -23.50 -72.12
N GLU D 352 10.34 -23.43 -73.45
CA GLU D 352 11.61 -23.70 -74.16
C GLU D 352 12.67 -22.65 -73.76
N ALA D 353 12.34 -21.37 -73.96
CA ALA D 353 13.21 -20.25 -73.64
C ALA D 353 13.53 -20.21 -72.11
N LEU D 354 12.51 -20.44 -71.29
CA LEU D 354 12.68 -20.48 -69.84
C LEU D 354 13.72 -21.50 -69.44
N GLN D 355 13.56 -22.72 -69.93
CA GLN D 355 14.52 -23.82 -69.69
C GLN D 355 15.96 -23.38 -69.92
N GLU D 356 16.19 -22.74 -71.06
CA GLU D 356 17.45 -22.15 -71.44
C GLU D 356 17.93 -21.16 -70.41
N LEU D 357 17.04 -20.26 -69.94
CA LEU D 357 17.50 -19.37 -68.87
C LEU D 357 17.71 -20.04 -67.49
N VAL D 358 16.94 -21.06 -67.14
CA VAL D 358 17.24 -21.78 -65.91
C VAL D 358 18.68 -22.26 -65.98
N GLN D 359 19.08 -22.84 -67.13
CA GLN D 359 20.42 -23.38 -67.35
C GLN D 359 21.52 -22.30 -67.20
N ILE D 360 21.36 -21.17 -67.89
CA ILE D 360 22.24 -19.99 -67.71
C ILE D 360 22.29 -19.44 -66.25
N ALA D 361 21.10 -19.26 -65.65
CA ALA D 361 21.01 -18.68 -64.33
C ALA D 361 21.68 -19.61 -63.26
N VAL D 362 21.55 -20.93 -63.40
CA VAL D 362 22.21 -21.80 -62.45
C VAL D 362 23.75 -21.65 -62.57
N ARG D 363 24.24 -21.49 -63.81
CA ARG D 363 25.68 -21.28 -64.02
C ARG D 363 26.15 -19.92 -63.49
N PHE D 364 25.36 -18.88 -63.77
CA PHE D 364 25.69 -17.56 -63.25
C PHE D 364 25.90 -17.65 -61.71
N LEU D 365 24.92 -18.21 -61.01
CA LEU D 365 24.90 -18.23 -59.55
C LEU D 365 25.97 -19.11 -58.95
N ASP D 366 26.29 -20.23 -59.60
CA ASP D 366 27.47 -21.03 -59.22
C ASP D 366 28.86 -20.32 -59.46
N ASN D 367 28.94 -19.47 -60.50
CA ASN D 367 30.12 -18.69 -60.79
C ASN D 367 30.30 -17.61 -59.74
N VAL D 368 29.18 -17.08 -59.27
CA VAL D 368 29.28 -16.13 -58.16
C VAL D 368 30.13 -16.76 -57.00
N ILE D 369 29.84 -18.01 -56.57
CA ILE D 369 30.66 -18.62 -55.50
C ILE D 369 32.20 -18.39 -55.75
N ASP D 370 32.63 -18.59 -56.99
CA ASP D 370 34.04 -18.48 -57.36
C ASP D 370 34.64 -17.09 -57.37
N VAL D 371 33.83 -16.02 -57.41
CA VAL D 371 34.40 -14.67 -57.46
C VAL D 371 34.02 -13.86 -56.23
N ASN D 372 33.24 -14.51 -55.37
CA ASN D 372 32.76 -13.97 -54.11
C ASN D 372 33.92 -13.97 -53.08
N VAL D 373 33.96 -12.94 -52.24
CA VAL D 373 34.94 -12.90 -51.12
C VAL D 373 34.20 -12.69 -49.80
N PHE D 374 34.42 -13.62 -48.88
CA PHE D 374 33.83 -13.62 -47.54
C PHE D 374 34.83 -13.11 -46.47
N PRO D 375 34.34 -12.50 -45.37
CA PRO D 375 35.24 -11.90 -44.34
C PRO D 375 35.71 -12.82 -43.24
N ILE D 376 35.24 -14.08 -43.26
CA ILE D 376 35.54 -15.07 -42.24
C ILE D 376 35.82 -16.33 -43.03
N ASP D 377 36.91 -17.01 -42.66
CA ASP D 377 37.37 -18.23 -43.32
C ASP D 377 36.44 -19.42 -43.19
N LYS D 378 35.74 -19.51 -42.05
CA LYS D 378 34.75 -20.60 -41.83
C LYS D 378 33.59 -20.58 -42.87
N ILE D 379 33.03 -19.40 -43.14
CA ILE D 379 32.04 -19.19 -44.23
C ILE D 379 32.59 -19.52 -45.62
N THR D 380 33.80 -19.04 -45.90
CA THR D 380 34.48 -19.39 -47.15
C THR D 380 34.55 -20.90 -47.35
N LYS D 381 34.96 -21.60 -46.31
CA LYS D 381 35.07 -23.05 -46.38
C LYS D 381 33.69 -23.71 -46.46
N ALA D 382 32.73 -23.27 -45.65
CA ALA D 382 31.41 -23.85 -45.69
C ALA D 382 30.74 -23.74 -47.07
N VAL D 383 30.90 -22.60 -47.75
CA VAL D 383 30.37 -22.37 -49.11
C VAL D 383 31.02 -23.25 -50.22
N LYS D 384 32.37 -23.24 -50.32
CA LYS D 384 33.07 -24.17 -51.27
C LYS D 384 32.66 -25.64 -51.10
N GLU D 385 32.38 -26.03 -49.88
CA GLU D 385 32.03 -27.43 -49.64
C GLU D 385 30.62 -27.91 -50.06
N SER D 386 29.66 -27.00 -50.06
CA SER D 386 28.28 -27.31 -50.34
C SER D 386 27.81 -26.65 -51.64
N ARG D 387 28.32 -25.46 -51.93
CA ARG D 387 27.99 -24.68 -53.15
C ARG D 387 26.48 -24.52 -53.31
N ARG D 388 25.81 -24.11 -52.22
CA ARG D 388 24.36 -23.89 -52.17
C ARG D 388 23.89 -22.69 -52.97
N LEU D 389 22.89 -22.87 -53.85
CA LEU D 389 22.39 -21.73 -54.67
C LEU D 389 20.94 -21.40 -54.36
N GLY D 390 20.52 -20.20 -54.70
CA GLY D 390 19.18 -19.83 -54.38
C GLY D 390 18.48 -19.23 -55.59
N LEU D 391 18.26 -20.06 -56.62
CA LEU D 391 17.64 -19.60 -57.87
C LEU D 391 16.14 -19.54 -57.65
N GLY D 392 15.56 -18.37 -57.92
CA GLY D 392 14.12 -18.22 -57.76
C GLY D 392 13.42 -17.56 -58.92
N ILE D 393 12.17 -17.18 -58.66
CA ILE D 393 11.35 -16.42 -59.63
C ILE D 393 10.75 -15.16 -58.97
N MET D 394 10.38 -14.19 -59.82
CA MET D 394 9.54 -13.07 -59.41
C MET D 394 8.63 -12.85 -60.62
N GLY D 395 7.73 -11.87 -60.56
CA GLY D 395 6.76 -11.64 -61.64
C GLY D 395 5.62 -12.63 -61.72
N PHE D 396 5.52 -13.52 -60.73
CA PHE D 396 4.49 -14.52 -60.73
C PHE D 396 3.05 -14.01 -60.84
N ALA D 397 2.67 -13.09 -59.91
CA ALA D 397 1.30 -12.51 -59.84
C ALA D 397 0.94 -11.83 -61.19
N ASP D 398 1.89 -11.08 -61.71
CA ASP D 398 1.80 -10.57 -63.07
C ASP D 398 1.66 -11.65 -64.19
N LEU D 399 2.39 -12.76 -64.11
CA LEU D 399 2.24 -13.79 -65.15
C LEU D 399 0.82 -14.34 -65.13
N LEU D 400 0.24 -14.48 -63.93
CA LEU D 400 -1.15 -14.94 -63.77
C LEU D 400 -2.15 -13.89 -64.28
N TYR D 401 -1.78 -12.59 -64.15
CA TYR D 401 -2.59 -11.47 -64.74
C TYR D 401 -2.73 -11.64 -66.26
N LYS D 402 -1.59 -11.87 -66.93
CA LYS D 402 -1.56 -12.03 -68.37
C LYS D 402 -2.26 -13.28 -68.82
N LEU D 403 -2.07 -14.38 -68.09
CA LEU D 403 -2.75 -15.64 -68.37
C LEU D 403 -4.23 -15.62 -67.98
N GLU D 404 -4.62 -14.56 -67.27
CA GLU D 404 -6.02 -14.29 -66.82
C GLU D 404 -6.53 -15.32 -65.82
N ILE D 405 -5.64 -15.72 -64.90
CA ILE D 405 -5.94 -16.76 -63.90
C ILE D 405 -5.99 -16.09 -62.52
N PRO D 406 -7.11 -16.23 -61.79
CA PRO D 406 -7.23 -15.65 -60.44
C PRO D 406 -6.22 -16.28 -59.49
N TYR D 407 -5.52 -15.45 -58.72
CA TYR D 407 -4.49 -15.92 -57.81
C TYR D 407 -5.12 -16.85 -56.76
N ASN D 408 -6.33 -16.51 -56.30
CA ASN D 408 -6.98 -17.36 -55.31
C ASN D 408 -7.77 -18.54 -55.93
N SER D 409 -7.09 -19.59 -56.41
CA SER D 409 -7.78 -20.63 -57.18
C SER D 409 -6.92 -21.89 -57.30
N GLN D 410 -7.59 -23.04 -57.27
CA GLN D 410 -6.91 -24.35 -57.42
C GLN D 410 -6.20 -24.39 -58.74
N GLU D 411 -6.89 -23.92 -59.77
CA GLU D 411 -6.29 -23.60 -61.08
C GLU D 411 -4.87 -22.96 -61.02
N ALA D 412 -4.72 -21.83 -60.36
CA ALA D 412 -3.38 -21.11 -60.20
C ALA D 412 -2.30 -21.90 -59.43
N ARG D 413 -2.75 -22.67 -58.44
CA ARG D 413 -1.90 -23.38 -57.55
C ARG D 413 -1.41 -24.61 -58.26
N ASP D 414 -2.26 -25.24 -59.09
CA ASP D 414 -1.89 -26.34 -59.98
C ASP D 414 -0.88 -25.86 -61.03
N PHE D 415 -1.16 -24.69 -61.61
CA PHE D 415 -0.28 -24.07 -62.60
C PHE D 415 1.12 -23.78 -62.00
N ALA D 416 1.14 -23.14 -60.81
CA ALA D 416 2.36 -22.83 -59.98
C ALA D 416 3.18 -24.05 -59.69
N ALA D 417 2.53 -25.13 -59.26
CA ALA D 417 3.24 -26.38 -58.97
C ALA D 417 3.97 -26.91 -60.19
N ASN D 418 3.23 -27.11 -61.30
CA ASN D 418 3.86 -27.44 -62.59
C ASN D 418 4.98 -26.53 -63.03
N LEU D 419 4.76 -25.23 -62.89
CA LEU D 419 5.77 -24.28 -63.32
C LEU D 419 7.04 -24.40 -62.43
N MET D 420 6.89 -24.57 -61.13
CA MET D 420 8.06 -24.78 -60.22
C MET D 420 8.75 -26.15 -60.33
N ALA D 421 7.97 -27.21 -60.49
CA ALA D 421 8.48 -28.54 -60.83
C ALA D 421 9.35 -28.52 -62.10
N PHE D 422 8.90 -27.75 -63.10
CA PHE D 422 9.60 -27.57 -64.35
C PHE D 422 10.96 -26.91 -64.10
N ILE D 423 10.91 -25.75 -63.46
CA ILE D 423 12.12 -25.01 -63.00
C ILE D 423 13.04 -25.92 -62.15
N ALA D 424 12.48 -26.62 -61.17
CA ALA D 424 13.32 -27.45 -60.28
C ALA D 424 14.04 -28.48 -61.09
N LEU D 425 13.31 -29.06 -62.07
CA LEU D 425 13.78 -30.21 -62.84
C LEU D 425 14.98 -29.80 -63.69
N HIS D 426 14.81 -28.71 -64.43
CA HIS D 426 15.93 -28.16 -65.18
C HIS D 426 17.07 -27.56 -64.37
N ALA D 427 16.79 -27.10 -63.15
CA ALA D 427 17.84 -26.50 -62.33
C ALA D 427 18.75 -27.61 -61.89
N HIS D 428 18.14 -28.64 -61.32
CA HIS D 428 18.88 -29.80 -60.90
C HIS D 428 19.59 -30.56 -62.02
N ARG D 429 19.02 -30.54 -63.23
CA ARG D 429 19.68 -31.09 -64.43
C ARG D 429 20.94 -30.30 -64.78
N THR D 430 20.89 -28.98 -64.64
CA THR D 430 22.09 -28.14 -64.86
C THR D 430 23.24 -28.44 -63.85
N SER D 431 22.89 -28.67 -62.59
CA SER D 431 23.84 -29.02 -61.52
C SER D 431 24.62 -30.34 -61.78
N TYR D 432 23.88 -31.34 -62.27
CA TYR D 432 24.44 -32.58 -62.80
C TYR D 432 25.50 -32.26 -63.86
N GLU D 433 25.15 -31.47 -64.89
CA GLU D 433 26.05 -31.12 -65.99
C GLU D 433 27.26 -30.40 -65.48
N LEU D 434 27.06 -29.36 -64.66
CA LEU D 434 28.18 -28.59 -64.08
C LEU D 434 29.05 -29.46 -63.16
N GLY D 435 28.42 -30.38 -62.42
CA GLY D 435 29.10 -31.40 -61.67
C GLY D 435 30.11 -32.11 -62.55
N LYS D 436 29.65 -32.61 -63.71
CA LYS D 436 30.52 -33.24 -64.72
C LYS D 436 31.59 -32.30 -65.30
N GLU D 437 31.18 -31.08 -65.67
CA GLU D 437 32.08 -30.20 -66.37
C GLU D 437 33.22 -29.64 -65.48
N LYS D 438 32.89 -29.36 -64.21
CA LYS D 438 33.74 -28.57 -63.32
C LYS D 438 34.18 -29.27 -62.03
N GLY D 439 33.59 -30.40 -61.67
CA GLY D 439 33.82 -31.03 -60.37
C GLY D 439 32.57 -30.99 -59.51
N ASN D 440 32.35 -32.05 -58.75
CA ASN D 440 31.23 -32.10 -57.83
C ASN D 440 31.48 -31.25 -56.58
N PHE D 441 30.42 -30.85 -55.88
CA PHE D 441 30.59 -30.23 -54.60
C PHE D 441 31.31 -31.23 -53.69
N PRO D 442 32.29 -30.74 -52.93
CA PRO D 442 33.09 -31.68 -52.15
C PRO D 442 32.33 -32.69 -51.27
N LEU D 443 31.22 -32.27 -50.70
CA LEU D 443 30.47 -33.11 -49.76
C LEU D 443 29.48 -34.12 -50.38
N LEU D 444 29.52 -34.29 -51.71
CA LEU D 444 28.53 -35.14 -52.41
C LEU D 444 28.53 -36.56 -51.80
N GLU D 445 29.74 -37.06 -51.56
CA GLU D 445 29.96 -38.45 -51.15
C GLU D 445 29.28 -38.78 -49.82
N ILE D 446 29.22 -37.80 -48.92
CA ILE D 446 28.57 -37.97 -47.62
C ILE D 446 27.06 -37.55 -47.63
N SER D 447 26.59 -37.06 -48.78
CA SER D 447 25.24 -36.56 -48.89
C SER D 447 24.23 -37.69 -49.18
N ARG D 448 22.98 -37.42 -48.80
CA ARG D 448 21.89 -38.33 -49.06
C ARG D 448 21.62 -38.53 -50.53
N TYR D 449 22.32 -37.77 -51.41
CA TYR D 449 22.29 -38.08 -52.84
C TYR D 449 23.15 -39.32 -53.14
N ARG D 450 24.32 -39.46 -52.49
CA ARG D 450 25.07 -40.70 -52.62
C ARG D 450 24.43 -41.79 -51.80
N THR D 451 24.16 -41.48 -50.52
CA THR D 451 23.80 -42.54 -49.55
C THR D 451 22.33 -43.06 -49.48
N GLU D 452 21.34 -42.24 -49.83
CA GLU D 452 19.90 -42.57 -49.60
C GLU D 452 19.27 -42.94 -50.95
N ASP D 453 18.74 -44.16 -51.06
CA ASP D 453 18.03 -44.53 -52.30
C ASP D 453 16.79 -43.63 -52.42
N ASN D 454 16.51 -43.16 -53.62
CA ASN D 454 15.32 -42.30 -53.81
C ASN D 454 15.20 -41.07 -52.86
N PHE D 455 16.31 -40.37 -52.58
CA PHE D 455 16.22 -39.06 -51.90
C PHE D 455 15.82 -37.97 -52.92
N VAL D 456 14.91 -37.09 -52.50
CA VAL D 456 14.47 -35.92 -53.28
C VAL D 456 14.31 -34.77 -52.25
N PRO D 457 14.93 -33.61 -52.52
CA PRO D 457 14.99 -32.46 -51.57
C PRO D 457 13.70 -31.62 -51.36
N PHE D 458 12.57 -32.08 -51.87
CA PHE D 458 11.28 -31.46 -51.65
C PHE D 458 10.20 -32.53 -51.75
N ALA D 459 8.95 -32.16 -51.44
CA ALA D 459 7.86 -33.14 -51.25
C ALA D 459 7.22 -33.60 -52.54
N MET D 460 7.18 -32.75 -53.57
CA MET D 460 6.56 -33.13 -54.81
C MET D 460 5.11 -33.50 -54.51
N GLY D 461 4.48 -34.35 -55.33
CA GLY D 461 3.07 -34.73 -55.12
C GLY D 461 2.02 -33.85 -55.81
N MET D 462 2.43 -32.96 -56.73
CA MET D 462 1.52 -31.96 -57.27
C MET D 462 2.09 -31.40 -58.59
N SER D 463 2.44 -32.26 -59.53
CA SER D 463 2.90 -31.80 -60.85
C SER D 463 2.79 -32.94 -61.86
N ASN D 464 3.25 -32.68 -63.08
CA ASN D 464 3.40 -33.73 -64.10
C ASN D 464 4.84 -34.22 -64.20
N TYR D 465 5.76 -33.64 -63.41
CA TYR D 465 7.19 -34.00 -63.55
C TYR D 465 7.83 -34.87 -62.49
N ASP D 466 7.04 -35.44 -61.59
CA ASP D 466 7.59 -36.15 -60.44
C ASP D 466 8.53 -37.31 -60.85
N ASP D 467 8.09 -38.12 -61.81
CA ASP D 467 8.92 -39.19 -62.40
C ASP D 467 10.22 -38.73 -63.07
N GLU D 468 10.19 -37.68 -63.88
CA GLU D 468 11.43 -37.14 -64.44
C GLU D 468 12.37 -36.58 -63.35
N ILE D 469 11.82 -35.76 -62.44
CA ILE D 469 12.62 -35.19 -61.34
C ILE D 469 13.29 -36.37 -60.63
N ARG D 470 12.49 -37.36 -60.23
CA ARG D 470 13.00 -38.55 -59.57
C ARG D 470 14.28 -39.13 -60.24
N GLU D 471 14.23 -39.21 -61.57
CA GLU D 471 15.32 -39.63 -62.42
C GLU D 471 16.56 -38.71 -62.37
N VAL D 472 16.37 -37.41 -62.32
CA VAL D 472 17.54 -36.54 -62.25
C VAL D 472 18.25 -36.64 -60.90
N MET D 473 17.50 -36.78 -59.80
CA MET D 473 18.06 -37.00 -58.45
C MET D 473 18.89 -38.30 -58.39
N LYS D 474 18.38 -39.37 -59.03
CA LYS D 474 19.15 -40.59 -59.26
C LYS D 474 20.47 -40.27 -59.92
N MET D 475 20.44 -39.59 -61.06
CA MET D 475 21.63 -39.20 -61.80
C MET D 475 22.71 -38.43 -61.01
N THR D 476 22.22 -37.52 -60.14
CA THR D 476 23.08 -36.65 -59.31
C THR D 476 23.65 -37.39 -58.07
N LYS D 477 23.38 -38.69 -58.00
CA LYS D 477 24.17 -39.61 -57.18
C LYS D 477 25.63 -39.51 -57.61
N GLU D 478 25.87 -39.28 -58.91
CA GLU D 478 27.23 -39.26 -59.47
C GLU D 478 27.82 -37.93 -59.79
N PHE D 479 27.02 -37.09 -60.44
CA PHE D 479 27.39 -35.69 -60.62
C PHE D 479 26.35 -34.68 -60.08
N ARG D 480 26.85 -33.77 -59.24
CA ARG D 480 26.13 -32.55 -58.97
C ARG D 480 27.06 -31.56 -58.39
N ARG D 481 26.94 -30.36 -58.93
CA ARG D 481 27.72 -29.22 -58.56
C ARG D 481 27.35 -28.63 -57.18
N ASN D 482 26.05 -28.69 -56.81
CA ASN D 482 25.41 -27.88 -55.74
C ASN D 482 24.52 -28.67 -54.84
N VAL D 483 24.62 -28.43 -53.53
CA VAL D 483 23.79 -29.20 -52.57
C VAL D 483 22.28 -29.01 -52.76
N ALA D 484 21.89 -27.76 -53.11
CA ALA D 484 20.51 -27.36 -53.30
C ALA D 484 20.55 -26.17 -54.20
N LEU D 485 19.47 -25.86 -54.92
CA LEU D 485 19.52 -24.82 -56.00
C LEU D 485 18.40 -23.80 -55.96
N LEU D 486 17.32 -24.06 -55.25
CA LEU D 486 16.11 -23.26 -55.43
C LEU D 486 15.59 -22.54 -54.20
N THR D 487 15.02 -21.37 -54.44
CA THR D 487 14.30 -20.63 -53.40
C THR D 487 13.30 -19.61 -54.02
N ILE D 488 12.45 -19.02 -53.19
CA ILE D 488 11.67 -17.83 -53.62
C ILE D 488 11.94 -16.79 -52.57
N ALA D 489 12.54 -15.71 -53.02
CA ALA D 489 13.03 -14.67 -52.18
C ALA D 489 11.94 -13.58 -52.05
N PRO D 490 12.09 -12.64 -51.09
CA PRO D 490 11.17 -11.50 -51.20
C PRO D 490 11.28 -10.73 -52.56
N THR D 491 12.50 -10.51 -53.06
CA THR D 491 12.76 -9.65 -54.23
C THR D 491 12.30 -8.22 -53.98
N GLY D 492 12.44 -7.81 -52.71
CA GLY D 492 12.25 -6.39 -52.30
C GLY D 492 12.74 -5.34 -53.30
N SER D 493 13.96 -5.49 -53.81
CA SER D 493 14.47 -4.42 -54.69
C SER D 493 14.53 -4.81 -56.16
N ILE D 494 15.02 -6.02 -56.40
CA ILE D 494 15.22 -6.45 -57.73
C ILE D 494 13.90 -6.57 -58.51
N SER D 495 12.76 -6.83 -57.87
CA SER D 495 11.48 -6.88 -58.64
C SER D 495 11.08 -5.48 -59.12
N ASN D 496 11.51 -4.47 -58.39
CA ASN D 496 11.34 -3.08 -58.76
C ASN D 496 12.25 -2.64 -59.91
N ILE D 497 13.53 -2.98 -59.81
CA ILE D 497 14.45 -2.78 -60.93
C ILE D 497 13.88 -3.47 -62.16
N ALA D 498 13.44 -4.73 -61.99
CA ALA D 498 12.83 -5.53 -63.08
C ALA D 498 11.44 -5.07 -63.57
N ASP D 499 10.81 -4.11 -62.84
CA ASP D 499 9.42 -3.68 -63.08
C ASP D 499 8.37 -4.83 -63.13
N THR D 500 8.33 -5.62 -62.07
CA THR D 500 7.50 -6.81 -62.13
C THR D 500 7.10 -7.11 -60.71
N SER D 501 6.20 -8.07 -60.48
CA SER D 501 5.76 -8.42 -59.14
C SER D 501 6.83 -9.15 -58.29
N SER D 502 6.70 -9.03 -56.97
CA SER D 502 7.72 -9.56 -56.08
C SER D 502 7.56 -11.07 -55.84
N GLY D 503 8.63 -11.83 -56.08
CA GLY D 503 8.65 -13.26 -55.74
C GLY D 503 7.39 -14.00 -56.20
N LEU D 504 6.78 -14.75 -55.30
CA LEU D 504 5.51 -15.41 -55.59
C LEU D 504 4.32 -14.64 -55.03
N GLU D 505 4.60 -13.53 -54.37
CA GLU D 505 3.54 -12.74 -53.70
C GLU D 505 2.54 -12.15 -54.69
N PRO D 506 1.22 -12.17 -54.35
CA PRO D 506 0.29 -11.38 -55.17
C PRO D 506 0.75 -9.97 -55.08
N ASN D 507 0.46 -9.17 -56.09
CA ASN D 507 0.65 -7.75 -56.01
C ASN D 507 0.01 -7.20 -54.77
N PHE D 508 0.70 -6.30 -54.08
CA PHE D 508 0.12 -5.79 -52.86
C PHE D 508 -0.97 -4.77 -53.15
N LEU D 509 -0.68 -3.91 -54.12
CA LEU D 509 -1.62 -2.88 -54.58
C LEU D 509 -1.51 -2.72 -56.09
N LEU D 510 -2.61 -2.32 -56.73
CA LEU D 510 -2.65 -2.07 -58.18
C LEU D 510 -2.26 -0.65 -58.55
N ALA D 511 -2.47 0.29 -57.62
CA ALA D 511 -2.08 1.69 -57.73
C ALA D 511 -1.71 2.15 -56.32
N TYR D 512 -0.51 2.72 -56.18
CA TYR D 512 0.05 3.15 -54.90
C TYR D 512 1.25 4.05 -55.18
N THR D 513 1.95 4.41 -54.11
CA THR D 513 3.06 5.38 -54.12
C THR D 513 4.04 4.98 -52.99
N ARG D 514 5.29 4.63 -53.32
CA ARG D 514 6.29 4.34 -52.24
C ARG D 514 7.49 5.32 -52.16
N PHE D 515 8.20 5.33 -51.04
CA PHE D 515 9.28 6.29 -50.83
C PHE D 515 10.67 5.61 -50.82
N PRO D 525 9.98 9.11 -54.42
CA PRO D 525 8.85 9.59 -53.65
C PRO D 525 7.35 9.50 -54.12
N LEU D 526 6.86 8.55 -54.98
CA LEU D 526 7.49 7.73 -56.08
C LEU D 526 6.43 7.30 -57.16
N LEU D 527 5.41 6.47 -56.81
CA LEU D 527 4.18 6.27 -57.71
C LEU D 527 4.11 5.13 -58.82
N TYR D 528 3.17 4.18 -58.65
CA TYR D 528 3.03 3.00 -59.51
C TYR D 528 1.57 2.78 -59.96
N VAL D 529 1.40 2.27 -61.19
CA VAL D 529 0.15 1.64 -61.62
C VAL D 529 0.52 0.33 -62.32
N ASN D 530 -0.07 -0.76 -61.87
CA ASN D 530 0.25 -2.06 -62.41
C ASN D 530 0.12 -2.02 -63.93
N GLN D 531 1.22 -2.33 -64.58
CA GLN D 531 1.30 -2.27 -66.03
C GLN D 531 0.35 -3.24 -66.72
N VAL D 532 0.27 -4.50 -66.31
CA VAL D 532 -0.66 -5.42 -66.98
C VAL D 532 -2.14 -4.93 -66.88
N LEU D 533 -2.49 -4.32 -65.75
CA LEU D 533 -3.81 -3.71 -65.57
C LEU D 533 -4.02 -2.47 -66.49
N ARG D 534 -3.01 -1.63 -66.58
CA ARG D 534 -3.06 -0.61 -67.60
C ARG D 534 -2.86 -1.44 -68.82
N GLU D 535 -3.59 -1.21 -69.89
CA GLU D 535 -3.34 -2.06 -71.08
C GLU D 535 -4.24 -3.31 -71.15
N LYS D 536 -4.82 -3.72 -70.02
CA LYS D 536 -5.88 -4.73 -70.05
C LYS D 536 -7.18 -4.10 -69.60
N LEU D 537 -7.07 -2.94 -68.94
CA LEU D 537 -8.21 -2.08 -68.62
C LEU D 537 -8.27 -0.86 -69.52
N ASN D 538 -9.42 -0.72 -70.18
CA ASN D 538 -9.81 0.48 -70.90
C ASN D 538 -9.40 1.73 -70.12
N PRO D 539 -8.72 2.71 -70.79
CA PRO D 539 -8.38 4.01 -70.13
C PRO D 539 -9.54 4.90 -69.59
N GLU D 540 -10.64 4.24 -69.19
CA GLU D 540 -11.56 4.71 -68.13
C GLU D 540 -11.00 4.36 -66.71
N ILE D 541 -9.69 4.52 -66.54
CA ILE D 541 -9.12 4.88 -65.27
C ILE D 541 -8.74 6.37 -65.44
N LEU D 542 -9.52 7.34 -64.94
CA LEU D 542 -10.71 7.14 -64.10
C LEU D 542 -12.00 7.02 -64.92
N GLU D 546 -10.42 5.12 -60.58
CA GLU D 546 -8.98 5.27 -60.32
C GLU D 546 -8.60 6.04 -59.03
N LYS D 547 -9.35 7.11 -58.72
CA LYS D 547 -9.28 7.79 -57.42
C LYS D 547 -9.61 6.78 -56.36
N GLU D 548 -10.66 6.00 -56.62
CA GLU D 548 -11.23 5.08 -55.64
C GLU D 548 -10.33 3.87 -55.34
N LEU D 549 -9.49 3.51 -56.32
CA LEU D 549 -8.56 2.37 -56.24
C LEU D 549 -7.42 2.67 -55.25
N ILE D 550 -6.68 3.75 -55.49
CA ILE D 550 -5.78 4.35 -54.49
C ILE D 550 -6.45 4.44 -53.11
N GLU D 551 -7.75 4.74 -53.11
CA GLU D 551 -8.53 4.92 -51.89
C GLU D 551 -8.86 3.59 -51.16
N LYS D 552 -9.61 2.73 -51.84
CA LYS D 552 -10.16 1.49 -51.28
C LYS D 552 -9.11 0.37 -51.24
N GLY D 553 -8.08 0.54 -52.06
CA GLY D 553 -6.95 -0.38 -52.18
C GLY D 553 -7.22 -1.67 -52.93
N SER D 554 -8.37 -1.78 -53.59
CA SER D 554 -8.79 -2.99 -54.34
C SER D 554 -9.82 -2.57 -55.38
N LEU D 555 -10.01 -3.39 -56.40
CA LEU D 555 -11.11 -3.20 -57.35
C LEU D 555 -12.46 -3.77 -56.88
N LYS D 556 -12.48 -4.52 -55.77
CA LYS D 556 -13.66 -5.29 -55.29
C LYS D 556 -14.98 -4.52 -55.28
N ASP D 557 -15.04 -3.43 -54.51
CA ASP D 557 -16.24 -2.60 -54.38
C ASP D 557 -16.20 -1.34 -55.26
N ILE D 558 -15.71 -1.47 -56.50
CA ILE D 558 -15.68 -0.35 -57.46
C ILE D 558 -16.71 -0.61 -58.57
N PRO D 559 -17.92 0.00 -58.47
CA PRO D 559 -18.96 -0.14 -59.52
C PRO D 559 -18.49 0.13 -60.97
N ASP D 560 -19.08 -0.60 -61.90
CA ASP D 560 -18.79 -0.40 -63.32
C ASP D 560 -17.30 -0.63 -63.63
N VAL D 561 -16.76 -1.74 -63.10
CA VAL D 561 -15.48 -2.34 -63.56
C VAL D 561 -15.78 -3.79 -63.88
N PRO D 562 -15.45 -4.24 -65.10
CA PRO D 562 -15.99 -5.56 -65.50
C PRO D 562 -15.62 -6.69 -64.53
N GLU D 563 -16.52 -7.65 -64.37
CA GLU D 563 -16.38 -8.75 -63.39
C GLU D 563 -15.23 -9.70 -63.65
N LYS D 564 -15.00 -9.98 -64.92
CA LYS D 564 -13.83 -10.73 -65.36
C LYS D 564 -12.52 -10.01 -64.95
N ILE D 565 -12.50 -8.66 -64.92
CA ILE D 565 -11.31 -7.90 -64.50
C ILE D 565 -11.08 -8.02 -62.98
N LYS D 566 -12.10 -7.68 -62.21
CA LYS D 566 -12.07 -7.81 -60.77
C LYS D 566 -11.52 -9.16 -60.29
N LYS D 567 -11.95 -10.25 -60.94
CA LYS D 567 -11.65 -11.59 -60.45
C LYS D 567 -10.19 -11.99 -60.71
N VAL D 568 -9.65 -11.51 -61.82
CA VAL D 568 -8.26 -11.74 -62.29
C VAL D 568 -7.28 -10.85 -61.52
N PHE D 569 -7.61 -9.56 -61.43
CA PHE D 569 -6.75 -8.52 -60.85
C PHE D 569 -6.95 -8.30 -59.32
N VAL D 570 -6.92 -9.40 -58.59
CA VAL D 570 -6.86 -9.45 -57.13
C VAL D 570 -5.51 -8.99 -56.59
N VAL D 571 -5.52 -8.48 -55.37
CA VAL D 571 -4.33 -7.99 -54.68
C VAL D 571 -4.26 -8.79 -53.39
N ALA D 572 -3.13 -8.72 -52.68
CA ALA D 572 -2.92 -9.39 -51.38
C ALA D 572 -4.15 -9.51 -50.49
N LEU D 573 -4.84 -8.41 -50.26
CA LEU D 573 -5.92 -8.47 -49.25
C LEU D 573 -7.26 -8.96 -49.81
N ASP D 574 -7.34 -9.14 -51.14
CA ASP D 574 -8.50 -9.83 -51.75
C ASP D 574 -8.48 -11.36 -51.59
N ILE D 575 -7.29 -11.90 -51.32
CA ILE D 575 -6.99 -13.32 -51.29
C ILE D 575 -7.04 -13.79 -49.84
N ASP D 576 -7.73 -14.87 -49.56
CA ASP D 576 -7.85 -15.16 -48.15
C ASP D 576 -6.59 -15.86 -47.58
N PRO D 577 -6.38 -15.79 -46.25
CA PRO D 577 -5.24 -16.43 -45.65
C PRO D 577 -4.91 -17.81 -46.19
N MET D 578 -5.92 -18.64 -46.42
CA MET D 578 -5.67 -20.02 -46.77
C MET D 578 -5.27 -20.21 -48.22
N ASP D 579 -5.69 -19.29 -49.10
CA ASP D 579 -5.27 -19.31 -50.51
C ASP D 579 -3.85 -18.78 -50.67
N HIS D 580 -3.43 -17.85 -49.80
CA HIS D 580 -2.01 -17.46 -49.63
C HIS D 580 -1.17 -18.69 -49.17
N LEU D 581 -1.60 -19.31 -48.07
CA LEU D 581 -0.97 -20.51 -47.53
C LEU D 581 -0.83 -21.71 -48.51
N LEU D 582 -1.94 -22.09 -49.11
CA LEU D 582 -1.94 -23.11 -50.18
C LEU D 582 -1.05 -22.77 -51.41
N MET D 583 -0.93 -21.49 -51.73
CA MET D 583 0.00 -21.11 -52.81
C MET D 583 1.43 -21.41 -52.39
N GLN D 584 1.74 -21.15 -51.12
CA GLN D 584 3.10 -21.43 -50.59
C GLN D 584 3.36 -22.95 -50.60
N ASP D 585 2.36 -23.75 -50.19
CA ASP D 585 2.48 -25.21 -50.19
C ASP D 585 2.85 -25.68 -51.58
N ALA D 586 2.17 -25.13 -52.59
CA ALA D 586 2.30 -25.53 -54.00
C ALA D 586 3.73 -25.33 -54.50
N PHE D 587 4.27 -24.13 -54.25
CA PHE D 587 5.66 -23.87 -54.64
C PHE D 587 6.70 -24.72 -53.87
N GLN D 588 6.55 -24.83 -52.54
CA GLN D 588 7.50 -25.51 -51.61
C GLN D 588 7.67 -27.03 -51.90
N ARG D 589 6.68 -27.65 -52.54
CA ARG D 589 6.78 -29.03 -53.01
C ARG D 589 7.87 -29.19 -54.05
N TYR D 590 8.31 -28.08 -54.64
CA TYR D 590 9.29 -28.11 -55.73
C TYR D 590 10.44 -27.09 -55.53
N VAL D 591 10.65 -26.69 -54.28
CA VAL D 591 11.77 -25.83 -53.91
C VAL D 591 12.56 -26.57 -52.83
N ASP D 592 13.87 -26.57 -52.95
CA ASP D 592 14.70 -27.41 -52.08
C ASP D 592 15.27 -26.69 -50.85
N ASN D 593 15.31 -25.37 -50.93
CA ASN D 593 15.38 -24.48 -49.79
C ASN D 593 13.97 -24.07 -49.39
N ASN D 594 13.79 -22.84 -48.91
CA ASN D 594 12.52 -22.40 -48.39
C ASN D 594 12.01 -21.21 -49.27
N ILE D 595 11.01 -20.51 -48.74
CA ILE D 595 10.19 -19.57 -49.48
C ILE D 595 9.81 -18.42 -48.51
N SER D 596 10.03 -17.21 -48.99
CA SER D 596 9.44 -15.99 -48.38
C SER D 596 8.03 -15.76 -48.86
N LYS D 597 7.07 -15.81 -47.94
CA LYS D 597 5.67 -15.58 -48.23
C LYS D 597 5.07 -15.01 -46.97
N THR D 598 4.36 -13.88 -47.08
CA THR D 598 3.65 -13.41 -45.93
C THR D 598 2.13 -13.78 -46.04
N ILE D 599 1.57 -14.41 -45.00
CA ILE D 599 0.16 -14.74 -45.00
C ILE D 599 -0.62 -13.47 -44.56
N ASN D 600 -1.00 -12.63 -45.53
CA ASN D 600 -1.85 -11.47 -45.29
C ASN D 600 -3.20 -11.91 -44.71
N MET D 601 -3.58 -11.25 -43.62
CA MET D 601 -4.87 -11.46 -43.01
C MET D 601 -5.61 -10.12 -42.94
N PRO D 602 -6.97 -10.14 -43.06
CA PRO D 602 -7.66 -8.85 -43.02
C PRO D 602 -7.63 -8.34 -41.57
N GLN D 603 -7.79 -7.02 -41.41
CA GLN D 603 -7.86 -6.40 -40.08
C GLN D 603 -8.74 -7.15 -39.11
N SER D 604 -9.89 -7.67 -39.58
CA SER D 604 -10.80 -8.42 -38.74
C SER D 604 -10.40 -9.88 -38.39
N ALA D 605 -9.22 -10.32 -38.80
CA ALA D 605 -8.75 -11.63 -38.34
C ALA D 605 -8.74 -11.70 -36.78
N THR D 606 -9.08 -12.86 -36.20
CA THR D 606 -8.97 -13.07 -34.75
C THR D 606 -7.72 -13.90 -34.43
N VAL D 607 -7.35 -13.99 -33.14
CA VAL D 607 -6.22 -14.82 -32.73
C VAL D 607 -6.49 -16.26 -33.14
N ASP D 608 -7.77 -16.65 -33.15
CA ASP D 608 -8.14 -17.96 -33.61
C ASP D 608 -8.00 -18.17 -35.13
N ASP D 609 -8.31 -17.16 -35.92
CA ASP D 609 -7.93 -17.22 -37.34
C ASP D 609 -6.42 -17.50 -37.55
N VAL D 610 -5.54 -16.79 -36.82
CA VAL D 610 -4.07 -17.02 -36.90
C VAL D 610 -3.72 -18.46 -36.50
N LEU D 611 -4.35 -18.96 -35.44
CA LEU D 611 -4.12 -20.33 -34.96
C LEU D 611 -4.49 -21.36 -36.04
N ASN D 612 -5.61 -21.13 -36.75
CA ASN D 612 -6.01 -22.03 -37.86
C ASN D 612 -5.10 -21.96 -39.03
N VAL D 613 -4.48 -20.80 -39.22
CA VAL D 613 -3.37 -20.72 -40.21
C VAL D 613 -2.22 -21.68 -39.82
N TYR D 614 -1.88 -21.73 -38.54
CA TYR D 614 -0.73 -22.49 -38.05
C TYR D 614 -0.98 -23.94 -38.16
N LEU D 615 -2.19 -24.33 -37.73
CA LEU D 615 -2.69 -25.70 -37.76
C LEU D 615 -2.75 -26.24 -39.19
N GLU D 616 -3.26 -25.43 -40.11
CA GLU D 616 -3.22 -25.81 -41.54
C GLU D 616 -1.80 -25.81 -42.11
N ALA D 617 -0.98 -24.85 -41.70
CA ALA D 617 0.42 -24.85 -42.10
C ALA D 617 1.16 -26.14 -41.70
N LEU D 618 0.88 -26.68 -40.50
CA LEU D 618 1.54 -27.93 -40.05
C LEU D 618 1.09 -29.16 -40.87
N ARG D 619 -0.13 -29.10 -41.41
CA ARG D 619 -0.70 -30.12 -42.31
C ARG D 619 -0.06 -30.03 -43.70
N THR D 620 0.04 -28.81 -44.25
CA THR D 620 0.69 -28.61 -45.59
C THR D 620 2.21 -28.94 -45.59
N ASN D 621 2.91 -28.52 -46.66
CA ASN D 621 4.35 -28.74 -46.88
C ASN D 621 5.26 -27.48 -46.61
N VAL D 622 4.65 -26.40 -46.12
CA VAL D 622 5.42 -25.20 -45.85
C VAL D 622 6.55 -25.48 -44.85
N ARG D 623 7.61 -24.69 -44.97
CA ARG D 623 8.78 -24.84 -44.08
C ARG D 623 8.90 -23.68 -43.05
N GLY D 624 7.97 -22.71 -43.13
CA GLY D 624 7.91 -21.54 -42.24
C GLY D 624 6.59 -20.83 -42.42
N ILE D 625 6.19 -20.03 -41.43
CA ILE D 625 5.01 -19.17 -41.58
C ILE D 625 5.38 -17.79 -41.09
N THR D 626 4.95 -16.76 -41.86
CA THR D 626 4.96 -15.38 -41.49
C THR D 626 3.55 -14.85 -41.68
N VAL D 627 2.93 -14.31 -40.65
CA VAL D 627 1.64 -13.67 -40.86
C VAL D 627 1.75 -12.16 -40.65
N TYR D 628 1.04 -11.40 -41.48
CA TYR D 628 0.88 -10.00 -41.22
C TYR D 628 -0.61 -9.56 -41.35
N ARG D 629 -1.18 -9.13 -40.22
CA ARG D 629 -2.55 -8.73 -40.19
C ARG D 629 -2.66 -7.25 -40.49
N ASP D 630 -3.41 -6.94 -41.55
CA ASP D 630 -3.57 -5.56 -42.02
C ASP D 630 -4.00 -4.66 -40.84
N GLY D 631 -3.24 -3.57 -40.62
CA GLY D 631 -3.42 -2.64 -39.47
C GLY D 631 -2.82 -3.07 -38.11
N SER D 632 -1.52 -2.87 -37.89
CA SER D 632 -0.83 -3.51 -36.75
C SER D 632 0.31 -2.65 -36.22
#